data_3NU9
# 
_entry.id   3NU9 
# 
_audit_conform.dict_name       mmcif_pdbx.dic 
_audit_conform.dict_version    5.379 
_audit_conform.dict_location   http://mmcif.pdb.org/dictionaries/ascii/mmcif_pdbx.dic 
# 
loop_
_database_2.database_id 
_database_2.database_code 
_database_2.pdbx_database_accession 
_database_2.pdbx_DOI 
PDB   3NU9         pdb_00003nu9 10.2210/pdb3nu9/pdb 
RCSB  RCSB060287   ?            ?                   
WWPDB D_1000060287 ?            ?                   
# 
loop_
_pdbx_database_related.db_name 
_pdbx_database_related.db_id 
_pdbx_database_related.details 
_pdbx_database_related.content_type 
PDB 2IEN 'Wild Type HIV-1 Protease with Antiviral Drug Darunavir'                         unspecified 
PDB 3NU3 'Wild Type HIV-1 Protease with Antiviral Drug Amprenavir'                        unspecified 
PDB 3NU4 'Mutant V32I HIV-1 Protease with Antiviral Drug Amprenavir'                      unspecified 
PDB 3NU5 'Crystal Structure of HIV-1 Protease Mutant I50V with Antiviral Drug Amprenavir' unspecified 
PDB 3NU6 'Mutant I54M HIV-1 Protease with Antiviral Drug Amprenavir'                      unspecified 
PDB 3NUJ 'Mutant I54V HIV-1 Protease with Antiviral Drug Amprenavir'                      unspecified 
PDB 3NUO 'Crystal Structure of HIV-1 Protease Mutant L90M with Antiviral Drug Amprenavir' unspecified 
# 
_pdbx_database_status.status_code                     REL 
_pdbx_database_status.entry_id                        3NU9 
_pdbx_database_status.recvd_initial_deposition_date   2010-07-06 
_pdbx_database_status.deposit_site                    RCSB 
_pdbx_database_status.process_site                    RCSB 
_pdbx_database_status.status_code_sf                  REL 
_pdbx_database_status.status_code_mr                  ? 
_pdbx_database_status.SG_entry                        ? 
_pdbx_database_status.status_code_cs                  ? 
_pdbx_database_status.pdb_format_compatible           Y 
_pdbx_database_status.status_code_nmr_data            ? 
_pdbx_database_status.methods_development_category    ? 
# 
loop_
_audit_author.name 
_audit_author.pdbx_ordinal 
'Shen, C.H.'  1 
'Weber, I.T.' 2 
# 
_citation.id                        primary 
_citation.title                     
'Amprenavir complexes with HIV-1 protease and its drug-resistant mutants altering hydrophobic clusters.' 
_citation.journal_abbrev            'Febs J.' 
_citation.journal_volume            277 
_citation.page_first                3699 
_citation.page_last                 3714 
_citation.year                      2010 
_citation.journal_id_ASTM           ? 
_citation.country                   UK 
_citation.journal_id_ISSN           1742-464X 
_citation.journal_id_CSD            ? 
_citation.book_publisher            ? 
_citation.pdbx_database_id_PubMed   20695887 
_citation.pdbx_database_id_DOI      10.1111/j.1742-4658.2010.07771.x 
# 
loop_
_citation_author.citation_id 
_citation_author.name 
_citation_author.ordinal 
_citation_author.identifier_ORCID 
primary 'Shen, C.H.'       1 ? 
primary 'Wang, Y.F.'       2 ? 
primary 'Kovalevsky, A.Y.' 3 ? 
primary 'Harrison, R.W.'   4 ? 
primary 'Weber, I.T.'      5 ? 
# 
_cell.entry_id           3NU9 
_cell.length_a           59.513 
_cell.length_b           86.881 
_cell.length_c           45.448 
_cell.angle_alpha        90.00 
_cell.angle_beta         90.00 
_cell.angle_gamma        90.00 
_cell.Z_PDB              8 
_cell.pdbx_unique_axis   ? 
_cell.length_a_esd       ? 
_cell.length_b_esd       ? 
_cell.length_c_esd       ? 
_cell.angle_alpha_esd    ? 
_cell.angle_beta_esd     ? 
_cell.angle_gamma_esd    ? 
# 
_symmetry.entry_id                         3NU9 
_symmetry.space_group_name_H-M             'P 21 21 2' 
_symmetry.pdbx_full_space_group_name_H-M   ? 
_symmetry.cell_setting                     ? 
_symmetry.Int_Tables_number                18 
_symmetry.space_group_name_Hall            ? 
# 
loop_
_entity.id 
_entity.type 
_entity.src_method 
_entity.pdbx_description 
_entity.formula_weight 
_entity.pdbx_number_of_molecules 
_entity.pdbx_ec 
_entity.pdbx_mutation 
_entity.pdbx_fragment 
_entity.details 
1 polymer     man Protease 10726.650 2  3.4.23.16 'Q7K, L33I, L63I, C67A, I84V, C95A' 'residues 501-599' ? 
2 non-polymer syn 
'{3-[(4-AMINO-BENZENESULFONYL)-ISOBUTYL-AMINO]-1-BENZYL-2-HYDROXY-PROPYL}-CARBAMIC ACID TETRAHYDRO-FURAN-3-YL ESTER' 505.627   1  
?         ?                                   ?                  ? 
3 non-polymer syn 'IODIDE ION' 126.904   30 ?         ?                                   ?                  ? 
4 water       nat water 18.015    84 ?         ?                                   ?                  ? 
# 
_entity_poly.entity_id                      1 
_entity_poly.type                           'polypeptide(L)' 
_entity_poly.nstd_linkage                   no 
_entity_poly.nstd_monomer                   no 
_entity_poly.pdbx_seq_one_letter_code       
;PQITLWKRPLVTIKIGGQLKEALLDTGADDTVIEEMSLPGRWKPKMIGGIGGFIKVRQYDQIIIEIAGHKAIGTVLVGPT
PVNVIGRNLLTQIGATLNF
;
_entity_poly.pdbx_seq_one_letter_code_can   
;PQITLWKRPLVTIKIGGQLKEALLDTGADDTVIEEMSLPGRWKPKMIGGIGGFIKVRQYDQIIIEIAGHKAIGTVLVGPT
PVNVIGRNLLTQIGATLNF
;
_entity_poly.pdbx_strand_id                 A,B 
_entity_poly.pdbx_target_identifier         ? 
# 
loop_
_entity_poly_seq.entity_id 
_entity_poly_seq.num 
_entity_poly_seq.mon_id 
_entity_poly_seq.hetero 
1 1  PRO n 
1 2  GLN n 
1 3  ILE n 
1 4  THR n 
1 5  LEU n 
1 6  TRP n 
1 7  LYS n 
1 8  ARG n 
1 9  PRO n 
1 10 LEU n 
1 11 VAL n 
1 12 THR n 
1 13 ILE n 
1 14 LYS n 
1 15 ILE n 
1 16 GLY n 
1 17 GLY n 
1 18 GLN n 
1 19 LEU n 
1 20 LYS n 
1 21 GLU n 
1 22 ALA n 
1 23 LEU n 
1 24 LEU n 
1 25 ASP n 
1 26 THR n 
1 27 GLY n 
1 28 ALA n 
1 29 ASP n 
1 30 ASP n 
1 31 THR n 
1 32 VAL n 
1 33 ILE n 
1 34 GLU n 
1 35 GLU n 
1 36 MET n 
1 37 SER n 
1 38 LEU n 
1 39 PRO n 
1 40 GLY n 
1 41 ARG n 
1 42 TRP n 
1 43 LYS n 
1 44 PRO n 
1 45 LYS n 
1 46 MET n 
1 47 ILE n 
1 48 GLY n 
1 49 GLY n 
1 50 ILE n 
1 51 GLY n 
1 52 GLY n 
1 53 PHE n 
1 54 ILE n 
1 55 LYS n 
1 56 VAL n 
1 57 ARG n 
1 58 GLN n 
1 59 TYR n 
1 60 ASP n 
1 61 GLN n 
1 62 ILE n 
1 63 ILE n 
1 64 ILE n 
1 65 GLU n 
1 66 ILE n 
1 67 ALA n 
1 68 GLY n 
1 69 HIS n 
1 70 LYS n 
1 71 ALA n 
1 72 ILE n 
1 73 GLY n 
1 74 THR n 
1 75 VAL n 
1 76 LEU n 
1 77 VAL n 
1 78 GLY n 
1 79 PRO n 
1 80 THR n 
1 81 PRO n 
1 82 VAL n 
1 83 ASN n 
1 84 VAL n 
1 85 ILE n 
1 86 GLY n 
1 87 ARG n 
1 88 ASN n 
1 89 LEU n 
1 90 LEU n 
1 91 THR n 
1 92 GLN n 
1 93 ILE n 
1 94 GLY n 
1 95 ALA n 
1 96 THR n 
1 97 LEU n 
1 98 ASN n 
1 99 PHE n 
# 
_entity_src_gen.entity_id                          1 
_entity_src_gen.pdbx_src_id                        1 
_entity_src_gen.pdbx_alt_source_flag               sample 
_entity_src_gen.pdbx_seq_type                      ? 
_entity_src_gen.pdbx_beg_seq_num                   ? 
_entity_src_gen.pdbx_end_seq_num                   ? 
_entity_src_gen.gene_src_common_name               ? 
_entity_src_gen.gene_src_genus                     Lentivirus 
_entity_src_gen.pdbx_gene_src_gene                 'gag, pol' 
_entity_src_gen.gene_src_species                   ? 
_entity_src_gen.gene_src_strain                    ? 
_entity_src_gen.gene_src_tissue                    ? 
_entity_src_gen.gene_src_tissue_fraction           ? 
_entity_src_gen.gene_src_details                   ? 
_entity_src_gen.pdbx_gene_src_fragment             ? 
_entity_src_gen.pdbx_gene_src_scientific_name      'Human immunodeficiency virus 1' 
_entity_src_gen.pdbx_gene_src_ncbi_taxonomy_id     11676 
_entity_src_gen.pdbx_gene_src_variant              ? 
_entity_src_gen.pdbx_gene_src_cell_line            ? 
_entity_src_gen.pdbx_gene_src_atcc                 ? 
_entity_src_gen.pdbx_gene_src_organ                ? 
_entity_src_gen.pdbx_gene_src_organelle            ? 
_entity_src_gen.pdbx_gene_src_cell                 ? 
_entity_src_gen.pdbx_gene_src_cellular_location    ? 
_entity_src_gen.host_org_common_name               ? 
_entity_src_gen.pdbx_host_org_scientific_name      'Escherichia coli BL21(DE3)' 
_entity_src_gen.pdbx_host_org_ncbi_taxonomy_id     469008 
_entity_src_gen.host_org_genus                     Escherichia 
_entity_src_gen.pdbx_host_org_gene                 ? 
_entity_src_gen.pdbx_host_org_organ                ? 
_entity_src_gen.host_org_species                   'Escherichia coli' 
_entity_src_gen.pdbx_host_org_tissue               ? 
_entity_src_gen.pdbx_host_org_tissue_fraction      ? 
_entity_src_gen.pdbx_host_org_strain               'BL21(DE3)' 
_entity_src_gen.pdbx_host_org_variant              ? 
_entity_src_gen.pdbx_host_org_cell_line            ? 
_entity_src_gen.pdbx_host_org_atcc                 ? 
_entity_src_gen.pdbx_host_org_culture_collection   ? 
_entity_src_gen.pdbx_host_org_cell                 ? 
_entity_src_gen.pdbx_host_org_organelle            ? 
_entity_src_gen.pdbx_host_org_cellular_location    ? 
_entity_src_gen.pdbx_host_org_vector_type          plasmid 
_entity_src_gen.pdbx_host_org_vector               ? 
_entity_src_gen.host_org_details                   ? 
_entity_src_gen.expression_system_id               ? 
_entity_src_gen.plasmid_name                       PET11A 
_entity_src_gen.plasmid_details                    ? 
_entity_src_gen.pdbx_description                   ? 
# 
_struct_ref.id                         1 
_struct_ref.db_name                    UNP 
_struct_ref.db_code                    POL_HV1B1 
_struct_ref.pdbx_db_accession          P03366 
_struct_ref.entity_id                  1 
_struct_ref.pdbx_align_begin           501 
_struct_ref.pdbx_seq_one_letter_code   
;PQITLWQRPLVTIKIGGQLKEALLDTGADDTVLEEMSLPGRWKPKMIGGIGGFIKVRQYDQILIEICGHKAIGTVLVGPT
PVNIIGRNLLTQIGCTLNF
;
_struct_ref.pdbx_db_isoform            ? 
# 
loop_
_struct_ref_seq.align_id 
_struct_ref_seq.ref_id 
_struct_ref_seq.pdbx_PDB_id_code 
_struct_ref_seq.pdbx_strand_id 
_struct_ref_seq.seq_align_beg 
_struct_ref_seq.pdbx_seq_align_beg_ins_code 
_struct_ref_seq.seq_align_end 
_struct_ref_seq.pdbx_seq_align_end_ins_code 
_struct_ref_seq.pdbx_db_accession 
_struct_ref_seq.db_align_beg 
_struct_ref_seq.pdbx_db_align_beg_ins_code 
_struct_ref_seq.db_align_end 
_struct_ref_seq.pdbx_db_align_end_ins_code 
_struct_ref_seq.pdbx_auth_seq_align_beg 
_struct_ref_seq.pdbx_auth_seq_align_end 
1 1 3NU9 A 1 ? 99 ? P03366 501 ? 599 ? 1   99  
2 1 3NU9 B 1 ? 99 ? P03366 501 ? 599 ? 101 199 
# 
loop_
_struct_ref_seq_dif.align_id 
_struct_ref_seq_dif.pdbx_pdb_id_code 
_struct_ref_seq_dif.mon_id 
_struct_ref_seq_dif.pdbx_pdb_strand_id 
_struct_ref_seq_dif.seq_num 
_struct_ref_seq_dif.pdbx_pdb_ins_code 
_struct_ref_seq_dif.pdbx_seq_db_name 
_struct_ref_seq_dif.pdbx_seq_db_accession_code 
_struct_ref_seq_dif.db_mon_id 
_struct_ref_seq_dif.pdbx_seq_db_seq_num 
_struct_ref_seq_dif.details 
_struct_ref_seq_dif.pdbx_auth_seq_num 
_struct_ref_seq_dif.pdbx_ordinal 
1 3NU9 LYS A 7  ? UNP P03366 GLN 507 'engineered mutation' 7   1  
1 3NU9 ILE A 33 ? UNP P03366 LEU 533 'engineered mutation' 33  2  
1 3NU9 ILE A 63 ? UNP P03366 LEU 563 'engineered mutation' 63  3  
1 3NU9 ALA A 67 ? UNP P03366 CYS 567 'engineered mutation' 67  4  
1 3NU9 VAL A 84 ? UNP P03366 ILE 584 'engineered mutation' 84  5  
1 3NU9 ALA A 95 ? UNP P03366 CYS 595 'engineered mutation' 95  6  
2 3NU9 LYS B 7  ? UNP P03366 GLN 507 'engineered mutation' 107 7  
2 3NU9 ILE B 33 ? UNP P03366 LEU 533 'engineered mutation' 133 8  
2 3NU9 ILE B 63 ? UNP P03366 LEU 563 'engineered mutation' 163 9  
2 3NU9 ALA B 67 ? UNP P03366 CYS 567 'engineered mutation' 167 10 
2 3NU9 VAL B 84 ? UNP P03366 ILE 584 'engineered mutation' 184 11 
2 3NU9 ALA B 95 ? UNP P03366 CYS 595 'engineered mutation' 195 12 
# 
loop_
_chem_comp.id 
_chem_comp.type 
_chem_comp.mon_nstd_flag 
_chem_comp.name 
_chem_comp.pdbx_synonyms 
_chem_comp.formula 
_chem_comp.formula_weight 
478 non-polymer         . 
'{3-[(4-AMINO-BENZENESULFONYL)-ISOBUTYL-AMINO]-1-BENZYL-2-HYDROXY-PROPYL}-CARBAMIC ACID TETRAHYDRO-FURAN-3-YL ESTER' Amprenavir 
'C25 H35 N3 O6 S' 505.627 
ALA 'L-peptide linking' y ALANINE ?          'C3 H7 N O2'      89.093  
ARG 'L-peptide linking' y ARGININE ?          'C6 H15 N4 O2 1'  175.209 
ASN 'L-peptide linking' y ASPARAGINE ?          'C4 H8 N2 O3'     132.118 
ASP 'L-peptide linking' y 'ASPARTIC ACID' ?          'C4 H7 N O4'      133.103 
CYS 'L-peptide linking' y CYSTEINE ?          'C3 H7 N O2 S'    121.158 
GLN 'L-peptide linking' y GLUTAMINE ?          'C5 H10 N2 O3'    146.144 
GLU 'L-peptide linking' y 'GLUTAMIC ACID' ?          'C5 H9 N O4'      147.129 
GLY 'peptide linking'   y GLYCINE ?          'C2 H5 N O2'      75.067  
HIS 'L-peptide linking' y HISTIDINE ?          'C6 H10 N3 O2 1'  156.162 
HOH non-polymer         . WATER ?          'H2 O'            18.015  
ILE 'L-peptide linking' y ISOLEUCINE ?          'C6 H13 N O2'     131.173 
IOD non-polymer         . 'IODIDE ION' ?          'I -1'            126.904 
LEU 'L-peptide linking' y LEUCINE ?          'C6 H13 N O2'     131.173 
LYS 'L-peptide linking' y LYSINE ?          'C6 H15 N2 O2 1'  147.195 
MET 'L-peptide linking' y METHIONINE ?          'C5 H11 N O2 S'   149.211 
PHE 'L-peptide linking' y PHENYLALANINE ?          'C9 H11 N O2'     165.189 
PRO 'L-peptide linking' y PROLINE ?          'C5 H9 N O2'      115.130 
SER 'L-peptide linking' y SERINE ?          'C3 H7 N O3'      105.093 
THR 'L-peptide linking' y THREONINE ?          'C4 H9 N O3'      119.119 
TRP 'L-peptide linking' y TRYPTOPHAN ?          'C11 H12 N2 O2'   204.225 
TYR 'L-peptide linking' y TYROSINE ?          'C9 H11 N O3'     181.189 
VAL 'L-peptide linking' y VALINE ?          'C5 H11 N O2'     117.146 
# 
_exptl.entry_id          3NU9 
_exptl.method            'X-RAY DIFFRACTION' 
_exptl.crystals_number   1 
# 
_exptl_crystal.id                    1 
_exptl_crystal.density_meas          ? 
_exptl_crystal.density_Matthews      2.74 
_exptl_crystal.density_percent_sol   55.08 
_exptl_crystal.description           ? 
_exptl_crystal.F_000                 ? 
_exptl_crystal.preparation           ? 
# 
_exptl_crystal_grow.crystal_id      1 
_exptl_crystal_grow.method          'VAPOR DIFFUSION, HANGING DROP' 
_exptl_crystal_grow.temp            298 
_exptl_crystal_grow.temp_details    ? 
_exptl_crystal_grow.pH              4.0 
_exptl_crystal_grow.pdbx_details    
;Crystal was grown by the hanging-drop vapor-diffusion method at room temperature, from a 2.2 mg/ml protein solution at pH 4.0 with 0.13M NaI, 0.1M NaOAc. The inhibitor was mixed with protease in a ratio 5:1 , VAPOR DIFFUSION, HANGING DROP, temperature 298K
;
_exptl_crystal_grow.pdbx_pH_range   ? 
# 
_diffrn.id                     1 
_diffrn.ambient_temp           100 
_diffrn.ambient_temp_details   ? 
_diffrn.crystal_id             1 
# 
_diffrn_detector.diffrn_id              1 
_diffrn_detector.detector               CCD 
_diffrn_detector.type                   'MARMOSAIC 300 mm CCD' 
_diffrn_detector.pdbx_collection_date   2008-03-28 
_diffrn_detector.details                ? 
# 
_diffrn_radiation.diffrn_id                        1 
_diffrn_radiation.wavelength_id                    1 
_diffrn_radiation.pdbx_monochromatic_or_laue_m_l   M 
_diffrn_radiation.monochromator                    ? 
_diffrn_radiation.pdbx_diffrn_protocol             'SINGLE WAVELENGTH' 
_diffrn_radiation.pdbx_scattering_type             x-ray 
# 
_diffrn_radiation_wavelength.id           1 
_diffrn_radiation_wavelength.wavelength   1.0000 
_diffrn_radiation_wavelength.wt           1.0 
# 
_diffrn_source.diffrn_id                   1 
_diffrn_source.source                      SYNCHROTRON 
_diffrn_source.type                        'APS BEAMLINE 22-ID' 
_diffrn_source.pdbx_synchrotron_site       APS 
_diffrn_source.pdbx_synchrotron_beamline   22-ID 
_diffrn_source.pdbx_wavelength             ? 
_diffrn_source.pdbx_wavelength_list        1.0000 
# 
_reflns.entry_id                     3NU9 
_reflns.observed_criterion_sigma_I   0 
_reflns.observed_criterion_sigma_F   0 
_reflns.d_resolution_low             50 
_reflns.d_resolution_high            1.85 
_reflns.number_obs                   ? 
_reflns.number_all                   ? 
_reflns.percent_possible_obs         93.2 
_reflns.pdbx_Rmerge_I_obs            0.097 
_reflns.pdbx_Rsym_value              ? 
_reflns.pdbx_netI_over_sigmaI        ? 
_reflns.B_iso_Wilson_estimate        19.6 
_reflns.pdbx_redundancy              4.0 
_reflns.R_free_details               ? 
_reflns.limit_h_max                  ? 
_reflns.limit_h_min                  ? 
_reflns.limit_k_max                  ? 
_reflns.limit_k_min                  ? 
_reflns.limit_l_max                  ? 
_reflns.limit_l_min                  ? 
_reflns.observed_criterion_F_max     ? 
_reflns.observed_criterion_F_min     ? 
_reflns.pdbx_chi_squared             ? 
_reflns.pdbx_scaling_rejects         ? 
_reflns.pdbx_diffrn_id               1 
_reflns.pdbx_ordinal                 1 
# 
_reflns_shell.d_res_high             1.85 
_reflns_shell.d_res_low              1.90 
_reflns_shell.percent_possible_all   76.6 
_reflns_shell.Rmerge_I_obs           0.345 
_reflns_shell.pdbx_Rsym_value        ? 
_reflns_shell.meanI_over_sigI_obs    2.7 
_reflns_shell.pdbx_redundancy        3.6 
_reflns_shell.percent_possible_obs   ? 
_reflns_shell.number_unique_all      1552 
_reflns_shell.number_measured_all    ? 
_reflns_shell.number_measured_obs    ? 
_reflns_shell.number_unique_obs      ? 
_reflns_shell.pdbx_chi_squared       ? 
_reflns_shell.pdbx_diffrn_id         ? 
_reflns_shell.pdbx_ordinal           1 
# 
_refine.entry_id                                 3NU9 
_refine.ls_number_reflns_obs                     ? 
_refine.ls_number_reflns_all                     ? 
_refine.pdbx_ls_sigma_I                          ? 
_refine.pdbx_ls_sigma_F                          0.0 
_refine.pdbx_data_cutoff_high_absF               ? 
_refine.pdbx_data_cutoff_low_absF                ? 
_refine.pdbx_data_cutoff_high_rms_absF           ? 
_refine.ls_d_res_low                             9.97 
_refine.ls_d_res_high                            1.85 
_refine.ls_percent_reflns_obs                    93.09 
_refine.ls_R_factor_obs                          0.20066 
_refine.ls_R_factor_all                          0.20066 
_refine.ls_R_factor_R_work                       0.19884 
_refine.ls_R_factor_R_free                       0.23555 
_refine.ls_R_factor_R_free_error                 ? 
_refine.ls_R_factor_R_free_error_details         ? 
_refine.ls_percent_reflns_R_free                 5.0 
_refine.ls_number_reflns_R_free                  949 
_refine.ls_number_parameters                     ? 
_refine.ls_number_restraints                     ? 
_refine.occupancy_min                            ? 
_refine.occupancy_max                            ? 
_refine.correlation_coeff_Fo_to_Fc               0.943 
_refine.correlation_coeff_Fo_to_Fc_free          0.913 
_refine.B_iso_mean                               27.340 
_refine.aniso_B[1][1]                            0.06 
_refine.aniso_B[2][2]                            0.00 
_refine.aniso_B[3][3]                            0.00 
_refine.aniso_B[1][2]                            0.09 
_refine.aniso_B[1][3]                            -0.15 
_refine.aniso_B[2][3]                            0.00 
_refine.solvent_model_details                    MASK 
_refine.solvent_model_param_ksol                 ? 
_refine.solvent_model_param_bsol                 ? 
_refine.pdbx_solvent_vdw_probe_radii             1.20 
_refine.pdbx_solvent_ion_probe_radii             0.80 
_refine.pdbx_solvent_shrinkage_radii             0.80 
_refine.pdbx_ls_cross_valid_method               THROUGHOUT 
_refine.details                                  'HYDROGENS HAVE BEEN ADDED IN THE RIDING POSITIONS' 
_refine.pdbx_starting_model                      2F8G 
_refine.pdbx_method_to_determine_struct          'MOLECULAR REPLACEMENT' 
_refine.pdbx_isotropic_thermal_model             ? 
_refine.pdbx_stereochemistry_target_values       'MAXIMUM LIKELIHOOD' 
_refine.pdbx_stereochem_target_val_spec_case     ? 
_refine.pdbx_R_Free_selection_details            RANDOM 
_refine.pdbx_overall_ESU_R_Free                  0.138 
_refine.overall_SU_ML                            0.082 
_refine.overall_SU_B                             4.721 
_refine.overall_SU_R_Cruickshank_DPI             ? 
_refine.ls_redundancy_reflns_obs                 ? 
_refine.B_iso_min                                ? 
_refine.B_iso_max                                ? 
_refine.overall_SU_R_free                        ? 
_refine.ls_wR_factor_R_free                      ? 
_refine.ls_wR_factor_R_work                      ? 
_refine.overall_FOM_free_R_set                   ? 
_refine.overall_FOM_work_R_set                   ? 
_refine.pdbx_overall_phase_error                 ? 
_refine.pdbx_refine_id                           'X-RAY DIFFRACTION' 
_refine.pdbx_overall_ESU_R                       ? 
_refine.pdbx_diffrn_id                           1 
_refine.pdbx_TLS_residual_ADP_flag               ? 
_refine.pdbx_overall_SU_R_free_Cruickshank_DPI   ? 
_refine.pdbx_overall_SU_R_Blow_DPI               ? 
_refine.pdbx_overall_SU_R_free_Blow_DPI          ? 
# 
_refine_hist.pdbx_refine_id                   'X-RAY DIFFRACTION' 
_refine_hist.cycle_id                         LAST 
_refine_hist.pdbx_number_atoms_protein        1510 
_refine_hist.pdbx_number_atoms_nucleic_acid   0 
_refine_hist.pdbx_number_atoms_ligand         65 
_refine_hist.number_atoms_solvent             84 
_refine_hist.number_atoms_total               1659 
_refine_hist.d_res_high                       1.85 
_refine_hist.d_res_low                        9.97 
# 
loop_
_refine_ls_restr.type 
_refine_ls_restr.dev_ideal 
_refine_ls_restr.dev_ideal_target 
_refine_ls_restr.weight 
_refine_ls_restr.number 
_refine_ls_restr.pdbx_refine_id 
_refine_ls_restr.pdbx_restraint_function 
r_bond_refined_d             0.014  0.022  ? 1583 'X-RAY DIFFRACTION' ? 
r_bond_other_d               ?      ?      ? ?    'X-RAY DIFFRACTION' ? 
r_angle_refined_deg          1.546  2.011  ? 2147 'X-RAY DIFFRACTION' ? 
r_angle_other_deg            ?      ?      ? ?    'X-RAY DIFFRACTION' ? 
r_dihedral_angle_1_deg       5.959  5.000  ? 198  'X-RAY DIFFRACTION' ? 
r_dihedral_angle_2_deg       34.662 24.615 ? 52   'X-RAY DIFFRACTION' ? 
r_dihedral_angle_3_deg       12.564 15.000 ? 284  'X-RAY DIFFRACTION' ? 
r_dihedral_angle_4_deg       13.447 15.000 ? 8    'X-RAY DIFFRACTION' ? 
r_chiral_restr               0.088  0.200  ? 257  'X-RAY DIFFRACTION' ? 
r_gen_planes_refined         0.006  0.020  ? 1127 'X-RAY DIFFRACTION' ? 
r_gen_planes_other           ?      ?      ? ?    'X-RAY DIFFRACTION' ? 
r_nbd_refined                0.192  0.200  ? 657  'X-RAY DIFFRACTION' ? 
r_nbd_other                  ?      ?      ? ?    'X-RAY DIFFRACTION' ? 
r_nbtor_refined              0.312  0.200  ? 1092 'X-RAY DIFFRACTION' ? 
r_nbtor_other                ?      ?      ? ?    'X-RAY DIFFRACTION' ? 
r_xyhbond_nbd_refined        0.191  0.200  ? 66   'X-RAY DIFFRACTION' ? 
r_xyhbond_nbd_other          ?      ?      ? ?    'X-RAY DIFFRACTION' ? 
r_metal_ion_refined          ?      ?      ? ?    'X-RAY DIFFRACTION' ? 
r_metal_ion_other            ?      ?      ? ?    'X-RAY DIFFRACTION' ? 
r_symmetry_vdw_refined       0.170  0.200  ? 30   'X-RAY DIFFRACTION' ? 
r_symmetry_vdw_other         ?      ?      ? ?    'X-RAY DIFFRACTION' ? 
r_symmetry_hbond_refined     0.107  0.200  ? 2    'X-RAY DIFFRACTION' ? 
r_symmetry_hbond_other       ?      ?      ? ?    'X-RAY DIFFRACTION' ? 
r_symmetry_metal_ion_refined ?      ?      ? ?    'X-RAY DIFFRACTION' ? 
r_symmetry_metal_ion_other   ?      ?      ? ?    'X-RAY DIFFRACTION' ? 
r_mcbond_it                  0.841  1.500  ? 988  'X-RAY DIFFRACTION' ? 
r_mcbond_other               ?      ?      ? ?    'X-RAY DIFFRACTION' ? 
r_mcangle_it                 1.456  2.000  ? 1597 'X-RAY DIFFRACTION' ? 
r_scbond_it                  2.522  3.000  ? 643  'X-RAY DIFFRACTION' ? 
r_scangle_it                 4.302  4.500  ? 550  'X-RAY DIFFRACTION' ? 
r_rigid_bond_restr           ?      ?      ? ?    'X-RAY DIFFRACTION' ? 
r_sphericity_free            ?      ?      ? ?    'X-RAY DIFFRACTION' ? 
r_sphericity_bonded          ?      ?      ? ?    'X-RAY DIFFRACTION' ? 
# 
_refine_ls_shell.pdbx_total_number_of_bins_used   20 
_refine_ls_shell.d_res_high                       1.853 
_refine_ls_shell.d_res_low                        1.900 
_refine_ls_shell.number_reflns_R_work             1026 
_refine_ls_shell.R_factor_R_work                  0.206 
_refine_ls_shell.percent_reflns_obs               73.59 
_refine_ls_shell.R_factor_R_free                  0.229 
_refine_ls_shell.R_factor_R_free_error            ? 
_refine_ls_shell.percent_reflns_R_free            ? 
_refine_ls_shell.number_reflns_R_free             41 
_refine_ls_shell.number_reflns_all                ? 
_refine_ls_shell.R_factor_all                     ? 
_refine_ls_shell.number_reflns_obs                ? 
_refine_ls_shell.redundancy_reflns_obs            ? 
_refine_ls_shell.pdbx_refine_id                   'X-RAY DIFFRACTION' 
# 
_struct.entry_id                  3NU9 
_struct.title                     'Crystal Structure of HIV-1 Protease Mutant I84V with Antiviral Drug Amprenavir' 
_struct.pdbx_model_details        ? 
_struct.pdbx_CASP_flag            ? 
_struct.pdbx_model_type_details   ? 
# 
_struct_keywords.entry_id        3NU9 
_struct_keywords.pdbx_keywords   'HYDROLASE/HYDROLASE INHIBITOR' 
_struct_keywords.text            
'enzyme inhibition, aspartic protease, HIV/AIDS, conformational change, Amprenavir, HYDROLASE, HYDROLASE-HYDROLASE INHIBITOR complex' 
# 
loop_
_struct_asym.id 
_struct_asym.pdbx_blank_PDB_chainid_flag 
_struct_asym.pdbx_modified 
_struct_asym.entity_id 
_struct_asym.details 
A  N N 1 ? 
B  N N 1 ? 
C  N N 2 ? 
D  N N 3 ? 
E  N N 3 ? 
F  N N 3 ? 
G  N N 3 ? 
H  N N 3 ? 
I  N N 3 ? 
J  N N 3 ? 
K  N N 3 ? 
L  N N 3 ? 
M  N N 3 ? 
N  N N 3 ? 
O  N N 3 ? 
P  N N 3 ? 
Q  N N 3 ? 
R  N N 3 ? 
S  N N 3 ? 
T  N N 3 ? 
U  N N 3 ? 
V  N N 3 ? 
W  N N 3 ? 
X  N N 3 ? 
Y  N N 3 ? 
Z  N N 3 ? 
AA N N 3 ? 
BA N N 3 ? 
CA N N 3 ? 
DA N N 3 ? 
EA N N 3 ? 
FA N N 3 ? 
GA N N 3 ? 
HA N N 4 ? 
IA N N 4 ? 
# 
_struct_biol.id        1 
_struct_biol.details   ? 
# 
loop_
_struct_conf.conf_type_id 
_struct_conf.id 
_struct_conf.pdbx_PDB_helix_id 
_struct_conf.beg_label_comp_id 
_struct_conf.beg_label_asym_id 
_struct_conf.beg_label_seq_id 
_struct_conf.pdbx_beg_PDB_ins_code 
_struct_conf.end_label_comp_id 
_struct_conf.end_label_asym_id 
_struct_conf.end_label_seq_id 
_struct_conf.pdbx_end_PDB_ins_code 
_struct_conf.beg_auth_comp_id 
_struct_conf.beg_auth_asym_id 
_struct_conf.beg_auth_seq_id 
_struct_conf.end_auth_comp_id 
_struct_conf.end_auth_asym_id 
_struct_conf.end_auth_seq_id 
_struct_conf.pdbx_PDB_helix_class 
_struct_conf.details 
_struct_conf.pdbx_PDB_helix_length 
HELX_P HELX_P1 1 GLY A 86 ? THR A 91 ? GLY A 86  THR A 91  1 ? 6 
HELX_P HELX_P2 2 GLN A 92 ? GLY A 94 ? GLN A 92  GLY A 94  5 ? 3 
HELX_P HELX_P3 3 GLY B 86 ? THR B 91 ? GLY B 186 THR B 191 1 ? 6 
# 
_struct_conf_type.id          HELX_P 
_struct_conf_type.criteria    ? 
_struct_conf_type.reference   ? 
# 
loop_
_struct_sheet.id 
_struct_sheet.type 
_struct_sheet.number_strands 
_struct_sheet.details 
A ? 4 ? 
B ? 8 ? 
C ? 8 ? 
# 
loop_
_struct_sheet_order.sheet_id 
_struct_sheet_order.range_id_1 
_struct_sheet_order.range_id_2 
_struct_sheet_order.offset 
_struct_sheet_order.sense 
A 1 2 ? anti-parallel 
A 2 3 ? anti-parallel 
A 3 4 ? anti-parallel 
B 1 2 ? anti-parallel 
B 2 3 ? anti-parallel 
B 3 4 ? parallel      
B 4 5 ? anti-parallel 
B 5 6 ? parallel      
B 6 7 ? anti-parallel 
B 7 8 ? anti-parallel 
C 1 2 ? anti-parallel 
C 2 3 ? anti-parallel 
C 3 4 ? parallel      
C 4 5 ? anti-parallel 
C 5 6 ? parallel      
C 6 7 ? anti-parallel 
C 7 8 ? anti-parallel 
# 
loop_
_struct_sheet_range.sheet_id 
_struct_sheet_range.id 
_struct_sheet_range.beg_label_comp_id 
_struct_sheet_range.beg_label_asym_id 
_struct_sheet_range.beg_label_seq_id 
_struct_sheet_range.pdbx_beg_PDB_ins_code 
_struct_sheet_range.end_label_comp_id 
_struct_sheet_range.end_label_asym_id 
_struct_sheet_range.end_label_seq_id 
_struct_sheet_range.pdbx_end_PDB_ins_code 
_struct_sheet_range.beg_auth_comp_id 
_struct_sheet_range.beg_auth_asym_id 
_struct_sheet_range.beg_auth_seq_id 
_struct_sheet_range.end_auth_comp_id 
_struct_sheet_range.end_auth_asym_id 
_struct_sheet_range.end_auth_seq_id 
A 1 GLN A 2  ? ILE A 3  ? GLN A 2   ILE A 3   
A 2 THR B 96 ? ASN B 98 ? THR B 196 ASN B 198 
A 3 THR A 96 ? ASN A 98 ? THR A 96  ASN A 98  
A 4 GLN B 2  ? ILE B 3  ? GLN B 102 ILE B 103 
B 1 LYS A 43 ? GLY A 49 ? LYS A 43  GLY A 49  
B 2 GLY A 52 ? ILE A 66 ? GLY A 52  ILE A 66  
B 3 HIS A 69 ? GLY A 78 ? HIS A 69  GLY A 78  
B 4 THR A 31 ? GLU A 34 ? THR A 31  GLU A 34  
B 5 VAL A 84 ? ILE A 85 ? VAL A 84  ILE A 85  
B 6 GLN A 18 ? LEU A 24 ? GLN A 18  LEU A 24  
B 7 LEU A 10 ? ILE A 15 ? LEU A 10  ILE A 15  
B 8 GLY A 52 ? ILE A 66 ? GLY A 52  ILE A 66  
C 1 LYS B 43 ? GLY B 49 ? LYS B 143 GLY B 149 
C 2 GLY B 52 ? ILE B 66 ? GLY B 152 ILE B 166 
C 3 HIS B 69 ? VAL B 77 ? HIS B 169 VAL B 177 
C 4 VAL B 32 ? ILE B 33 ? VAL B 132 ILE B 133 
C 5 VAL B 84 ? ILE B 85 ? VAL B 184 ILE B 185 
C 6 GLN B 18 ? LEU B 24 ? GLN B 118 LEU B 124 
C 7 LEU B 10 ? ILE B 15 ? LEU B 110 ILE B 115 
C 8 GLY B 52 ? ILE B 66 ? GLY B 152 ILE B 166 
# 
loop_
_pdbx_struct_sheet_hbond.sheet_id 
_pdbx_struct_sheet_hbond.range_id_1 
_pdbx_struct_sheet_hbond.range_id_2 
_pdbx_struct_sheet_hbond.range_1_label_atom_id 
_pdbx_struct_sheet_hbond.range_1_label_comp_id 
_pdbx_struct_sheet_hbond.range_1_label_asym_id 
_pdbx_struct_sheet_hbond.range_1_label_seq_id 
_pdbx_struct_sheet_hbond.range_1_PDB_ins_code 
_pdbx_struct_sheet_hbond.range_1_auth_atom_id 
_pdbx_struct_sheet_hbond.range_1_auth_comp_id 
_pdbx_struct_sheet_hbond.range_1_auth_asym_id 
_pdbx_struct_sheet_hbond.range_1_auth_seq_id 
_pdbx_struct_sheet_hbond.range_2_label_atom_id 
_pdbx_struct_sheet_hbond.range_2_label_comp_id 
_pdbx_struct_sheet_hbond.range_2_label_asym_id 
_pdbx_struct_sheet_hbond.range_2_label_seq_id 
_pdbx_struct_sheet_hbond.range_2_PDB_ins_code 
_pdbx_struct_sheet_hbond.range_2_auth_atom_id 
_pdbx_struct_sheet_hbond.range_2_auth_comp_id 
_pdbx_struct_sheet_hbond.range_2_auth_asym_id 
_pdbx_struct_sheet_hbond.range_2_auth_seq_id 
A 1 2 N ILE A 3  ? N ILE A 3   O LEU B 97 ? O LEU B 197 
A 2 3 O THR B 96 ? O THR B 196 N ASN A 98 ? N ASN A 98  
A 3 4 N LEU A 97 ? N LEU A 97  O ILE B 3  ? O ILE B 103 
B 1 2 N LYS A 43 ? N LYS A 43  O GLN A 58 ? O GLN A 58  
B 2 3 N ILE A 66 ? N ILE A 66  O HIS A 69 ? O HIS A 69  
B 3 4 O LEU A 76 ? O LEU A 76  N ILE A 33 ? N ILE A 33  
B 4 5 N VAL A 32 ? N VAL A 32  O VAL A 84 ? O VAL A 84  
B 5 6 O ILE A 85 ? O ILE A 85  N LEU A 23 ? N LEU A 23  
B 6 7 O LYS A 20 ? O LYS A 20  N ILE A 13 ? N ILE A 13  
B 7 8 N LYS A 14 ? N LYS A 14  O GLU A 65 ? O GLU A 65  
C 1 2 N LYS B 43 ? N LYS B 143 O GLN B 58 ? O GLN B 158 
C 2 3 N ILE B 66 ? N ILE B 166 O HIS B 69 ? O HIS B 169 
C 3 4 O LEU B 76 ? O LEU B 176 N ILE B 33 ? N ILE B 133 
C 4 5 N VAL B 32 ? N VAL B 132 O VAL B 84 ? O VAL B 184 
C 5 6 O ILE B 85 ? O ILE B 185 N LEU B 23 ? N LEU B 123 
C 6 7 O LYS B 20 ? O LYS B 120 N ILE B 13 ? N ILE B 113 
C 7 8 N LYS B 14 ? N LYS B 114 O GLU B 65 ? O GLU B 165 
# 
loop_
_struct_site.id 
_struct_site.pdbx_evidence_code 
_struct_site.pdbx_auth_asym_id 
_struct_site.pdbx_auth_comp_id 
_struct_site.pdbx_auth_seq_id 
_struct_site.pdbx_auth_ins_code 
_struct_site.pdbx_num_residues 
_struct_site.details 
AC1 Software A 478 401 ? 20 'BINDING SITE FOR RESIDUE 478 A 401' 
AC2 Software A IOD 502 ? 2  'BINDING SITE FOR RESIDUE IOD A 502' 
AC3 Software A IOD 507 ? 1  'BINDING SITE FOR RESIDUE IOD A 507' 
AC4 Software A IOD 509 ? 2  'BINDING SITE FOR RESIDUE IOD A 509' 
AC5 Software A IOD 510 ? 1  'BINDING SITE FOR RESIDUE IOD A 510' 
AC6 Software A IOD 511 ? 2  'BINDING SITE FOR RESIDUE IOD A 511' 
AC7 Software A IOD 512 ? 1  'BINDING SITE FOR RESIDUE IOD A 512' 
AC8 Software A IOD 514 ? 2  'BINDING SITE FOR RESIDUE IOD A 514' 
AC9 Software A IOD 517 ? 1  'BINDING SITE FOR RESIDUE IOD A 517' 
BC1 Software A IOD 522 ? 1  'BINDING SITE FOR RESIDUE IOD A 522' 
BC2 Software A IOD 523 ? 3  'BINDING SITE FOR RESIDUE IOD A 523' 
BC3 Software A IOD 524 ? 1  'BINDING SITE FOR RESIDUE IOD A 524' 
BC4 Software A IOD 526 ? 1  'BINDING SITE FOR RESIDUE IOD A 526' 
BC5 Software A IOD 528 ? 1  'BINDING SITE FOR RESIDUE IOD A 528' 
BC6 Software A IOD 533 ? 1  'BINDING SITE FOR RESIDUE IOD A 533' 
BC7 Software B IOD 501 ? 2  'BINDING SITE FOR RESIDUE IOD B 501' 
BC8 Software B IOD 503 ? 1  'BINDING SITE FOR RESIDUE IOD B 503' 
BC9 Software B IOD 505 ? 1  'BINDING SITE FOR RESIDUE IOD B 505' 
CC1 Software B IOD 506 ? 2  'BINDING SITE FOR RESIDUE IOD B 506' 
CC2 Software B IOD 508 ? 1  'BINDING SITE FOR RESIDUE IOD B 508' 
CC3 Software B IOD 513 ? 2  'BINDING SITE FOR RESIDUE IOD B 513' 
CC4 Software B IOD 516 ? 1  'BINDING SITE FOR RESIDUE IOD B 516' 
CC5 Software B IOD 519 ? 1  'BINDING SITE FOR RESIDUE IOD B 519' 
CC6 Software B IOD 525 ? 1  'BINDING SITE FOR RESIDUE IOD B 525' 
CC7 Software B IOD 530 ? 1  'BINDING SITE FOR RESIDUE IOD B 530' 
CC8 Software B IOD 531 ? 2  'BINDING SITE FOR RESIDUE IOD B 531' 
# 
loop_
_struct_site_gen.id 
_struct_site_gen.site_id 
_struct_site_gen.pdbx_num_res 
_struct_site_gen.label_comp_id 
_struct_site_gen.label_asym_id 
_struct_site_gen.label_seq_id 
_struct_site_gen.pdbx_auth_ins_code 
_struct_site_gen.auth_comp_id 
_struct_site_gen.auth_asym_id 
_struct_site_gen.auth_seq_id 
_struct_site_gen.label_atom_id 
_struct_site_gen.label_alt_id 
_struct_site_gen.symmetry 
_struct_site_gen.details 
1  AC1 20 ASP A  25 ? ASP A 25   . ? 1_555 ? 
2  AC1 20 GLY A  27 ? GLY A 27   . ? 1_555 ? 
3  AC1 20 ALA A  28 ? ALA A 28   . ? 1_555 ? 
4  AC1 20 ASP A  30 ? ASP A 30   . ? 1_555 ? 
5  AC1 20 VAL A  32 ? VAL A 32   . ? 1_555 ? 
6  AC1 20 GLY A  48 ? GLY A 48   . ? 1_555 ? 
7  AC1 20 GLY A  49 ? GLY A 49   . ? 1_555 ? 
8  AC1 20 ILE A  50 ? ILE A 50   . ? 1_555 ? 
9  AC1 20 PRO A  81 ? PRO A 81   . ? 1_555 ? 
10 AC1 20 VAL A  82 ? VAL A 82   . ? 1_555 ? 
11 AC1 20 ASP B  25 ? ASP B 125  . ? 1_555 ? 
12 AC1 20 GLY B  27 ? GLY B 127  . ? 1_555 ? 
13 AC1 20 ASP B  29 ? ASP B 129  . ? 1_555 ? 
14 AC1 20 ASP B  30 ? ASP B 130  . ? 1_555 ? 
15 AC1 20 VAL B  32 ? VAL B 132  . ? 1_555 ? 
16 AC1 20 GLY B  48 ? GLY B 148  . ? 1_555 ? 
17 AC1 20 GLY B  49 ? GLY B 149  . ? 1_555 ? 
18 AC1 20 ILE B  50 ? ILE B 150  . ? 1_555 ? 
19 AC1 20 VAL B  82 ? VAL B 182  . ? 1_555 ? 
20 AC1 20 HOH IA .  ? HOH B 1001 . ? 1_555 ? 
21 AC2 2  THR A  74 ? THR A 74   . ? 1_555 ? 
22 AC2 2  ASN A  88 ? ASN A 88   . ? 1_555 ? 
23 AC3 1  GLU A  21 ? GLU A 21   . ? 1_555 ? 
24 AC4 2  THR A  91 ? THR A 91   . ? 1_555 ? 
25 AC4 2  ARG B  41 ? ARG B 141  . ? 3_546 ? 
26 AC5 1  THR A  12 ? THR A 12   . ? 1_555 ? 
27 AC6 2  LYS A  7  ? LYS A 7    . ? 1_555 ? 
28 AC6 2  ARG A  8  ? ARG A 8    . ? 1_555 ? 
29 AC7 1  LYS A  55 ? LYS A 55   . ? 1_555 ? 
30 AC8 2  THR A  12 ? THR A 12   . ? 1_555 ? 
31 AC8 2  GLY A  68 ? GLY A 68   . ? 1_555 ? 
32 AC9 1  GLN A  61 ? GLN A 61   . ? 1_555 ? 
33 BC1 1  IOD M  .  ? IOD A 523  . ? 1_555 ? 
34 BC2 3  GLN A  18 ? GLN A 18   . ? 1_555 ? 
35 BC2 3  SER A  37 ? SER A 37   . ? 1_555 ? 
36 BC2 3  IOD L  .  ? IOD A 522  . ? 1_555 ? 
37 BC3 1  GLU A  35 ? GLU A 35   . ? 1_555 ? 
38 BC4 1  GLY A  17 ? GLY A 17   . ? 1_555 ? 
39 BC5 1  LEU A  19 ? LEU A 19   . ? 1_555 ? 
40 BC6 1  PRO A  79 ? PRO A 79   . ? 1_555 ? 
41 BC7 2  THR B  74 ? THR B 174  . ? 1_555 ? 
42 BC7 2  ASN B  88 ? ASN B 188  . ? 1_555 ? 
43 BC8 1  THR B  12 ? THR B 112  . ? 1_555 ? 
44 BC9 1  LYS B  70 ? LYS B 170  . ? 1_555 ? 
45 CC1 2  GLU B  21 ? GLU B 121  . ? 1_555 ? 
46 CC1 2  GLU B  34 ? GLU B 134  . ? 1_555 ? 
47 CC2 1  ARG B  8  ? ARG B 108  . ? 1_555 ? 
48 CC3 2  LYS A  20 ? LYS A 20   . ? 1_556 ? 
49 CC3 2  LYS B  14 ? LYS B 114  . ? 1_555 ? 
50 CC4 1  GLY B  40 ? GLY B 140  . ? 1_555 ? 
51 CC5 1  IOD GA .  ? IOD B 531  . ? 1_555 ? 
52 CC6 1  ARG B  41 ? ARG B 141  . ? 1_555 ? 
53 CC7 1  LYS B  7  ? LYS B 107  . ? 1_555 ? 
54 CC8 2  IOD CA .  ? IOD B 519  . ? 1_555 ? 
55 CC8 2  HOH IA .  ? HOH B 1036 . ? 1_555 ? 
# 
_atom_sites.entry_id                    3NU9 
_atom_sites.fract_transf_matrix[1][1]   -0.00295475 
_atom_sites.fract_transf_matrix[1][2]   -0.01135715 
_atom_sites.fract_transf_matrix[1][3]   -0.01202603 
_atom_sites.fract_transf_matrix[2][1]   0.00223629 
_atom_sites.fract_transf_matrix[2][2]   0.00792931 
_atom_sites.fract_transf_matrix[2][3]   -0.00803773 
_atom_sites.fract_transf_matrix[3][1]   0.02123408 
_atom_sites.fract_transf_matrix[3][2]   -0.00576157 
_atom_sites.fract_transf_matrix[3][3]   0.00022398 
_atom_sites.fract_transf_vector[1]      0.259681 
_atom_sites.fract_transf_vector[2]      0.196567 
_atom_sites.fract_transf_vector[3]      0.417387 
# 
loop_
_atom_type.symbol 
C 
I 
N 
O 
S 
# 
loop_
_atom_site.group_PDB 
_atom_site.id 
_atom_site.type_symbol 
_atom_site.label_atom_id 
_atom_site.label_alt_id 
_atom_site.label_comp_id 
_atom_site.label_asym_id 
_atom_site.label_entity_id 
_atom_site.label_seq_id 
_atom_site.pdbx_PDB_ins_code 
_atom_site.Cartn_x 
_atom_site.Cartn_y 
_atom_site.Cartn_z 
_atom_site.occupancy 
_atom_site.B_iso_or_equiv 
_atom_site.pdbx_formal_charge 
_atom_site.auth_seq_id 
_atom_site.auth_comp_id 
_atom_site.auth_asym_id 
_atom_site.auth_atom_id 
_atom_site.pdbx_PDB_model_num 
ATOM   1    N N   . PRO A  1 1  ? -6.613  -17.932 0.076   1.00 34.82 ? 1    PRO A N   1 
ATOM   2    C CA  . PRO A  1 1  ? -6.073  -17.815 -1.273  1.00 34.06 ? 1    PRO A CA  1 
ATOM   3    C C   . PRO A  1 1  ? -4.639  -17.310 -1.288  1.00 33.39 ? 1    PRO A C   1 
ATOM   4    O O   . PRO A  1 1  ? -4.159  -16.741 -0.308  1.00 32.71 ? 1    PRO A O   1 
ATOM   5    C CB  . PRO A  1 1  ? -6.983  -16.766 -1.938  1.00 34.61 ? 1    PRO A CB  1 
ATOM   6    C CG  . PRO A  1 1  ? -7.762  -16.154 -0.846  1.00 35.16 ? 1    PRO A CG  1 
ATOM   7    C CD  . PRO A  1 1  ? -7.880  -17.199 0.217   1.00 35.21 ? 1    PRO A CD  1 
ATOM   8    N N   . GLN A  1 2  ? -3.969  -17.550 -2.404  1.00 32.39 ? 2    GLN A N   1 
ATOM   9    C CA  . GLN A  1 2  ? -2.676  -16.978 -2.678  1.00 31.92 ? 2    GLN A CA  1 
ATOM   10   C C   . GLN A  1 2  ? -2.865  -15.995 -3.833  1.00 31.58 ? 2    GLN A C   1 
ATOM   11   O O   . GLN A  1 2  ? -3.174  -16.395 -4.966  1.00 31.26 ? 2    GLN A O   1 
ATOM   12   C CB  . GLN A  1 2  ? -1.678  -18.067 -3.046  1.00 32.53 ? 2    GLN A CB  1 
ATOM   13   C CG  . GLN A  1 2  ? -0.359  -17.537 -3.583  1.00 33.58 ? 2    GLN A CG  1 
ATOM   14   C CD  . GLN A  1 2  ? 0.738   -18.564 -3.542  1.00 37.96 ? 2    GLN A CD  1 
ATOM   15   O OE1 . GLN A  1 2  ? 1.118   -19.111 -4.582  1.00 40.38 ? 2    GLN A OE1 1 
ATOM   16   N NE2 . GLN A  1 2  ? 1.259   -18.846 -2.341  1.00 37.28 ? 2    GLN A NE2 1 
ATOM   17   N N   . ILE A  1 3  ? -2.708  -14.711 -3.531  1.00 30.17 ? 3    ILE A N   1 
ATOM   18   C CA  . ILE A  1 3  ? -3.004  -13.658 -4.491  1.00 29.81 ? 3    ILE A CA  1 
ATOM   19   C C   . ILE A  1 3  ? -1.704  -13.137 -5.096  1.00 29.11 ? 3    ILE A C   1 
ATOM   20   O O   . ILE A  1 3  ? -0.841  -12.594 -4.395  1.00 28.05 ? 3    ILE A O   1 
ATOM   21   C CB  . ILE A  1 3  ? -3.825  -12.517 -3.829  1.00 30.41 ? 3    ILE A CB  1 
ATOM   22   C CG1 . ILE A  1 3  ? -5.192  -13.034 -3.371  1.00 30.42 ? 3    ILE A CG1 1 
ATOM   23   C CG2 . ILE A  1 3  ? -3.994  -11.303 -4.779  1.00 31.36 ? 3    ILE A CG2 1 
ATOM   24   C CD1 . ILE A  1 3  ? -5.929  -12.064 -2.487  1.00 31.85 ? 3    ILE A CD1 1 
ATOM   25   N N   . THR A  1 4  ? -1.582  -13.314 -6.414  1.00 27.74 ? 4    THR A N   1 
ATOM   26   C CA  . THR A  1 4  ? -0.497  -12.754 -7.193  1.00 27.48 ? 4    THR A CA  1 
ATOM   27   C C   . THR A  1 4  ? -0.644  -11.235 -7.346  1.00 26.25 ? 4    THR A C   1 
ATOM   28   O O   . THR A  1 4  ? -1.715  -10.670 -7.122  1.00 26.84 ? 4    THR A O   1 
ATOM   29   C CB  . THR A  1 4  ? -0.420  -13.420 -8.607  1.00 28.45 ? 4    THR A CB  1 
ATOM   30   O OG1 . THR A  1 4  ? -1.577  -13.054 -9.373  1.00 29.59 ? 4    THR A OG1 1 
ATOM   31   C CG2 . THR A  1 4  ? -0.336  -14.940 -8.503  1.00 29.00 ? 4    THR A CG2 1 
ATOM   32   N N   . LEU A  1 5  ? 0.448   -10.565 -7.700  1.00 26.12 ? 5    LEU A N   1 
ATOM   33   C CA  . LEU A  1 5  ? 0.476   -9.102  -7.713  1.00 24.34 ? 5    LEU A CA  1 
ATOM   34   C C   . LEU A  1 5  ? 0.733   -8.510  -9.091  1.00 24.04 ? 5    LEU A C   1 
ATOM   35   O O   . LEU A  1 5  ? 1.053   -7.327  -9.195  1.00 22.20 ? 5    LEU A O   1 
ATOM   36   C CB  . LEU A  1 5  ? 1.536   -8.571  -6.715  1.00 24.68 ? 5    LEU A CB  1 
ATOM   37   C CG  . LEU A  1 5  ? 1.309   -8.968  -5.249  1.00 25.53 ? 5    LEU A CG  1 
ATOM   38   C CD1 . LEU A  1 5  ? 2.525   -8.713  -4.352  1.00 24.90 ? 5    LEU A CD1 1 
ATOM   39   C CD2 . LEU A  1 5  ? 0.065   -8.267  -4.709  1.00 26.30 ? 5    LEU A CD2 1 
ATOM   40   N N   . TRP A  1 6  ? 0.593   -9.335  -10.138 1.00 25.05 ? 6    TRP A N   1 
ATOM   41   C CA  . TRP A  1 6  ? 0.513   -8.858  -11.530 1.00 25.59 ? 6    TRP A CA  1 
ATOM   42   C C   . TRP A  1 6  ? -0.547  -7.759  -11.713 1.00 26.05 ? 6    TRP A C   1 
ATOM   43   O O   . TRP A  1 6  ? -0.360  -6.820  -12.495 1.00 25.40 ? 6    TRP A O   1 
ATOM   44   C CB  . TRP A  1 6  ? 0.088   -10.019 -12.434 1.00 26.51 ? 6    TRP A CB  1 
ATOM   45   C CG  . TRP A  1 6  ? 1.000   -11.184 -12.386 1.00 26.31 ? 6    TRP A CG  1 
ATOM   46   C CD1 . TRP A  1 6  ? 0.726   -12.424 -11.918 1.00 26.79 ? 6    TRP A CD1 1 
ATOM   47   C CD2 . TRP A  1 6  ? 2.363   -11.200 -12.822 1.00 27.20 ? 6    TRP A CD2 1 
ATOM   48   N NE1 . TRP A  1 6  ? 1.829   -13.237 -12.067 1.00 28.66 ? 6    TRP A NE1 1 
ATOM   49   C CE2 . TRP A  1 6  ? 2.847   -12.504 -12.620 1.00 27.20 ? 6    TRP A CE2 1 
ATOM   50   C CE3 . TRP A  1 6  ? 3.201   -10.242 -13.401 1.00 25.20 ? 6    TRP A CE3 1 
ATOM   51   C CZ2 . TRP A  1 6  ? 4.153   -12.880 -12.947 1.00 28.37 ? 6    TRP A CZ2 1 
ATOM   52   C CZ3 . TRP A  1 6  ? 4.505   -10.608 -13.731 1.00 28.52 ? 6    TRP A CZ3 1 
ATOM   53   C CH2 . TRP A  1 6  ? 4.967   -11.919 -13.508 1.00 29.42 ? 6    TRP A CH2 1 
ATOM   54   N N   . LYS A  1 7  ? -1.660  -7.901  -10.988 1.00 25.32 ? 7    LYS A N   1 
ATOM   55   C CA  . LYS A  1 7  ? -2.760  -6.939  -11.010 1.00 25.63 ? 7    LYS A CA  1 
ATOM   56   C C   . LYS A  1 7  ? -3.005  -6.424  -9.577  1.00 24.82 ? 7    LYS A C   1 
ATOM   57   O O   . LYS A  1 7  ? -2.481  -6.990  -8.600  1.00 23.37 ? 7    LYS A O   1 
ATOM   58   C CB  . LYS A  1 7  ? -4.043  -7.604  -11.527 1.00 27.18 ? 7    LYS A CB  1 
ATOM   59   C CG  . LYS A  1 7  ? -3.895  -8.328  -12.882 1.00 30.61 ? 7    LYS A CG  1 
ATOM   60   C CD  . LYS A  1 7  ? -5.217  -8.944  -13.327 1.00 36.64 ? 7    LYS A CD  1 
ATOM   61   C CE  . LYS A  1 7  ? -6.284  -7.855  -13.576 1.00 40.73 ? 7    LYS A CE  1 
ATOM   62   N NZ  . LYS A  1 7  ? -5.745  -6.693  -14.379 1.00 41.30 ? 7    LYS A NZ  1 
ATOM   63   N N   . ARG A  1 8  ? -3.786  -5.346  -9.458  1.00 24.38 ? 8    ARG A N   1 
ATOM   64   C CA  . ARG A  1 8  ? -4.182  -4.838  -8.130  1.00 24.63 ? 8    ARG A CA  1 
ATOM   65   C C   . ARG A  1 8  ? -4.909  -5.925  -7.327  1.00 24.08 ? 8    ARG A C   1 
ATOM   66   O O   . ARG A  1 8  ? -5.759  -6.610  -7.872  1.00 24.20 ? 8    ARG A O   1 
ATOM   67   C CB  . ARG A  1 8  ? -5.056  -3.581  -8.219  1.00 25.57 ? 8    ARG A CB  1 
ATOM   68   C CG  . ARG A  1 8  ? -4.293  -2.333  -8.611  1.00 28.84 ? 8    ARG A CG  1 
ATOM   69   C CD  . ARG A  1 8  ? -5.153  -1.090  -8.437  1.00 35.45 ? 8    ARG A CD  1 
ATOM   70   N NE  . ARG A  1 8  ? -4.510  0.108   -8.990  1.00 38.22 ? 8    ARG A NE  1 
ATOM   71   C CZ  . ARG A  1 8  ? -4.784  1.356   -8.598  1.00 41.39 ? 8    ARG A CZ  1 
ATOM   72   N NH1 . ARG A  1 8  ? -5.676  1.597   -7.641  1.00 43.04 ? 8    ARG A NH1 1 
ATOM   73   N NH2 . ARG A  1 8  ? -4.151  2.376   -9.150  1.00 42.89 ? 8    ARG A NH2 1 
ATOM   74   N N   . PRO A  1 9  ? -4.514  -6.124  -6.050  1.00 24.50 ? 9    PRO A N   1 
ATOM   75   C CA  . PRO A  1 9  ? -5.174  -7.138  -5.209  1.00 24.14 ? 9    PRO A CA  1 
ATOM   76   C C   . PRO A  1 9  ? -6.532  -6.645  -4.688  1.00 25.11 ? 9    PRO A C   1 
ATOM   77   O O   . PRO A  1 9  ? -6.656  -6.224  -3.533  1.00 23.96 ? 9    PRO A O   1 
ATOM   78   C CB  . PRO A  1 9  ? -4.145  -7.397  -4.089  1.00 24.17 ? 9    PRO A CB  1 
ATOM   79   C CG  . PRO A  1 9  ? -3.393  -6.104  -3.976  1.00 23.62 ? 9    PRO A CG  1 
ATOM   80   C CD  . PRO A  1 9  ? -3.358  -5.506  -5.369  1.00 23.70 ? 9    PRO A CD  1 
ATOM   81   N N   . LEU A  1 10 ? -7.539  -6.738  -5.562  1.00 26.22 ? 10   LEU A N   1 
ATOM   82   C CA  . LEU A  1 10 ? -8.891  -6.246  -5.298  1.00 27.66 ? 10   LEU A CA  1 
ATOM   83   C C   . LEU A  1 10 ? -9.766  -7.372  -4.789  1.00 27.85 ? 10   LEU A C   1 
ATOM   84   O O   . LEU A  1 10 ? -9.778  -8.454  -5.373  1.00 29.40 ? 10   LEU A O   1 
ATOM   85   C CB  . LEU A  1 10 ? -9.505  -5.625  -6.559  1.00 28.38 ? 10   LEU A CB  1 
ATOM   86   C CG  . LEU A  1 10 ? -8.684  -4.545  -7.294  1.00 29.98 ? 10   LEU A CG  1 
ATOM   87   C CD1 . LEU A  1 10 ? -9.434  -4.026  -8.518  1.00 33.52 ? 10   LEU A CD1 1 
ATOM   88   C CD2 . LEU A  1 10 ? -8.398  -3.398  -6.379  1.00 32.15 ? 10   LEU A CD2 1 
ATOM   89   N N   . VAL A  1 11 ? -10.486 -7.128  -3.695  1.00 27.50 ? 11   VAL A N   1 
ATOM   90   C CA  . VAL A  1 11 ? -11.439 -8.112  -3.146  1.00 27.09 ? 11   VAL A CA  1 
ATOM   91   C C   . VAL A  1 11 ? -12.807 -7.482  -2.900  1.00 26.91 ? 11   VAL A C   1 
ATOM   92   O O   . VAL A  1 11 ? -12.916 -6.256  -2.775  1.00 26.62 ? 11   VAL A O   1 
ATOM   93   C CB  . VAL A  1 11 ? -10.921 -8.709  -1.812  1.00 27.32 ? 11   VAL A CB  1 
ATOM   94   C CG1 . VAL A  1 11 ? -9.600  -9.504  -2.039  1.00 27.35 ? 11   VAL A CG1 1 
ATOM   95   C CG2 . VAL A  1 11 ? -10.715 -7.602  -0.753  1.00 25.56 ? 11   VAL A CG2 1 
ATOM   96   N N   . THR A  1 12 ? -13.856 -8.312  -2.823  1.00 27.08 ? 12   THR A N   1 
ATOM   97   C CA  . THR A  1 12 ? -15.164 -7.828  -2.407  1.00 26.62 ? 12   THR A CA  1 
ATOM   98   C C   . THR A  1 12 ? -15.211 -7.739  -0.887  1.00 25.89 ? 12   THR A C   1 
ATOM   99   O O   . THR A  1 12 ? -14.769 -8.644  -0.201  1.00 26.35 ? 12   THR A O   1 
ATOM   100  C CB  . THR A  1 12 ? -16.312 -8.696  -2.977  1.00 26.70 ? 12   THR A CB  1 
ATOM   101  O OG1 . THR A  1 12 ? -16.126 -8.808  -4.389  1.00 27.52 ? 12   THR A OG1 1 
ATOM   102  C CG2 . THR A  1 12 ? -17.673 -8.056  -2.712  1.00 27.71 ? 12   THR A CG2 1 
ATOM   103  N N   . ILE A  1 13 ? -15.718 -6.625  -0.373  1.00 25.52 ? 13   ILE A N   1 
ATOM   104  C CA  . ILE A  1 13 ? -15.907 -6.459  1.073   1.00 25.29 ? 13   ILE A CA  1 
ATOM   105  C C   . ILE A  1 13 ? -17.387 -6.159  1.323   1.00 25.39 ? 13   ILE A C   1 
ATOM   106  O O   . ILE A  1 13 ? -18.116 -5.800  0.394   1.00 24.01 ? 13   ILE A O   1 
ATOM   107  C CB  . ILE A  1 13 ? -15.041 -5.317  1.660   1.00 25.46 ? 13   ILE A CB  1 
ATOM   108  C CG1 . ILE A  1 13 ? -15.526 -3.937  1.162   1.00 25.26 ? 13   ILE A CG1 1 
ATOM   109  C CG2 . ILE A  1 13 ? -13.549 -5.542  1.323   1.00 24.98 ? 13   ILE A CG2 1 
ATOM   110  C CD1 . ILE A  1 13 ? -14.979 -2.748  1.949   1.00 25.13 ? 13   ILE A CD1 1 
ATOM   111  N N   . LYS A  1 14 ? -17.819 -6.309  2.571   1.00 25.18 ? 14   LYS A N   1 
ATOM   112  C CA  . LYS A  1 14 ? -19.178 -5.904  2.958   1.00 25.86 ? 14   LYS A CA  1 
ATOM   113  C C   . LYS A  1 14 ? -19.091 -5.103  4.248   1.00 26.13 ? 14   LYS A C   1 
ATOM   114  O O   . LYS A  1 14 ? -18.570 -5.574  5.262   1.00 26.05 ? 14   LYS A O   1 
ATOM   115  C CB  . LYS A  1 14 ? -20.091 -7.122  3.100   1.00 25.90 ? 14   LYS A CB  1 
ATOM   116  C CG  . LYS A  1 14 ? -21.526 -6.803  3.407   1.00 28.60 ? 14   LYS A CG  1 
ATOM   117  C CD  . LYS A  1 14 ? -22.408 -8.063  3.244   1.00 30.80 ? 14   LYS A CD  1 
ATOM   118  C CE  . LYS A  1 14 ? -23.637 -7.984  4.090   1.00 34.20 ? 14   LYS A CE  1 
ATOM   119  N NZ  . LYS A  1 14 ? -24.440 -9.254  3.939   1.00 36.33 ? 14   LYS A NZ  1 
ATOM   120  N N   . ILE A  1 15 ? -19.594 -3.875  4.193   1.00 26.25 ? 15   ILE A N   1 
ATOM   121  C CA  . ILE A  1 15 ? -19.484 -2.945  5.307   1.00 26.56 ? 15   ILE A CA  1 
ATOM   122  C C   . ILE A  1 15 ? -20.787 -2.139  5.419   1.00 27.43 ? 15   ILE A C   1 
ATOM   123  O O   . ILE A  1 15 ? -21.318 -1.647  4.416   1.00 27.19 ? 15   ILE A O   1 
ATOM   124  C CB  . ILE A  1 15 ? -18.243 -2.031  5.170   1.00 26.66 ? 15   ILE A CB  1 
ATOM   125  C CG1 . ILE A  1 15 ? -18.128 -1.081  6.380   1.00 27.25 ? 15   ILE A CG1 1 
ATOM   126  C CG2 . ILE A  1 15 ? -18.219 -1.322  3.782   1.00 24.98 ? 15   ILE A CG2 1 
ATOM   127  C CD1 . ILE A  1 15 ? -16.876 -0.203  6.350   1.00 27.66 ? 15   ILE A CD1 1 
ATOM   128  N N   . GLY A  1 16 ? -21.320 -2.048  6.634   1.00 27.89 ? 16   GLY A N   1 
ATOM   129  C CA  . GLY A  1 16 ? -22.599 -1.368  6.850   1.00 28.95 ? 16   GLY A CA  1 
ATOM   130  C C   . GLY A  1 16 ? -23.660 -1.870  5.899   1.00 28.50 ? 16   GLY A C   1 
ATOM   131  O O   . GLY A  1 16 ? -24.423 -1.078  5.370   1.00 30.21 ? 16   GLY A O   1 
ATOM   132  N N   . GLY A  1 17 ? -23.697 -3.180  5.665   1.00 28.31 ? 17   GLY A N   1 
ATOM   133  C CA  . GLY A  1 17 ? -24.617 -3.794  4.689   1.00 27.67 ? 17   GLY A CA  1 
ATOM   134  C C   . GLY A  1 17 ? -24.332 -3.603  3.198   1.00 27.65 ? 17   GLY A C   1 
ATOM   135  O O   . GLY A  1 17 ? -25.063 -4.123  2.362   1.00 27.06 ? 17   GLY A O   1 
ATOM   136  N N   . GLN A  1 18 ? -23.259 -2.888  2.863   1.00 27.41 ? 18   GLN A N   1 
ATOM   137  C CA  . GLN A  1 18 ? -22.985 -2.514  1.473   1.00 27.48 ? 18   GLN A CA  1 
ATOM   138  C C   . GLN A  1 18 ? -21.811 -3.278  0.864   1.00 27.67 ? 18   GLN A C   1 
ATOM   139  O O   . GLN A  1 18 ? -20.754 -3.384  1.471   1.00 26.97 ? 18   GLN A O   1 
ATOM   140  C CB  . GLN A  1 18 ? -22.729 -1.001  1.387   1.00 27.73 ? 18   GLN A CB  1 
ATOM   141  C CG  . GLN A  1 18 ? -23.967 -0.182  1.740   1.00 26.95 ? 18   GLN A CG  1 
ATOM   142  C CD  . GLN A  1 18 ? -23.729 1.320   1.861   1.00 28.29 ? 18   GLN A CD  1 
ATOM   143  O OE1 . GLN A  1 18 ? -22.757 1.867   1.358   1.00 28.51 ? 18   GLN A OE1 1 
ATOM   144  N NE2 . GLN A  1 18 ? -24.662 1.999   2.519   1.00 31.76 ? 18   GLN A NE2 1 
ATOM   145  N N   . LEU A  1 19 ? -22.004 -3.789  -0.349  1.00 28.02 ? 19   LEU A N   1 
ATOM   146  C CA  . LEU A  1 19 ? -20.949 -4.500  -1.063  1.00 28.73 ? 19   LEU A CA  1 
ATOM   147  C C   . LEU A  1 19 ? -20.071 -3.504  -1.809  1.00 28.57 ? 19   LEU A C   1 
ATOM   148  O O   . LEU A  1 19 ? -20.592 -2.628  -2.515  1.00 29.18 ? 19   LEU A O   1 
ATOM   149  C CB  . LEU A  1 19 ? -21.562 -5.546  -2.017  1.00 29.71 ? 19   LEU A CB  1 
ATOM   150  C CG  . LEU A  1 19 ? -22.133 -6.759  -1.272  1.00 30.61 ? 19   LEU A CG  1 
ATOM   151  C CD1 . LEU A  1 19 ? -23.063 -7.599  -2.154  1.00 33.34 ? 19   LEU A CD1 1 
ATOM   152  C CD2 . LEU A  1 19 ? -21.000 -7.611  -0.675  1.00 30.95 ? 19   LEU A CD2 1 
ATOM   153  N N   . LYS A  1 20 ? -18.755 -3.626  -1.626  1.00 27.84 ? 20   LYS A N   1 
ATOM   154  C CA  . LYS A  1 20 ? -17.769 -2.717  -2.207  1.00 27.18 ? 20   LYS A CA  1 
ATOM   155  C C   . LYS A  1 20 ? -16.553 -3.503  -2.645  1.00 27.07 ? 20   LYS A C   1 
ATOM   156  O O   . LYS A  1 20 ? -16.314 -4.598  -2.135  1.00 27.28 ? 20   LYS A O   1 
ATOM   157  C CB  . LYS A  1 20 ? -17.325 -1.675  -1.166  1.00 27.73 ? 20   LYS A CB  1 
ATOM   158  C CG  . LYS A  1 20 ? -18.398 -0.680  -0.785  1.00 29.23 ? 20   LYS A CG  1 
ATOM   159  C CD  . LYS A  1 20 ? -17.970 0.172   0.388   1.00 34.81 ? 20   LYS A CD  1 
ATOM   160  C CE  . LYS A  1 20 ? -19.199 0.812   1.015   1.00 35.94 ? 20   LYS A CE  1 
ATOM   161  N NZ  . LYS A  1 20 ? -19.806 1.752   0.045   1.00 38.63 ? 20   LYS A NZ  1 
ATOM   162  N N   . GLU A  1 21 ? -15.763 -2.940  -3.563  1.00 26.37 ? 21   GLU A N   1 
ATOM   163  C CA  . GLU A  1 21 ? -14.457 -3.514  -3.878  1.00 26.48 ? 21   GLU A CA  1 
ATOM   164  C C   . GLU A  1 21 ? -13.388 -2.720  -3.141  1.00 25.35 ? 21   GLU A C   1 
ATOM   165  O O   . GLU A  1 21 ? -13.496 -1.502  -2.994  1.00 25.24 ? 21   GLU A O   1 
ATOM   166  C CB  . GLU A  1 21 ? -14.170 -3.502  -5.392  1.00 26.54 ? 21   GLU A CB  1 
ATOM   167  C CG  . GLU A  1 21 ? -15.091 -4.426  -6.207  1.00 32.21 ? 21   GLU A CG  1 
ATOM   168  C CD  . GLU A  1 21 ? -14.999 -5.885  -5.773  1.00 37.62 ? 21   GLU A CD  1 
ATOM   169  O OE1 . GLU A  1 21 ? -13.872 -6.431  -5.725  1.00 41.69 ? 21   GLU A OE1 1 
ATOM   170  O OE2 . GLU A  1 21 ? -16.053 -6.485  -5.480  1.00 42.29 ? 21   GLU A OE2 1 
ATOM   171  N N   . ALA A  1 22 ? -12.381 -3.415  -2.628  1.00 25.14 ? 22   ALA A N   1 
ATOM   172  C CA  . ALA A  1 22 ? -11.356 -2.751  -1.859  1.00 23.97 ? 22   ALA A CA  1 
ATOM   173  C C   . ALA A  1 22 ? -10.014 -3.362  -2.191  1.00 24.23 ? 22   ALA A C   1 
ATOM   174  O O   . ALA A  1 22 ? -9.908  -4.522  -2.562  1.00 23.88 ? 22   ALA A O   1 
ATOM   175  C CB  . ALA A  1 22 ? -11.636 -2.839  -0.336  1.00 23.72 ? 22   ALA A CB  1 
ATOM   176  N N   . LEU A  1 23 ? -8.968  -2.577  -2.015  1.00 24.15 ? 23   LEU A N   1 
ATOM   177  C CA  . LEU A  1 23 ? -7.635  -3.036  -2.334  1.00 25.28 ? 23   LEU A CA  1 
ATOM   178  C C   . LEU A  1 23 ? -6.990  -3.585  -1.042  1.00 25.56 ? 23   LEU A C   1 
ATOM   179  O O   . LEU A  1 23 ? -7.095  -2.958  0.006   1.00 25.65 ? 23   LEU A O   1 
ATOM   180  C CB  . LEU A  1 23 ? -6.902  -1.837  -2.967  1.00 26.10 ? 23   LEU A CB  1 
ATOM   181  C CG  . LEU A  1 23 ? -5.419  -1.686  -3.197  1.00 27.85 ? 23   LEU A CG  1 
ATOM   182  C CD1 . LEU A  1 23 ? -4.961  -2.642  -4.273  1.00 28.58 ? 23   LEU A CD1 1 
ATOM   183  C CD2 . LEU A  1 23 ? -5.092  -0.207  -3.570  1.00 26.39 ? 23   LEU A CD2 1 
ATOM   184  N N   . LEU A  1 24 ? -6.397  -4.779  -1.088  1.00 24.30 ? 24   LEU A N   1 
ATOM   185  C CA  . LEU A  1 24 ? -5.673  -5.302  0.064   1.00 24.36 ? 24   LEU A CA  1 
ATOM   186  C C   . LEU A  1 24 ? -4.301  -4.645  0.102   1.00 24.45 ? 24   LEU A C   1 
ATOM   187  O O   . LEU A  1 24 ? -3.473  -4.884  -0.780  1.00 24.81 ? 24   LEU A O   1 
ATOM   188  C CB  . LEU A  1 24 ? -5.522  -6.820  -0.024  1.00 24.35 ? 24   LEU A CB  1 
ATOM   189  C CG  . LEU A  1 24 ? -6.784  -7.674  -0.034  1.00 27.22 ? 24   LEU A CG  1 
ATOM   190  C CD1 . LEU A  1 24 ? -6.374  -9.117  -0.171  1.00 28.93 ? 24   LEU A CD1 1 
ATOM   191  C CD2 . LEU A  1 24 ? -7.588  -7.468  1.223   1.00 27.41 ? 24   LEU A CD2 1 
ATOM   192  N N   . ASP A  1 25 ? -4.081  -3.795  1.104   1.00 23.11 ? 25   ASP A N   1 
ATOM   193  C CA  . ASP A  1 25 ? -2.968  -2.855  1.062   1.00 22.58 ? 25   ASP A CA  1 
ATOM   194  C C   . ASP A  1 25 ? -2.002  -2.985  2.251   1.00 21.90 ? 25   ASP A C   1 
ATOM   195  O O   . ASP A  1 25 ? -2.264  -2.424  3.306   1.00 22.63 ? 25   ASP A O   1 
ATOM   196  C CB  . ASP A  1 25 ? -3.541  -1.419  0.981   1.00 23.01 ? 25   ASP A CB  1 
ATOM   197  C CG  . ASP A  1 25 ? -2.498  -0.389  0.648   1.00 25.59 ? 25   ASP A CG  1 
ATOM   198  O OD1 . ASP A  1 25 ? -1.285  -0.735  0.620   1.00 27.55 ? 25   ASP A OD1 1 
ATOM   199  O OD2 . ASP A  1 25 ? -2.907  0.771   0.386   1.00 25.91 ? 25   ASP A OD2 1 
ATOM   200  N N   . THR A  1 26 ? -0.859  -3.650  2.047   1.00 21.81 ? 26   THR A N   1 
ATOM   201  C CA  . THR A  1 26 ? 0.154   -3.829  3.122   1.00 20.76 ? 26   THR A CA  1 
ATOM   202  C C   . THR A  1 26 ? 0.834   -2.502  3.446   1.00 21.55 ? 26   THR A C   1 
ATOM   203  O O   . THR A  1 26 ? 1.420   -2.352  4.515   1.00 22.09 ? 26   THR A O   1 
ATOM   204  C CB  . THR A  1 26 ? 1.239   -4.846  2.722   1.00 21.12 ? 26   THR A CB  1 
ATOM   205  O OG1 . THR A  1 26 ? 1.903   -4.372  1.539   1.00 20.56 ? 26   THR A OG1 1 
ATOM   206  C CG2 . THR A  1 26 ? 0.603   -6.215  2.440   1.00 19.76 ? 26   THR A CG2 1 
ATOM   207  N N   . GLY A  1 27 ? 0.776   -1.556  2.507   1.00 21.63 ? 27   GLY A N   1 
ATOM   208  C CA  . GLY A  1 27 ? 1.297   -0.186  2.740   1.00 23.46 ? 27   GLY A CA  1 
ATOM   209  C C   . GLY A  1 27 ? 0.411   0.768   3.567   1.00 23.25 ? 27   GLY A C   1 
ATOM   210  O O   . GLY A  1 27 ? 0.806   1.890   3.856   1.00 24.26 ? 27   GLY A O   1 
ATOM   211  N N   . ALA A  1 28 ? -0.779  0.339   3.968   1.00 23.39 ? 28   ALA A N   1 
ATOM   212  C CA  . ALA A  1 28 ? -1.701  1.222   4.715   1.00 24.21 ? 28   ALA A CA  1 
ATOM   213  C C   . ALA A  1 28 ? -1.803  0.777   6.168   1.00 24.91 ? 28   ALA A C   1 
ATOM   214  O O   . ALA A  1 28 ? -2.164  -0.379  6.419   1.00 23.47 ? 28   ALA A O   1 
ATOM   215  C CB  . ALA A  1 28 ? -3.099  1.182   4.065   1.00 23.96 ? 28   ALA A CB  1 
ATOM   216  N N   . ASP A  1 29 ? -1.501  1.668   7.126   1.00 24.77 ? 29   ASP A N   1 
ATOM   217  C CA  . ASP A  1 29 ? -1.631  1.297   8.542   1.00 25.48 ? 29   ASP A CA  1 
ATOM   218  C C   . ASP A  1 29 ? -3.073  0.909   8.867   1.00 25.21 ? 29   ASP A C   1 
ATOM   219  O O   . ASP A  1 29 ? -3.318  -0.085  9.556   1.00 24.31 ? 29   ASP A O   1 
ATOM   220  C CB  . ASP A  1 29 ? -1.233  2.434   9.511   1.00 26.48 ? 29   ASP A CB  1 
ATOM   221  C CG  . ASP A  1 29 ? 0.273   2.756   9.511   1.00 29.45 ? 29   ASP A CG  1 
ATOM   222  O OD1 . ASP A  1 29 ? 1.143   1.900   9.183   1.00 29.59 ? 29   ASP A OD1 1 
ATOM   223  O OD2 . ASP A  1 29 ? 0.581   3.901   9.900   1.00 31.54 ? 29   ASP A OD2 1 
ATOM   224  N N   . ASP A  1 30 ? -4.018  1.722   8.414   1.00 25.58 ? 30   ASP A N   1 
ATOM   225  C CA  . ASP A  1 30 ? -5.413  1.518   8.755   1.00 26.27 ? 30   ASP A CA  1 
ATOM   226  C C   . ASP A  1 30 ? -6.290  1.499   7.522   1.00 25.40 ? 30   ASP A C   1 
ATOM   227  O O   . ASP A  1 30 ? -5.946  2.026   6.469   1.00 26.43 ? 30   ASP A O   1 
ATOM   228  C CB  . ASP A  1 30 ? -5.889  2.621   9.689   1.00 27.67 ? 30   ASP A CB  1 
ATOM   229  C CG  . ASP A  1 30 ? -5.269  2.510   11.064  1.00 32.87 ? 30   ASP A CG  1 
ATOM   230  O OD1 . ASP A  1 30 ? -5.668  1.606   11.810  1.00 35.64 ? 30   ASP A OD1 1 
ATOM   231  O OD2 . ASP A  1 30 ? -4.350  3.302   11.367  1.00 38.55 ? 30   ASP A OD2 1 
ATOM   232  N N   . THR A  1 31 ? -7.435  0.871   7.681   1.00 24.49 ? 31   THR A N   1 
ATOM   233  C CA  . THR A  1 31 ? -8.431  0.763   6.631   1.00 23.15 ? 31   THR A CA  1 
ATOM   234  C C   . THR A  1 31 ? -9.059  2.124   6.407   1.00 23.01 ? 31   THR A C   1 
ATOM   235  O O   . THR A  1 31 ? -9.428  2.798   7.369   1.00 22.17 ? 31   THR A O   1 
ATOM   236  C CB  . THR A  1 31 ? -9.437  -0.282  7.080   1.00 22.51 ? 31   THR A CB  1 
ATOM   237  O OG1 . THR A  1 31 ? -8.737  -1.530  7.190   1.00 22.52 ? 31   THR A OG1 1 
ATOM   238  C CG2 . THR A  1 31 ? -10.630 -0.405  6.108   1.00 23.59 ? 31   THR A CG2 1 
ATOM   239  N N   . VAL A  1 32 ? -9.163  2.524   5.133   1.00 22.52 ? 32   VAL A N   1 
ATOM   240  C CA  . VAL A  1 32 ? -9.798  3.788   4.741   1.00 22.62 ? 32   VAL A CA  1 
ATOM   241  C C   . VAL A  1 32 ? -10.786 3.488   3.631   1.00 23.21 ? 32   VAL A C   1 
ATOM   242  O O   . VAL A  1 32 ? -10.421 2.862   2.626   1.00 23.54 ? 32   VAL A O   1 
ATOM   243  C CB  . VAL A  1 32 ? -8.836  4.842   4.137   1.00 22.82 ? 32   VAL A CB  1 
ATOM   244  C CG1 . VAL A  1 32 ? -9.487  6.216   4.230   1.00 23.82 ? 32   VAL A CG1 1 
ATOM   245  C CG2 . VAL A  1 32 ? -7.519  4.857   4.866   1.00 25.85 ? 32   VAL A CG2 1 
ATOM   246  N N   . ILE A  1 33 ? -12.019 3.954   3.830   1.00 21.32 ? 33   ILE A N   1 
ATOM   247  C CA  . ILE A  1 33 ? -13.157 3.683   2.944   1.00 20.83 ? 33   ILE A CA  1 
ATOM   248  C C   . ILE A  1 33 ? -13.679 5.021   2.391   1.00 20.89 ? 33   ILE A C   1 
ATOM   249  O O   . ILE A  1 33 ? -13.663 6.047   3.092   1.00 21.54 ? 33   ILE A O   1 
ATOM   250  C CB  . ILE A  1 33 ? -14.250 2.872   3.687   1.00 19.98 ? 33   ILE A CB  1 
ATOM   251  C CG1 . ILE A  1 33 ? -13.678 1.545   4.226   1.00 23.56 ? 33   ILE A CG1 1 
ATOM   252  C CG2 . ILE A  1 33 ? -15.550 2.676   2.792   1.00 20.98 ? 33   ILE A CG2 1 
ATOM   253  C CD1 . ILE A  1 33 ? -13.176 0.574   3.142   1.00 23.21 ? 33   ILE A CD1 1 
ATOM   254  N N   . GLU A  1 34 ? -14.047 5.018   1.112   1.00 20.63 ? 34   GLU A N   1 
ATOM   255  C CA  . GLU A  1 34 ? -14.618 6.185   0.444   1.00 22.34 ? 34   GLU A CA  1 
ATOM   256  C C   . GLU A  1 34 ? -15.866 6.653   1.187   1.00 22.19 ? 34   GLU A C   1 
ATOM   257  O O   . GLU A  1 34 ? -16.511 5.844   1.867   1.00 22.29 ? 34   GLU A O   1 
ATOM   258  C CB  . GLU A  1 34 ? -15.011 5.787   -0.987  1.00 23.23 ? 34   GLU A CB  1 
ATOM   259  C CG  . GLU A  1 34 ? -13.806 5.484   -1.839  1.00 26.55 ? 34   GLU A CG  1 
ATOM   260  C CD  . GLU A  1 34 ? -14.153 5.034   -3.243  1.00 33.80 ? 34   GLU A CD  1 
ATOM   261  O OE1 . GLU A  1 34 ? -15.347 5.001   -3.592  1.00 36.03 ? 34   GLU A OE1 1 
ATOM   262  O OE2 . GLU A  1 34 ? -13.216 4.730   -3.999  1.00 34.86 ? 34   GLU A OE2 1 
ATOM   263  N N   . GLU A  1 35 ? -16.197 7.938   1.045   1.00 22.33 ? 35   GLU A N   1 
ATOM   264  C CA  . GLU A  1 35 ? -17.263 8.571   1.831   1.00 22.54 ? 35   GLU A CA  1 
ATOM   265  C C   . GLU A  1 35 ? -18.545 7.724   1.859   1.00 22.58 ? 35   GLU A C   1 
ATOM   266  O O   . GLU A  1 35 ? -19.095 7.376   0.810   1.00 22.60 ? 35   GLU A O   1 
ATOM   267  C CB  . GLU A  1 35 ? -17.588 9.971   1.294   1.00 22.23 ? 35   GLU A CB  1 
ATOM   268  C CG  . GLU A  1 35 ? -16.518 11.005  1.551   1.00 25.81 ? 35   GLU A CG  1 
ATOM   269  C CD  . GLU A  1 35 ? -16.474 11.532  2.997   1.00 29.64 ? 35   GLU A CD  1 
ATOM   270  O OE1 . GLU A  1 35 ? -17.127 10.981  3.898   1.00 31.45 ? 35   GLU A OE1 1 
ATOM   271  O OE2 . GLU A  1 35 ? -15.758 12.529  3.226   1.00 34.84 ? 35   GLU A OE2 1 
ATOM   272  N N   . MET A  1 36 ? -18.981 7.399   3.066   1.00 21.65 ? 36   MET A N   1 
ATOM   273  C CA  . MET A  1 36 ? -20.283 6.785   3.349   1.00 23.22 ? 36   MET A CA  1 
ATOM   274  C C   . MET A  1 36 ? -20.658 7.117   4.798   1.00 24.14 ? 36   MET A C   1 
ATOM   275  O O   . MET A  1 36 ? -19.859 7.693   5.531   1.00 24.30 ? 36   MET A O   1 
ATOM   276  C CB  . MET A  1 36 ? -20.178 5.266   3.204   1.00 22.38 ? 36   MET A CB  1 
ATOM   277  C CG  . MET A  1 36 ? -19.240 4.624   4.230   1.00 22.94 ? 36   MET A CG  1 
ATOM   278  S SD  . MET A  1 36 ? -19.045 2.835   4.072   1.00 25.31 ? 36   MET A SD  1 
ATOM   279  C CE  . MET A  1 36 ? -20.721 2.229   4.374   1.00 24.50 ? 36   MET A CE  1 
ATOM   280  N N   . SER A  1 37 ? -21.865 6.746   5.200   1.00 24.06 ? 37   SER A N   1 
ATOM   281  C CA  . SER A  1 37 ? -22.293 6.899   6.578   1.00 25.59 ? 37   SER A CA  1 
ATOM   282  C C   . SER A  1 37 ? -21.978 5.623   7.353   1.00 25.85 ? 37   SER A C   1 
ATOM   283  O O   . SER A  1 37 ? -22.132 4.527   6.825   1.00 26.78 ? 37   SER A O   1 
ATOM   284  C CB  . SER A  1 37 ? -23.803 7.196   6.583   1.00 25.05 ? 37   SER A CB  1 
ATOM   285  O OG  . SER A  1 37 ? -24.331 7.020   7.880   1.00 31.36 ? 37   SER A OG  1 
ATOM   286  N N   . LEU A  1 38 ? -21.534 5.742   8.604   1.00 26.28 ? 38   LEU A N   1 
ATOM   287  C CA  . LEU A  1 38 ? -21.404 4.560   9.472   1.00 26.68 ? 38   LEU A CA  1 
ATOM   288  C C   . LEU A  1 38 ? -22.004 4.871   10.825  1.00 28.27 ? 38   LEU A C   1 
ATOM   289  O O   . LEU A  1 38 ? -21.941 6.012   11.261  1.00 27.22 ? 38   LEU A O   1 
ATOM   290  C CB  . LEU A  1 38 ? -19.958 4.133   9.654   1.00 26.39 ? 38   LEU A CB  1 
ATOM   291  C CG  . LEU A  1 38 ? -19.216 3.454   8.505   1.00 27.18 ? 38   LEU A CG  1 
ATOM   292  C CD1 . LEU A  1 38 ? -17.761 3.204   8.942   1.00 23.41 ? 38   LEU A CD1 1 
ATOM   293  C CD2 . LEU A  1 38 ? -19.873 2.149   8.082   1.00 25.60 ? 38   LEU A CD2 1 
ATOM   294  N N   . PRO A  1 39 ? -22.568 3.850   11.498  1.00 29.87 ? 39   PRO A N   1 
ATOM   295  C CA  . PRO A  1 39 ? -23.215 4.103   12.778  1.00 31.27 ? 39   PRO A CA  1 
ATOM   296  C C   . PRO A  1 39 ? -22.167 4.382   13.853  1.00 32.31 ? 39   PRO A C   1 
ATOM   297  O O   . PRO A  1 39 ? -21.029 3.902   13.754  1.00 32.95 ? 39   PRO A O   1 
ATOM   298  C CB  . PRO A  1 39 ? -23.957 2.797   13.065  1.00 31.46 ? 39   PRO A CB  1 
ATOM   299  C CG  . PRO A  1 39 ? -23.213 1.749   12.300  1.00 31.51 ? 39   PRO A CG  1 
ATOM   300  C CD  . PRO A  1 39 ? -22.589 2.421   11.126  1.00 30.52 ? 39   PRO A CD  1 
ATOM   301  N N   . GLY A  1 40 ? -22.544 5.172   14.855  1.00 32.96 ? 40   GLY A N   1 
ATOM   302  C CA  . GLY A  1 40 ? -21.664 5.420   15.993  1.00 32.90 ? 40   GLY A CA  1 
ATOM   303  C C   . GLY A  1 40 ? -21.067 6.802   15.988  1.00 32.22 ? 40   GLY A C   1 
ATOM   304  O O   . GLY A  1 40 ? -21.196 7.556   15.018  1.00 32.15 ? 40   GLY A O   1 
ATOM   305  N N   . ARG A  1 41 ? -20.435 7.140   17.099  1.00 32.39 ? 41   ARG A N   1 
ATOM   306  C CA  . ARG A  1 41 ? -19.641 8.347   17.195  1.00 32.71 ? 41   ARG A CA  1 
ATOM   307  C C   . ARG A  1 41 ? -18.332 8.136   16.412  1.00 31.49 ? 41   ARG A C   1 
ATOM   308  O O   . ARG A  1 41 ? -17.857 7.017   16.241  1.00 30.94 ? 41   ARG A O   1 
ATOM   309  C CB  . ARG A  1 41 ? -19.321 8.667   18.661  1.00 33.59 ? 41   ARG A CB  1 
ATOM   310  C CG  . ARG A  1 41 ? -20.544 8.741   19.580  1.00 37.35 ? 41   ARG A CG  1 
ATOM   311  C CD  . ARG A  1 41 ? -21.201 10.120  19.584  1.00 43.03 ? 41   ARG A CD  1 
ATOM   312  N NE  . ARG A  1 41 ? -20.239 11.207  19.788  1.00 47.50 ? 41   ARG A NE  1 
ATOM   313  C CZ  . ARG A  1 41 ? -19.722 11.557  20.965  1.00 50.29 ? 41   ARG A CZ  1 
ATOM   314  N NH1 . ARG A  1 41 ? -18.850 12.557  21.031  1.00 51.50 ? 41   ARG A NH1 1 
ATOM   315  N NH2 . ARG A  1 41 ? -20.064 10.912  22.076  1.00 52.16 ? 41   ARG A NH2 1 
ATOM   316  N N   . TRP A  1 42 ? -17.773 9.230   15.931  1.00 30.84 ? 42   TRP A N   1 
ATOM   317  C CA  . TRP A  1 42 ? -16.505 9.196   15.219  1.00 28.90 ? 42   TRP A CA  1 
ATOM   318  C C   . TRP A  1 42 ? -15.677 10.350  15.728  1.00 28.33 ? 42   TRP A C   1 
ATOM   319  O O   . TRP A  1 42 ? -16.218 11.276  16.340  1.00 28.31 ? 42   TRP A O   1 
ATOM   320  C CB  . TRP A  1 42 ? -16.744 9.335   13.711  1.00 29.02 ? 42   TRP A CB  1 
ATOM   321  C CG  . TRP A  1 42 ? -17.465 10.590  13.294  1.00 29.26 ? 42   TRP A CG  1 
ATOM   322  C CD1 . TRP A  1 42 ? -18.814 10.737  13.117  1.00 31.34 ? 42   TRP A CD1 1 
ATOM   323  C CD2 . TRP A  1 42 ? -16.883 11.860  12.976  1.00 29.84 ? 42   TRP A CD2 1 
ATOM   324  N NE1 . TRP A  1 42 ? -19.106 12.017  12.700  1.00 32.36 ? 42   TRP A NE1 1 
ATOM   325  C CE2 . TRP A  1 42 ? -17.940 12.731  12.621  1.00 32.34 ? 42   TRP A CE2 1 
ATOM   326  C CE3 . TRP A  1 42 ? -15.568 12.353  12.963  1.00 31.00 ? 42   TRP A CE3 1 
ATOM   327  C CZ2 . TRP A  1 42 ? -17.724 14.068  12.255  1.00 31.88 ? 42   TRP A CZ2 1 
ATOM   328  C CZ3 . TRP A  1 42 ? -15.352 13.680  12.595  1.00 30.74 ? 42   TRP A CZ3 1 
ATOM   329  C CH2 . TRP A  1 42 ? -16.426 14.521  12.252  1.00 31.37 ? 42   TRP A CH2 1 
ATOM   330  N N   . LYS A  1 43 ? -14.373 10.298  15.476  1.00 26.42 ? 43   LYS A N   1 
ATOM   331  C CA  . LYS A  1 43 ? -13.495 11.434  15.759  1.00 25.78 ? 43   LYS A CA  1 
ATOM   332  C C   . LYS A  1 43 ? -12.607 11.751  14.534  1.00 24.18 ? 43   LYS A C   1 
ATOM   333  O O   . LYS A  1 43 ? -12.228 10.833  13.804  1.00 24.18 ? 43   LYS A O   1 
ATOM   334  C CB  . LYS A  1 43 ? -12.656 11.163  16.997  1.00 25.79 ? 43   LYS A CB  1 
ATOM   335  C CG  . LYS A  1 43 ? -11.727 10.003  16.886  1.00 27.59 ? 43   LYS A CG  1 
ATOM   336  C CD  . LYS A  1 43 ? -10.954 9.846   18.172  1.00 34.03 ? 43   LYS A CD  1 
ATOM   337  C CE  . LYS A  1 43 ? -10.295 8.473   18.224  1.00 37.39 ? 43   LYS A CE  1 
ATOM   338  N NZ  . LYS A  1 43 ? -9.691  8.173   19.559  1.00 40.44 ? 43   LYS A NZ  1 
ATOM   339  N N   . PRO A  1 44 ? -12.283 13.044  14.312  1.00 23.34 ? 44   PRO A N   1 
ATOM   340  C CA  . PRO A  1 44 ? -11.477 13.389  13.157  1.00 23.04 ? 44   PRO A CA  1 
ATOM   341  C C   . PRO A  1 44 ? -10.063 12.884  13.326  1.00 22.06 ? 44   PRO A C   1 
ATOM   342  O O   . PRO A  1 44 ? -9.579  12.731  14.459  1.00 22.08 ? 44   PRO A O   1 
ATOM   343  C CB  . PRO A  1 44 ? -11.481 14.918  13.169  1.00 23.33 ? 44   PRO A CB  1 
ATOM   344  C CG  . PRO A  1 44 ? -11.697 15.276  14.573  1.00 21.93 ? 44   PRO A CG  1 
ATOM   345  C CD  . PRO A  1 44 ? -12.666 14.246  15.075  1.00 24.35 ? 44   PRO A CD  1 
ATOM   346  N N   . LYS A  1 45 ? -9.419  12.633  12.205  1.00 21.29 ? 45   LYS A N   1 
ATOM   347  C CA  . LYS A  1 45 ? -8.054  12.155  12.145  1.00 21.69 ? 45   LYS A CA  1 
ATOM   348  C C   . LYS A  1 45 ? -7.465  12.676  10.829  1.00 21.56 ? 45   LYS A C   1 
ATOM   349  O O   . LYS A  1 45 ? -8.215  12.909  9.866   1.00 21.53 ? 45   LYS A O   1 
ATOM   350  C CB  . LYS A  1 45 ? -8.068  10.623  12.140  1.00 21.66 ? 45   LYS A CB  1 
ATOM   351  C CG  . LYS A  1 45 ? -6.697  9.955   12.209  1.00 23.72 ? 45   LYS A CG  1 
ATOM   352  C CD  . LYS A  1 45 ? -6.881  8.429   12.140  1.00 26.70 ? 45   LYS A CD  1 
ATOM   353  C CE  . LYS A  1 45 ? -5.578  7.683   11.993  1.00 29.02 ? 45   LYS A CE  1 
ATOM   354  N NZ  . LYS A  1 45 ? -4.826  7.757   13.270  1.00 29.23 ? 45   LYS A NZ  1 
ATOM   355  N N   . MET A  1 46 ? -6.151  12.881  10.784  1.00 21.68 ? 46   MET A N   1 
ATOM   356  C CA  . MET A  1 46 ? -5.470  13.200  9.522   1.00 21.96 ? 46   MET A CA  1 
ATOM   357  C C   . MET A  1 46 ? -4.589  12.042  9.119   1.00 23.02 ? 46   MET A C   1 
ATOM   358  O O   . MET A  1 46 ? -3.886  11.501  9.950   1.00 23.16 ? 46   MET A O   1 
ATOM   359  C CB  . MET A  1 46 ? -4.629  14.466  9.667   1.00 23.17 ? 46   MET A CB  1 
ATOM   360  C CG  . MET A  1 46 ? -5.458  15.671  9.857   1.00 23.68 ? 46   MET A CG  1 
ATOM   361  S SD  . MET A  1 46 ? -5.997  16.357  8.261   1.00 26.40 ? 46   MET A SD  1 
ATOM   362  C CE  . MET A  1 46 ? -6.567  17.899  8.981   1.00 26.06 ? 46   MET A CE  1 
ATOM   363  N N   . ILE A  1 47 ? -4.657  11.638  7.853   1.00 21.96 ? 47   ILE A N   1 
ATOM   364  C CA  . ILE A  1 47 ? -3.768  10.593  7.348   1.00 22.46 ? 47   ILE A CA  1 
ATOM   365  C C   . ILE A  1 47 ? -3.057  11.104  6.127   1.00 23.72 ? 47   ILE A C   1 
ATOM   366  O O   . ILE A  1 47 ? -3.640  11.851  5.327   1.00 22.64 ? 47   ILE A O   1 
ATOM   367  C CB  . ILE A  1 47 ? -4.513  9.282   7.019   1.00 22.53 ? 47   ILE A CB  1 
ATOM   368  C CG1 . ILE A  1 47 ? -5.641  9.539   5.994   1.00 24.05 ? 47   ILE A CG1 1 
ATOM   369  C CG2 . ILE A  1 47 ? -4.998  8.610   8.326   1.00 21.66 ? 47   ILE A CG2 1 
ATOM   370  C CD1 . ILE A  1 47 ? -6.451  8.274   5.610   1.00 26.46 ? 47   ILE A CD1 1 
ATOM   371  N N   . GLY A  1 48 ? -1.784  10.720  6.000   1.00 24.36 ? 48   GLY A N   1 
ATOM   372  C CA  . GLY A  1 48 ? -0.908  11.256  4.959   1.00 26.08 ? 48   GLY A CA  1 
ATOM   373  C C   . GLY A  1 48 ? -0.367  10.185  4.034   1.00 27.02 ? 48   GLY A C   1 
ATOM   374  O O   . GLY A  1 48 ? -0.095  9.068   4.453   1.00 27.88 ? 48   GLY A O   1 
ATOM   375  N N   . GLY A  1 49 ? -0.231  10.523  2.764   1.00 27.95 ? 49   GLY A N   1 
ATOM   376  C CA  . GLY A  1 49 ? 0.425   9.643   1.809   1.00 27.49 ? 49   GLY A CA  1 
ATOM   377  C C   . GLY A  1 49 ? 1.020   10.442  0.674   1.00 28.18 ? 49   GLY A C   1 
ATOM   378  O O   . GLY A  1 49 ? 1.350   11.655  0.827   1.00 27.67 ? 49   GLY A O   1 
ATOM   379  N N   . ILE A  1 50 ? 1.156   9.784   -0.471  1.00 27.49 ? 50   ILE A N   1 
ATOM   380  C CA  . ILE A  1 50 ? 1.529   10.500  -1.694  1.00 28.61 ? 50   ILE A CA  1 
ATOM   381  C C   . ILE A  1 50 ? 0.484   11.570  -2.055  1.00 27.45 ? 50   ILE A C   1 
ATOM   382  O O   . ILE A  1 50 ? -0.718  11.301  -2.139  1.00 27.67 ? 50   ILE A O   1 
ATOM   383  C CB  . ILE A  1 50 ? 1.842   9.548   -2.880  1.00 29.26 ? 50   ILE A CB  1 
ATOM   384  C CG1 . ILE A  1 50 ? 3.339   9.229   -2.843  1.00 31.06 ? 50   ILE A CG1 1 
ATOM   385  C CG2 . ILE A  1 50 ? 1.531   10.252  -4.234  1.00 28.89 ? 50   ILE A CG2 1 
ATOM   386  C CD1 . ILE A  1 50 ? 3.743   7.878   -3.228  1.00 33.58 ? 50   ILE A CD1 1 
ATOM   387  N N   . GLY A  1 51 ? 0.947   12.797  -2.203  1.00 27.94 ? 51   GLY A N   1 
ATOM   388  C CA  . GLY A  1 51 ? 0.036   13.895  -2.482  1.00 27.88 ? 51   GLY A CA  1 
ATOM   389  C C   . GLY A  1 51 ? -0.349  14.662  -1.234  1.00 27.79 ? 51   GLY A C   1 
ATOM   390  O O   . GLY A  1 51 ? -0.976  15.719  -1.335  1.00 28.44 ? 51   GLY A O   1 
ATOM   391  N N   . GLY A  1 52 ? 0.046   14.172  -0.061  1.00 26.29 ? 52   GLY A N   1 
ATOM   392  C CA  . GLY A  1 52 ? -0.246  14.899  1.179   1.00 25.87 ? 52   GLY A CA  1 
ATOM   393  C C   . GLY A  1 52 ? -1.296  14.254  2.055   1.00 24.63 ? 52   GLY A C   1 
ATOM   394  O O   . GLY A  1 52 ? -1.524  13.042  1.962   1.00 23.79 ? 52   GLY A O   1 
ATOM   395  N N   . PHE A  1 53 ? -1.923  15.068  2.908   1.00 23.98 ? 53   PHE A N   1 
ATOM   396  C CA  . PHE A  1 53 ? -2.888  14.600  3.932   1.00 24.02 ? 53   PHE A CA  1 
ATOM   397  C C   . PHE A  1 53 ? -4.354  14.841  3.567   1.00 24.13 ? 53   PHE A C   1 
ATOM   398  O O   . PHE A  1 53 ? -4.687  15.835  2.909   1.00 25.04 ? 53   PHE A O   1 
ATOM   399  C CB  . PHE A  1 53 ? -2.647  15.320  5.273   1.00 23.62 ? 53   PHE A CB  1 
ATOM   400  C CG  . PHE A  1 53 ? -1.395  14.894  5.971   1.00 25.35 ? 53   PHE A CG  1 
ATOM   401  C CD1 . PHE A  1 53 ? -1.448  14.018  7.039   1.00 25.45 ? 53   PHE A CD1 1 
ATOM   402  C CD2 . PHE A  1 53 ? -0.145  15.359  5.528   1.00 27.30 ? 53   PHE A CD2 1 
ATOM   403  C CE1 . PHE A  1 53 ? -0.287  13.595  7.671   1.00 25.61 ? 53   PHE A CE1 1 
ATOM   404  C CE2 . PHE A  1 53 ? 1.012   14.971  6.176   1.00 27.38 ? 53   PHE A CE2 1 
ATOM   405  C CZ  . PHE A  1 53 ? 0.941   14.080  7.239   1.00 26.81 ? 53   PHE A CZ  1 
ATOM   406  N N   . ILE A  1 54 ? -5.221  13.947  4.045   1.00 23.67 ? 54   ILE A N   1 
ATOM   407  C CA  . ILE A  1 54 ? -6.661  14.147  4.053   1.00 22.62 ? 54   ILE A CA  1 
ATOM   408  C C   . ILE A  1 54 ? -7.194  13.987  5.480   1.00 22.58 ? 54   ILE A C   1 
ATOM   409  O O   . ILE A  1 54 ? -6.611  13.264  6.302   1.00 21.61 ? 54   ILE A O   1 
ATOM   410  C CB  . ILE A  1 54 ? -7.440  13.227  3.041   1.00 22.81 ? 54   ILE A CB  1 
ATOM   411  C CG1 . ILE A  1 54 ? -7.282  11.725  3.345   1.00 22.33 ? 54   ILE A CG1 1 
ATOM   412  C CG2 . ILE A  1 54 ? -6.979  13.565  1.586   1.00 23.37 ? 54   ILE A CG2 1 
ATOM   413  C CD1 . ILE A  1 54 ? -8.345  10.856  2.651   1.00 24.95 ? 54   ILE A CD1 1 
ATOM   414  N N   . LYS A  1 55 ? -8.288  14.694  5.763   1.00 22.22 ? 55   LYS A N   1 
ATOM   415  C CA  . LYS A  1 55 ? -9.000  14.548  7.034   1.00 21.61 ? 55   LYS A CA  1 
ATOM   416  C C   . LYS A  1 55 ? -10.049 13.465  6.821   1.00 21.88 ? 55   LYS A C   1 
ATOM   417  O O   . LYS A  1 55 ? -10.787 13.478  5.803   1.00 20.87 ? 55   LYS A O   1 
ATOM   418  C CB  . LYS A  1 55 ? -9.666  15.859  7.445   1.00 22.36 ? 55   LYS A CB  1 
ATOM   419  C CG  . LYS A  1 55 ? -10.251 15.845  8.877   1.00 23.94 ? 55   LYS A CG  1 
ATOM   420  C CD  . LYS A  1 55 ? -10.770 17.205  9.255   1.00 28.88 ? 55   LYS A CD  1 
ATOM   421  C CE  . LYS A  1 55 ? -12.108 17.523  8.556   1.00 31.17 ? 55   LYS A CE  1 
ATOM   422  N NZ  . LYS A  1 55 ? -12.536 18.947  8.767   1.00 34.38 ? 55   LYS A NZ  1 
ATOM   423  N N   . VAL A  1 56 ? -10.111 12.534  7.771   1.00 20.21 ? 56   VAL A N   1 
ATOM   424  C CA  . VAL A  1 56 ? -11.090 11.450  7.749   1.00 21.00 ? 56   VAL A CA  1 
ATOM   425  C C   . VAL A  1 56 ? -11.849 11.356  9.062   1.00 20.93 ? 56   VAL A C   1 
ATOM   426  O O   . VAL A  1 56 ? -11.453 11.955  10.077  1.00 21.17 ? 56   VAL A O   1 
ATOM   427  C CB  . VAL A  1 56 ? -10.411 10.081  7.481   1.00 20.44 ? 56   VAL A CB  1 
ATOM   428  C CG1 . VAL A  1 56 ? -9.774  10.071  6.079   1.00 20.18 ? 56   VAL A CG1 1 
ATOM   429  C CG2 . VAL A  1 56 ? -9.359  9.761   8.594   1.00 21.71 ? 56   VAL A CG2 1 
ATOM   430  N N   . ARG A  1 57 ? -12.926 10.583  9.056   1.00 20.53 ? 57   ARG A N   1 
ATOM   431  C CA  . ARG A  1 57 ? -13.653 10.301  10.290  1.00 20.25 ? 57   ARG A CA  1 
ATOM   432  C C   . ARG A  1 57 ? -13.238 8.943   10.780  1.00 20.47 ? 57   ARG A C   1 
ATOM   433  O O   . ARG A  1 57 ? -13.295 7.977   10.020  1.00 21.41 ? 57   ARG A O   1 
ATOM   434  C CB  . ARG A  1 57 ? -15.170 10.334  10.032  1.00 19.89 ? 57   ARG A CB  1 
ATOM   435  C CG  . ARG A  1 57 ? -15.602 11.583  9.307   1.00 22.56 ? 57   ARG A CG  1 
ATOM   436  C CD  . ARG A  1 57 ? -17.115 11.811  9.393   1.00 27.96 ? 57   ARG A CD  1 
ATOM   437  N NE  . ARG A  1 57 ? -17.889 10.619  9.069   1.00 31.96 ? 57   ARG A NE  1 
ATOM   438  C CZ  . ARG A  1 57 ? -18.178 10.195  7.839   1.00 33.61 ? 57   ARG A CZ  1 
ATOM   439  N NH1 . ARG A  1 57 ? -17.755 10.846  6.762   1.00 32.53 ? 57   ARG A NH1 1 
ATOM   440  N NH2 . ARG A  1 57 ? -18.921 9.097   7.695   1.00 35.02 ? 57   ARG A NH2 1 
ATOM   441  N N   . GLN A  1 58 ? -12.811 8.845   12.041  1.00 20.18 ? 58   GLN A N   1 
ATOM   442  C CA  . GLN A  1 58 ? -12.384 7.561   12.571  1.00 20.69 ? 58   GLN A CA  1 
ATOM   443  C C   . GLN A  1 58 ? -13.512 6.899   13.358  1.00 21.39 ? 58   GLN A C   1 
ATOM   444  O O   . GLN A  1 58 ? -13.946 7.463   14.351  1.00 20.93 ? 58   GLN A O   1 
ATOM   445  C CB  . GLN A  1 58 ? -11.208 7.726   13.515  1.00 20.48 ? 58   GLN A CB  1 
ATOM   446  C CG  . GLN A  1 58 ? -10.905 6.460   14.322  1.00 21.71 ? 58   GLN A CG  1 
ATOM   447  C CD  . GLN A  1 58 ? -9.770  6.671   15.302  1.00 27.86 ? 58   GLN A CD  1 
ATOM   448  O OE1 . GLN A  1 58 ? -8.906  7.546   15.103  1.00 27.24 ? 58   GLN A OE1 1 
ATOM   449  N NE2 . GLN A  1 58 ? -9.744  5.858   16.352  1.00 29.21 ? 58   GLN A NE2 1 
ATOM   450  N N   . TYR A  1 59 ? -13.937 5.709   12.915  1.00 22.11 ? 59   TYR A N   1 
ATOM   451  C CA  . TYR A  1 59 ? -14.952 4.893   13.607  1.00 23.66 ? 59   TYR A CA  1 
ATOM   452  C C   . TYR A  1 59 ? -14.284 3.649   14.204  1.00 24.23 ? 59   TYR A C   1 
ATOM   453  O O   . TYR A  1 59 ? -13.577 2.957   13.506  1.00 24.19 ? 59   TYR A O   1 
ATOM   454  C CB  . TYR A  1 59 ? -16.016 4.427   12.617  1.00 24.09 ? 59   TYR A CB  1 
ATOM   455  C CG  . TYR A  1 59 ? -16.890 5.515   12.027  1.00 25.62 ? 59   TYR A CG  1 
ATOM   456  C CD1 . TYR A  1 59 ? -18.128 5.820   12.605  1.00 27.00 ? 59   TYR A CD1 1 
ATOM   457  C CD2 . TYR A  1 59 ? -16.490 6.231   10.892  1.00 25.17 ? 59   TYR A CD2 1 
ATOM   458  C CE1 . TYR A  1 59 ? -18.958 6.805   12.059  1.00 26.89 ? 59   TYR A CE1 1 
ATOM   459  C CE2 . TYR A  1 59 ? -17.300 7.230   10.353  1.00 26.21 ? 59   TYR A CE2 1 
ATOM   460  C CZ  . TYR A  1 59 ? -18.529 7.507   10.931  1.00 27.46 ? 59   TYR A CZ  1 
ATOM   461  O OH  . TYR A  1 59 ? -19.327 8.488   10.368  1.00 29.84 ? 59   TYR A OH  1 
ATOM   462  N N   . ASP A  1 60 ? -14.502 3.370   15.484  1.00 24.30 ? 60   ASP A N   1 
ATOM   463  C CA  . ASP A  1 60 ? -13.964 2.155   16.106  1.00 26.17 ? 60   ASP A CA  1 
ATOM   464  C C   . ASP A  1 60 ? -15.005 1.020   16.116  1.00 26.51 ? 60   ASP A C   1 
ATOM   465  O O   . ASP A  1 60 ? -16.206 1.255   15.916  1.00 25.80 ? 60   ASP A O   1 
ATOM   466  C CB  . ASP A  1 60 ? -13.481 2.440   17.536  1.00 26.86 ? 60   ASP A CB  1 
ATOM   467  C CG  . ASP A  1 60 ? -12.343 3.435   17.585  1.00 30.43 ? 60   ASP A CG  1 
ATOM   468  O OD1 . ASP A  1 60 ? -11.612 3.620   16.582  1.00 32.93 ? 60   ASP A OD1 1 
ATOM   469  O OD2 . ASP A  1 60 ? -12.167 4.036   18.655  1.00 35.65 ? 60   ASP A OD2 1 
ATOM   470  N N   . GLN A  1 61 ? -14.538 -0.203  16.344  1.00 26.44 ? 61   GLN A N   1 
ATOM   471  C CA  . GLN A  1 61 ? -15.424 -1.365  16.505  1.00 27.25 ? 61   GLN A CA  1 
ATOM   472  C C   . GLN A  1 61 ? -16.357 -1.559  15.318  1.00 27.04 ? 61   GLN A C   1 
ATOM   473  O O   . GLN A  1 61 ? -17.544 -1.859  15.499  1.00 27.23 ? 61   GLN A O   1 
ATOM   474  C CB  . GLN A  1 61 ? -16.249 -1.259  17.797  1.00 27.23 ? 61   GLN A CB  1 
ATOM   475  C CG  . GLN A  1 61 ? -15.420 -0.970  19.045  1.00 31.99 ? 61   GLN A CG  1 
ATOM   476  C CD  . GLN A  1 61 ? -16.099 -1.425  20.328  1.00 37.43 ? 61   GLN A CD  1 
ATOM   477  O OE1 . GLN A  1 61 ? -17.253 -1.854  20.319  1.00 40.94 ? 61   GLN A OE1 1 
ATOM   478  N NE2 . GLN A  1 61 ? -15.374 -1.355  21.435  1.00 40.03 ? 61   GLN A NE2 1 
ATOM   479  N N   . ILE A  1 62 ? -15.828 -1.381  14.107  1.00 25.78 ? 62   ILE A N   1 
ATOM   480  C CA  . ILE A  1 62 ? -16.611 -1.602  12.889  1.00 25.56 ? 62   ILE A CA  1 
ATOM   481  C C   . ILE A  1 62 ? -16.328 -3.011  12.360  1.00 26.00 ? 62   ILE A C   1 
ATOM   482  O O   . ILE A  1 62 ? -15.177 -3.426  12.307  1.00 26.42 ? 62   ILE A O   1 
ATOM   483  C CB  . ILE A  1 62 ? -16.301 -0.540  11.784  1.00 24.68 ? 62   ILE A CB  1 
ATOM   484  C CG1 . ILE A  1 62 ? -16.555 0.904   12.287  1.00 23.99 ? 62   ILE A CG1 1 
ATOM   485  C CG2 . ILE A  1 62 ? -17.000 -0.877  10.445  1.00 24.40 ? 62   ILE A CG2 1 
ATOM   486  C CD1 . ILE A  1 62 ? -18.007 1.234   12.715  1.00 24.03 ? 62   ILE A CD1 1 
ATOM   487  N N   . ILE A  1 63 ? -17.382 -3.735  11.993  1.00 26.22 ? 63   ILE A N   1 
ATOM   488  C CA  . ILE A  1 63 ? -17.271 -5.070  11.393  1.00 27.70 ? 63   ILE A CA  1 
ATOM   489  C C   . ILE A  1 63 ? -17.325 -4.983  9.872   1.00 28.16 ? 63   ILE A C   1 
ATOM   490  O O   . ILE A  1 63 ? -18.199 -4.313  9.321   1.00 28.39 ? 63   ILE A O   1 
ATOM   491  C CB  . ILE A  1 63 ? -18.374 -6.045  11.917  1.00 27.57 ? 63   ILE A CB  1 
ATOM   492  C CG1 . ILE A  1 63 ? -18.285 -6.215  13.440  1.00 29.60 ? 63   ILE A CG1 1 
ATOM   493  C CG2 . ILE A  1 63 ? -18.287 -7.406  11.227  1.00 28.70 ? 63   ILE A CG2 1 
ATOM   494  C CD1 . ILE A  1 63 ? -19.662 -6.296  14.140  1.00 30.18 ? 63   ILE A CD1 1 
ATOM   495  N N   . ILE A  1 64 ? -16.351 -5.608  9.210   1.00 29.18 ? 64   ILE A N   1 
ATOM   496  C CA  . ILE A  1 64 ? -16.287 -5.716  7.749   1.00 30.42 ? 64   ILE A CA  1 
ATOM   497  C C   . ILE A  1 64 ? -16.090 -7.174  7.430   1.00 31.16 ? 64   ILE A C   1 
ATOM   498  O O   . ILE A  1 64 ? -15.274 -7.847  8.075   1.00 32.33 ? 64   ILE A O   1 
ATOM   499  C CB  . ILE A  1 64 ? -15.066 -4.993  7.113   1.00 29.84 ? 64   ILE A CB  1 
ATOM   500  C CG1 . ILE A  1 64 ? -15.011 -3.518  7.478   1.00 31.13 ? 64   ILE A CG1 1 
ATOM   501  C CG2 . ILE A  1 64 ? -15.074 -5.104  5.571   1.00 31.11 ? 64   ILE A CG2 1 
ATOM   502  C CD1 . ILE A  1 64 ? -14.004 -2.769  6.644   1.00 29.43 ? 64   ILE A CD1 1 
ATOM   503  N N   . GLU A  1 65 ? -16.804 -7.663  6.423   1.00 31.29 ? 65   GLU A N   1 
ATOM   504  C CA  . GLU A  1 65 ? -16.520 -8.978  5.886   1.00 32.28 ? 65   GLU A CA  1 
ATOM   505  C C   . GLU A  1 65 ? -15.558 -8.745  4.730   1.00 32.03 ? 65   GLU A C   1 
ATOM   506  O O   . GLU A  1 65 ? -15.870 -7.981  3.824   1.00 32.42 ? 65   GLU A O   1 
ATOM   507  C CB  . GLU A  1 65 ? -17.804 -9.636  5.398   1.00 32.87 ? 65   GLU A CB  1 
ATOM   508  C CG  . GLU A  1 65 ? -18.928 -9.669  6.441   1.00 37.96 ? 65   GLU A CG  1 
ATOM   509  C CD  . GLU A  1 65 ? -18.796 -10.807 7.453   1.00 43.33 ? 65   GLU A CD  1 
ATOM   510  O OE1 . GLU A  1 65 ? -17.871 -11.644 7.279   1.00 46.37 ? 65   GLU A OE1 1 
ATOM   511  O OE2 . GLU A  1 65 ? -19.626 -10.868 8.403   1.00 43.37 ? 65   GLU A OE2 1 
ATOM   512  N N   . ILE A  1 66 ? -14.377 -9.357  4.775   1.00 31.94 ? 66   ILE A N   1 
ATOM   513  C CA  . ILE A  1 66 ? -13.366 -9.154  3.718   1.00 31.51 ? 66   ILE A CA  1 
ATOM   514  C C   . ILE A  1 66 ? -13.195 -10.469 2.979   1.00 32.56 ? 66   ILE A C   1 
ATOM   515  O O   . ILE A  1 66 ? -12.693 -11.453 3.554   1.00 32.51 ? 66   ILE A O   1 
ATOM   516  C CB  . ILE A  1 66 ? -11.990 -8.717  4.275   1.00 31.81 ? 66   ILE A CB  1 
ATOM   517  C CG1 . ILE A  1 66 ? -12.110 -7.447  5.110   1.00 31.78 ? 66   ILE A CG1 1 
ATOM   518  C CG2 . ILE A  1 66 ? -10.994 -8.466  3.118   1.00 29.98 ? 66   ILE A CG2 1 
ATOM   519  C CD1 . ILE A  1 66 ? -11.120 -7.388  6.252   1.00 32.01 ? 66   ILE A CD1 1 
ATOM   520  N N   . ALA A  1 67 ? -13.619 -10.497 1.712   1.00 32.55 ? 67   ALA A N   1 
ATOM   521  C CA  . ALA A  1 67 ? -13.543 -11.719 0.925   1.00 33.26 ? 67   ALA A CA  1 
ATOM   522  C C   . ALA A  1 67 ? -14.083 -12.888 1.757   1.00 33.58 ? 67   ALA A C   1 
ATOM   523  O O   . ALA A  1 67 ? -13.451 -13.936 1.837   1.00 34.48 ? 67   ALA A O   1 
ATOM   524  C CB  . ALA A  1 67 ? -12.087 -11.972 0.486   1.00 33.11 ? 67   ALA A CB  1 
ATOM   525  N N   . GLY A  1 68 ? -15.223 -12.682 2.417   1.00 33.63 ? 68   GLY A N   1 
ATOM   526  C CA  . GLY A  1 68 ? -15.877 -13.738 3.202   1.00 34.62 ? 68   GLY A CA  1 
ATOM   527  C C   . GLY A  1 68 ? -15.344 -14.015 4.605   1.00 35.02 ? 68   GLY A C   1 
ATOM   528  O O   . GLY A  1 68 ? -15.853 -14.918 5.276   1.00 34.91 ? 68   GLY A O   1 
ATOM   529  N N   . HIS A  1 69 ? -14.313 -13.270 5.034   1.00 34.44 ? 69   HIS A N   1 
ATOM   530  C CA  . HIS A  1 69 ? -13.815 -13.310 6.423   1.00 33.80 ? 69   HIS A CA  1 
ATOM   531  C C   . HIS A  1 69 ? -14.265 -12.097 7.213   1.00 33.47 ? 69   HIS A C   1 
ATOM   532  O O   . HIS A  1 69 ? -14.007 -10.956 6.808   1.00 33.31 ? 69   HIS A O   1 
ATOM   533  C CB  . HIS A  1 69 ? -12.282 -13.303 6.469   1.00 34.33 ? 69   HIS A CB  1 
ATOM   534  C CG  . HIS A  1 69 ? -11.644 -14.503 5.848   1.00 36.60 ? 69   HIS A CG  1 
ATOM   535  N ND1 . HIS A  1 69 ? -11.463 -14.626 4.489   1.00 38.73 ? 69   HIS A ND1 1 
ATOM   536  C CD2 . HIS A  1 69 ? -11.138 -15.630 6.400   1.00 38.56 ? 69   HIS A CD2 1 
ATOM   537  C CE1 . HIS A  1 69 ? -10.865 -15.774 4.227   1.00 39.69 ? 69   HIS A CE1 1 
ATOM   538  N NE2 . HIS A  1 69 ? -10.653 -16.401 5.371   1.00 41.45 ? 69   HIS A NE2 1 
ATOM   539  N N   . LYS A  1 70 ? -14.870 -12.348 8.368   1.00 32.64 ? 70   LYS A N   1 
ATOM   540  C CA  . LYS A  1 70 ? -15.280 -11.298 9.284   1.00 32.41 ? 70   LYS A CA  1 
ATOM   541  C C   . LYS A  1 70 ? -14.083 -10.735 10.047  1.00 31.56 ? 70   LYS A C   1 
ATOM   542  O O   . LYS A  1 70 ? -13.297 -11.491 10.626  1.00 31.34 ? 70   LYS A O   1 
ATOM   543  C CB  . LYS A  1 70 ? -16.293 -11.857 10.277  1.00 33.25 ? 70   LYS A CB  1 
ATOM   544  C CG  . LYS A  1 70 ? -17.043 -10.798 11.023  1.00 35.88 ? 70   LYS A CG  1 
ATOM   545  C CD  . LYS A  1 70 ? -17.655 -11.327 12.318  1.00 41.44 ? 70   LYS A CD  1 
ATOM   546  C CE  . LYS A  1 70 ? -19.038 -11.929 12.104  1.00 43.47 ? 70   LYS A CE  1 
ATOM   547  N NZ  . LYS A  1 70 ? -19.548 -12.541 13.381  1.00 46.51 ? 70   LYS A NZ  1 
ATOM   548  N N   . ALA A  1 71 ? -13.933 -9.413  10.044  1.00 29.96 ? 71   ALA A N   1 
ATOM   549  C CA  . ALA A  1 71 ? -12.928 -8.753  10.885  1.00 28.38 ? 71   ALA A CA  1 
ATOM   550  C C   . ALA A  1 71 ? -13.551 -7.563  11.592  1.00 28.18 ? 71   ALA A C   1 
ATOM   551  O O   . ALA A  1 71 ? -14.528 -6.988  11.088  1.00 28.64 ? 71   ALA A O   1 
ATOM   552  C CB  . ALA A  1 71 ? -11.726 -8.304  10.052  1.00 28.33 ? 71   ALA A CB  1 
ATOM   553  N N   . ILE A  1 72 ? -13.000 -7.200  12.752  1.00 25.93 ? 72   ILE A N   1 
ATOM   554  C CA  . ILE A  1 72 ? -13.473 -6.013  13.485  1.00 24.98 ? 72   ILE A CA  1 
ATOM   555  C C   . ILE A  1 72 ? -12.291 -5.095  13.802  1.00 23.92 ? 72   ILE A C   1 
ATOM   556  O O   . ILE A  1 72 ? -11.202 -5.562  14.141  1.00 22.95 ? 72   ILE A O   1 
ATOM   557  C CB  . ILE A  1 72 ? -14.320 -6.363  14.761  1.00 24.57 ? 72   ILE A CB  1 
ATOM   558  C CG1 . ILE A  1 72 ? -15.000 -5.107  15.340  1.00 24.47 ? 72   ILE A CG1 1 
ATOM   559  C CG2 . ILE A  1 72 ? -13.469 -7.074  15.846  1.00 24.93 ? 72   ILE A CG2 1 
ATOM   560  C CD1 . ILE A  1 72 ? -16.178 -5.368  16.302  1.00 26.35 ? 72   ILE A CD1 1 
ATOM   561  N N   . GLY A  1 73 ? -12.503 -3.792  13.666  1.00 23.74 ? 73   GLY A N   1 
ATOM   562  C CA  . GLY A  1 73 ? -11.471 -2.820  14.065  1.00 23.40 ? 73   GLY A CA  1 
ATOM   563  C C   . GLY A  1 73 ? -11.838 -1.414  13.615  1.00 23.50 ? 73   GLY A C   1 
ATOM   564  O O   . GLY A  1 73 ? -12.984 -1.145  13.276  1.00 23.43 ? 73   GLY A O   1 
ATOM   565  N N   . THR A  1 74 ? -10.854 -0.521  13.616  1.00 22.95 ? 74   THR A N   1 
ATOM   566  C CA  . THR A  1 74 ? -11.071 0.877   13.277  1.00 22.72 ? 74   THR A CA  1 
ATOM   567  C C   . THR A  1 74 ? -11.228 1.025   11.780  1.00 23.12 ? 74   THR A C   1 
ATOM   568  O O   . THR A  1 74 ? -10.482 0.417   11.021  1.00 23.71 ? 74   THR A O   1 
ATOM   569  C CB  . THR A  1 74 ? -9.884  1.706   13.770  1.00 23.46 ? 74   THR A CB  1 
ATOM   570  O OG1 . THR A  1 74 ? -9.921  1.697   15.196  1.00 24.19 ? 74   THR A OG1 1 
ATOM   571  C CG2 . THR A  1 74 ? -9.952  3.169   13.244  1.00 21.35 ? 74   THR A CG2 1 
ATOM   572  N N   . VAL A  1 75 ? -12.215 1.806   11.349  1.00 22.50 ? 75   VAL A N   1 
ATOM   573  C CA  . VAL A  1 75 ? -12.401 2.084   9.915   1.00 21.84 ? 75   VAL A CA  1 
ATOM   574  C C   . VAL A  1 75 ? -12.426 3.591   9.746   1.00 22.29 ? 75   VAL A C   1 
ATOM   575  O O   . VAL A  1 75 ? -13.176 4.269   10.435  1.00 22.49 ? 75   VAL A O   1 
ATOM   576  C CB  . VAL A  1 75 ? -13.682 1.451   9.337   1.00 22.48 ? 75   VAL A CB  1 
ATOM   577  C CG1 . VAL A  1 75 ? -13.938 1.988   7.924   1.00 18.63 ? 75   VAL A CG1 1 
ATOM   578  C CG2 . VAL A  1 75 ? -13.582 -0.102  9.400   1.00 21.95 ? 75   VAL A CG2 1 
ATOM   579  N N   . LEU A  1 76 ? -11.536 4.108   8.904   1.00 21.62 ? 76   LEU A N   1 
ATOM   580  C CA  . LEU A  1 76 ? -11.514 5.524   8.613   1.00 20.32 ? 76   LEU A CA  1 
ATOM   581  C C   . LEU A  1 76 ? -12.377 5.756   7.381   1.00 21.68 ? 76   LEU A C   1 
ATOM   582  O O   . LEU A  1 76 ? -12.335 4.964   6.433   1.00 22.68 ? 76   LEU A O   1 
ATOM   583  C CB  . LEU A  1 76 ? -10.086 6.008   8.361   1.00 20.79 ? 76   LEU A CB  1 
ATOM   584  C CG  . LEU A  1 76 ? -9.051  5.565   9.442   1.00 20.21 ? 76   LEU A CG  1 
ATOM   585  C CD1 . LEU A  1 76 ? -7.665  6.062   9.140   1.00 21.29 ? 76   LEU A CD1 1 
ATOM   586  C CD2 . LEU A  1 76 ? -9.517  6.089   10.776  1.00 20.27 ? 76   LEU A CD2 1 
ATOM   587  N N   . VAL A  1 77 ? -13.136 6.843   7.385   1.00 20.67 ? 77   VAL A N   1 
ATOM   588  C CA  . VAL A  1 77 ? -13.990 7.159   6.238   1.00 21.08 ? 77   VAL A CA  1 
ATOM   589  C C   . VAL A  1 77 ? -13.690 8.581   5.790   1.00 20.99 ? 77   VAL A C   1 
ATOM   590  O O   . VAL A  1 77 ? -13.649 9.497   6.605   1.00 21.22 ? 77   VAL A O   1 
ATOM   591  C CB  . VAL A  1 77 ? -15.493 6.956   6.568   1.00 20.90 ? 77   VAL A CB  1 
ATOM   592  C CG1 . VAL A  1 77 ? -16.363 7.392   5.398   1.00 21.17 ? 77   VAL A CG1 1 
ATOM   593  C CG2 . VAL A  1 77 ? -15.764 5.495   6.926   1.00 21.99 ? 77   VAL A CG2 1 
ATOM   594  N N   . GLY A  1 78 ? -13.456 8.765   4.494   1.00 22.00 ? 78   GLY A N   1 
ATOM   595  C CA  . GLY A  1 78 ? -13.065 10.077  3.997   1.00 21.35 ? 78   GLY A CA  1 
ATOM   596  C C   . GLY A  1 78 ? -12.932 10.130  2.491   1.00 22.37 ? 78   GLY A C   1 
ATOM   597  O O   . GLY A  1 78 ? -13.253 9.160   1.791   1.00 20.97 ? 78   GLY A O   1 
ATOM   598  N N   . PRO A  1 79 ? -12.450 11.273  1.976   1.00 22.01 ? 79   PRO A N   1 
ATOM   599  C CA  . PRO A  1 79 ? -12.333 11.444  0.538   1.00 23.09 ? 79   PRO A CA  1 
ATOM   600  C C   . PRO A  1 79 ? -11.109 10.739  -0.034  1.00 23.44 ? 79   PRO A C   1 
ATOM   601  O O   . PRO A  1 79 ? -10.273 11.361  -0.682  1.00 24.74 ? 79   PRO A O   1 
ATOM   602  C CB  . PRO A  1 79 ? -12.240 12.974  0.378   1.00 23.21 ? 79   PRO A CB  1 
ATOM   603  C CG  . PRO A  1 79 ? -11.589 13.444  1.633   1.00 23.47 ? 79   PRO A CG  1 
ATOM   604  C CD  . PRO A  1 79 ? -12.084 12.493  2.723   1.00 22.80 ? 79   PRO A CD  1 
ATOM   605  N N   . THR A  1 80 ? -11.017 9.431   0.192   1.00 23.69 ? 80   THR A N   1 
ATOM   606  C CA  . THR A  1 80 ? -10.022 8.618   -0.472  1.00 24.16 ? 80   THR A CA  1 
ATOM   607  C C   . THR A  1 80 ? -10.538 8.254   -1.874  1.00 24.69 ? 80   THR A C   1 
ATOM   608  O O   . THR A  1 80 ? -11.718 7.969   -2.043  1.00 24.34 ? 80   THR A O   1 
ATOM   609  C CB  . THR A  1 80 ? -9.712  7.317   0.320   1.00 23.44 ? 80   THR A CB  1 
ATOM   610  O OG1 . THR A  1 80 ? -8.853  6.486   -0.469  1.00 24.45 ? 80   THR A OG1 1 
ATOM   611  C CG2 . THR A  1 80 ? -10.987 6.564   0.663   1.00 23.19 ? 80   THR A CG2 1 
ATOM   612  N N   . PRO A  1 81 ? -9.648  8.210   -2.875  1.00 25.56 ? 81   PRO A N   1 
ATOM   613  C CA  . PRO A  1 81 ? -10.124 7.801   -4.199  1.00 25.77 ? 81   PRO A CA  1 
ATOM   614  C C   . PRO A  1 81 ? -10.347 6.276   -4.340  1.00 26.43 ? 81   PRO A C   1 
ATOM   615  O O   . PRO A  1 81 ? -11.027 5.840   -5.278  1.00 27.30 ? 81   PRO A O   1 
ATOM   616  C CB  . PRO A  1 81 ? -9.005  8.295   -5.124  1.00 25.79 ? 81   PRO A CB  1 
ATOM   617  C CG  . PRO A  1 81 ? -7.803  8.165   -4.326  1.00 26.45 ? 81   PRO A CG  1 
ATOM   618  C CD  . PRO A  1 81 ? -8.208  8.528   -2.893  1.00 26.10 ? 81   PRO A CD  1 
ATOM   619  N N   . VAL A  1 82 ? -9.781  5.482   -3.429  1.00 25.81 ? 82   VAL A N   1 
ATOM   620  C CA  . VAL A  1 82 ? -9.931  4.015   -3.471  1.00 25.70 ? 82   VAL A CA  1 
ATOM   621  C C   . VAL A  1 82 ? -10.249 3.460   -2.051  1.00 24.57 ? 82   VAL A C   1 
ATOM   622  O O   . VAL A  1 82 ? -9.842  4.045   -1.049  1.00 25.26 ? 82   VAL A O   1 
ATOM   623  C CB  . VAL A  1 82 ? -8.663  3.331   -4.033  1.00 25.98 ? 82   VAL A CB  1 
ATOM   624  C CG1 . VAL A  1 82 ? -8.362  3.766   -5.503  1.00 27.63 ? 82   VAL A CG1 1 
ATOM   625  C CG2 . VAL A  1 82 ? -7.461  3.613   -3.127  1.00 29.03 ? 82   VAL A CG2 1 
ATOM   626  N N   . ASN A  1 83 ? -10.985 2.361   -1.966  1.00 23.89 ? 83   ASN A N   1 
ATOM   627  C CA  . ASN A  1 83 ? -11.197 1.695   -0.677  1.00 22.81 ? 83   ASN A CA  1 
ATOM   628  C C   . ASN A  1 83 ? -9.963  0.861   -0.417  1.00 23.50 ? 83   ASN A C   1 
ATOM   629  O O   . ASN A  1 83 ? -9.551  0.053   -1.291  1.00 21.94 ? 83   ASN A O   1 
ATOM   630  C CB  . ASN A  1 83 ? -12.415 0.753   -0.728  1.00 23.53 ? 83   ASN A CB  1 
ATOM   631  C CG  . ASN A  1 83 ? -13.712 1.467   -1.080  1.00 24.10 ? 83   ASN A CG  1 
ATOM   632  O OD1 . ASN A  1 83 ? -14.498 1.010   -1.957  1.00 27.96 ? 83   ASN A OD1 1 
ATOM   633  N ND2 . ASN A  1 83 ? -13.955 2.573   -0.418  1.00 24.09 ? 83   ASN A ND2 1 
ATOM   634  N N   . VAL A  1 84 ? -9.344  1.066   0.739   1.00 22.82 ? 84   VAL A N   1 
ATOM   635  C CA  . VAL A  1 84 ? -8.184  0.240   1.080   1.00 23.81 ? 84   VAL A CA  1 
ATOM   636  C C   . VAL A  1 84 ? -8.396  -0.485  2.385   1.00 23.92 ? 84   VAL A C   1 
ATOM   637  O O   . VAL A  1 84 ? -8.806  0.122   3.382   1.00 23.49 ? 84   VAL A O   1 
ATOM   638  C CB  . VAL A  1 84 ? -6.804  0.993   1.061   1.00 25.69 ? 84   VAL A CB  1 
ATOM   639  C CG1 . VAL A  1 84 ? -6.649  1.797   -0.206  1.00 25.43 ? 84   VAL A CG1 1 
ATOM   640  C CG2 . VAL A  1 84 ? -6.600  1.876   2.222   1.00 25.55 ? 84   VAL A CG2 1 
ATOM   641  N N   . ILE A  1 85 ? -8.130  -1.791  2.365   1.00 22.85 ? 85   ILE A N   1 
ATOM   642  C CA  . ILE A  1 85 ? -8.072  -2.567  3.600   1.00 23.01 ? 85   ILE A CA  1 
ATOM   643  C C   . ILE A  1 85 ? -6.618  -2.532  4.105   1.00 22.89 ? 85   ILE A C   1 
ATOM   644  O O   . ILE A  1 85 ? -5.736  -3.102  3.473   1.00 22.89 ? 85   ILE A O   1 
ATOM   645  C CB  . ILE A  1 85 ? -8.503  -4.041  3.380   1.00 23.06 ? 85   ILE A CB  1 
ATOM   646  C CG1 . ILE A  1 85 ? -9.899  -4.120  2.731   1.00 23.17 ? 85   ILE A CG1 1 
ATOM   647  C CG2 . ILE A  1 85 ? -8.365  -4.846  4.707   1.00 23.91 ? 85   ILE A CG2 1 
ATOM   648  C CD1 . ILE A  1 85 ? -10.998 -3.401  3.541   1.00 25.55 ? 85   ILE A CD1 1 
ATOM   649  N N   . GLY A  1 86 ? -6.389  -1.913  5.262   1.00 22.39 ? 86   GLY A N   1 
ATOM   650  C CA  . GLY A  1 86 ? -5.019  -1.750  5.749   1.00 20.79 ? 86   GLY A CA  1 
ATOM   651  C C   . GLY A  1 86 ? -4.637  -2.834  6.744   1.00 21.57 ? 86   GLY A C   1 
ATOM   652  O O   . GLY A  1 86 ? -5.412  -3.734  7.030   1.00 21.30 ? 86   GLY A O   1 
ATOM   653  N N   . ARG A  1 87 ? -3.428  -2.747  7.264   1.00 21.53 ? 87   ARG A N   1 
ATOM   654  C CA  . ARG A  1 87 ? -2.878  -3.800  8.134   1.00 20.70 ? 87   ARG A CA  1 
ATOM   655  C C   . ARG A  1 87 ? -3.749  -4.072  9.370   1.00 20.97 ? 87   ARG A C   1 
ATOM   656  O O   . ARG A  1 87 ? -3.796  -5.197  9.835   1.00 20.16 ? 87   ARG A O   1 
ATOM   657  C CB  . ARG A  1 87 ? -1.480  -3.392  8.587   1.00 21.16 ? 87   ARG A CB  1 
ATOM   658  C CG  . ARG A  1 87 ? -0.416  -3.416  7.458   1.00 20.59 ? 87   ARG A CG  1 
ATOM   659  C CD  . ARG A  1 87 ? 1.008   -3.176  8.036   1.00 21.59 ? 87   ARG A CD  1 
ATOM   660  N NE  . ARG A  1 87 ? 1.088   -1.898  8.755   1.00 24.21 ? 87   ARG A NE  1 
ATOM   661  C CZ  . ARG A  1 87 ? 1.095   -1.732  10.082  1.00 25.44 ? 87   ARG A CZ  1 
ATOM   662  N NH1 . ARG A  1 87 ? 1.010   -2.774  10.930  1.00 23.05 ? 87   ARG A NH1 1 
ATOM   663  N NH2 . ARG A  1 87 ? 1.141   -0.492  10.572  1.00 23.16 ? 87   ARG A NH2 1 
ATOM   664  N N   . ASN A  1 88 ? -4.443  -3.041  9.881   1.00 19.61 ? 88   ASN A N   1 
ATOM   665  C CA  . ASN A  1 88 ? -5.232  -3.209  11.119  1.00 22.09 ? 88   ASN A CA  1 
ATOM   666  C C   . ASN A  1 88 ? -6.305  -4.301  10.964  1.00 21.73 ? 88   ASN A C   1 
ATOM   667  O O   . ASN A  1 88 ? -6.635  -4.986  11.937  1.00 22.10 ? 88   ASN A O   1 
ATOM   668  C CB  . ASN A  1 88 ? -5.832  -1.884  11.605  1.00 20.33 ? 88   ASN A CB  1 
ATOM   669  C CG  . ASN A  1 88 ? -7.065  -1.478  10.819  1.00 24.07 ? 88   ASN A CG  1 
ATOM   670  O OD1 . ASN A  1 88 ? -7.023  -1.416  9.584   1.00 25.24 ? 88   ASN A OD1 1 
ATOM   671  N ND2 . ASN A  1 88 ? -8.183  -1.227  11.528  1.00 22.90 ? 88   ASN A ND2 1 
ATOM   672  N N   . LEU A  1 89 ? -6.767  -4.507  9.727   1.00 21.48 ? 89   LEU A N   1 
ATOM   673  C CA  . LEU A  1 89 ? -7.748  -5.565  9.419   1.00 21.67 ? 89   LEU A CA  1 
ATOM   674  C C   . LEU A  1 89 ? -7.135  -6.751  8.674   1.00 20.87 ? 89   LEU A C   1 
ATOM   675  O O   . LEU A  1 89 ? -7.597  -7.890  8.809   1.00 21.16 ? 89   LEU A O   1 
ATOM   676  C CB  . LEU A  1 89 ? -8.982  -4.983  8.667   1.00 22.02 ? 89   LEU A CB  1 
ATOM   677  C CG  . LEU A  1 89 ? -9.858  -3.990  9.450   1.00 24.41 ? 89   LEU A CG  1 
ATOM   678  C CD1 . LEU A  1 89 ? -11.093 -3.582  8.638   1.00 25.00 ? 89   LEU A CD1 1 
ATOM   679  C CD2 . LEU A  1 89 ? -10.306 -4.548  10.793  1.00 25.87 ? 89   LEU A CD2 1 
ATOM   680  N N   . LEU A  1 90 ? -6.093  -6.504  7.879   1.00 20.75 ? 90   LEU A N   1 
ATOM   681  C CA  . LEU A  1 90 ? -5.378  -7.607  7.219   1.00 21.03 ? 90   LEU A CA  1 
ATOM   682  C C   . LEU A  1 90 ? -4.878  -8.630  8.227   1.00 21.26 ? 90   LEU A C   1 
ATOM   683  O O   . LEU A  1 90 ? -4.935  -9.846  7.970   1.00 20.42 ? 90   LEU A O   1 
ATOM   684  C CB  . LEU A  1 90 ? -4.189  -7.087  6.377   1.00 20.48 ? 90   LEU A CB  1 
ATOM   685  C CG  . LEU A  1 90 ? -4.647  -6.286  5.136   1.00 20.59 ? 90   LEU A CG  1 
ATOM   686  C CD1 . LEU A  1 90 ? -3.415  -5.640  4.503   1.00 21.91 ? 90   LEU A CD1 1 
ATOM   687  C CD2 . LEU A  1 90 ? -5.413  -7.147  4.125   1.00 23.28 ? 90   LEU A CD2 1 
ATOM   688  N N   . THR A  1 91 ? -4.393  -8.154  9.371   1.00 21.34 ? 91   THR A N   1 
ATOM   689  C CA  . THR A  1 91 ? -3.901  -9.085  10.392  1.00 22.09 ? 91   THR A CA  1 
ATOM   690  C C   . THR A  1 91 ? -5.013  -10.033 10.851  1.00 22.57 ? 91   THR A C   1 
ATOM   691  O O   . THR A  1 91 ? -4.770  -11.226 11.155  1.00 23.08 ? 91   THR A O   1 
ATOM   692  C CB  . THR A  1 91 ? -3.345  -8.336  11.615  1.00 22.11 ? 91   THR A CB  1 
ATOM   693  O OG1 . THR A  1 91 ? -4.344  -7.444  12.141  1.00 22.04 ? 91   THR A OG1 1 
ATOM   694  C CG2 . THR A  1 91 ? -2.098  -7.557  11.213  1.00 22.48 ? 91   THR A CG2 1 
ATOM   695  N N   . GLN A  1 92 ? -6.231  -9.504  10.897  1.00 22.37 ? 92   GLN A N   1 
ATOM   696  C CA  . GLN A  1 92 ? -7.359  -10.267 11.471  1.00 22.10 ? 92   GLN A CA  1 
ATOM   697  C C   . GLN A  1 92 ? -7.833  -11.394 10.569  1.00 22.44 ? 92   GLN A C   1 
ATOM   698  O O   . GLN A  1 92 ? -8.493  -12.346 11.040  1.00 23.21 ? 92   GLN A O   1 
ATOM   699  C CB  . GLN A  1 92 ? -8.521  -9.347  11.833  1.00 20.54 ? 92   GLN A CB  1 
ATOM   700  C CG  . GLN A  1 92 ? -8.122  -8.213  12.801  1.00 20.63 ? 92   GLN A CG  1 
ATOM   701  C CD  . GLN A  1 92 ? -7.618  -8.761  14.125  1.00 21.62 ? 92   GLN A CD  1 
ATOM   702  O OE1 . GLN A  1 92 ? -6.419  -8.707  14.451  1.00 23.55 ? 92   GLN A OE1 1 
ATOM   703  N NE2 . GLN A  1 92 ? -8.523  -9.313  14.883  1.00 19.05 ? 92   GLN A NE2 1 
ATOM   704  N N   . ILE A  1 93 ? -7.533  -11.277 9.279   1.00 22.78 ? 93   ILE A N   1 
ATOM   705  C CA  . ILE A  1 93 ? -7.856  -12.371 8.354   1.00 23.53 ? 93   ILE A CA  1 
ATOM   706  C C   . ILE A  1 93 ? -6.654  -13.273 8.115   1.00 23.21 ? 93   ILE A C   1 
ATOM   707  O O   . ILE A  1 93 ? -6.727  -14.185 7.310   1.00 24.01 ? 93   ILE A O   1 
ATOM   708  C CB  . ILE A  1 93 ? -8.497  -11.876 7.022   1.00 24.09 ? 93   ILE A CB  1 
ATOM   709  C CG1 . ILE A  1 93 ? -7.460  -11.160 6.159   1.00 23.65 ? 93   ILE A CG1 1 
ATOM   710  C CG2 . ILE A  1 93 ? -9.736  -10.995 7.299   1.00 25.40 ? 93   ILE A CG2 1 
ATOM   711  C CD1 . ILE A  1 93 ? -8.011  -10.581 4.872   1.00 23.55 ? 93   ILE A CD1 1 
ATOM   712  N N   . GLY A  1 94 ? -5.570  -13.013 8.839   1.00 22.95 ? 94   GLY A N   1 
ATOM   713  C CA  . GLY A  1 94 ? -4.376  -13.840 8.799   1.00 22.60 ? 94   GLY A CA  1 
ATOM   714  C C   . GLY A  1 94 ? -3.557  -13.604 7.551   1.00 22.60 ? 94   GLY A C   1 
ATOM   715  O O   . GLY A  1 94 ? -2.846  -14.500 7.129   1.00 23.44 ? 94   GLY A O   1 
ATOM   716  N N   . ALA A  1 95 ? -3.625  -12.409 6.961   1.00 22.83 ? 95   ALA A N   1 
ATOM   717  C CA  . ALA A  1 95 ? -2.894  -12.141 5.692   1.00 23.06 ? 95   ALA A CA  1 
ATOM   718  C C   . ALA A  1 95 ? -1.393  -11.982 5.916   1.00 22.94 ? 95   ALA A C   1 
ATOM   719  O O   . ALA A  1 95 ? -0.950  -11.315 6.873   1.00 23.64 ? 95   ALA A O   1 
ATOM   720  C CB  . ALA A  1 95 ? -3.468  -10.906 4.990   1.00 23.64 ? 95   ALA A CB  1 
ATOM   721  N N   . THR A  1 96 ? -0.584  -12.583 5.044   1.00 22.66 ? 96   THR A N   1 
ATOM   722  C CA  . THR A  1 96 ? 0.869   -12.383 5.108   1.00 22.78 ? 96   THR A CA  1 
ATOM   723  C C   . THR A  1 96 ? 1.413   -12.120 3.694   1.00 22.76 ? 96   THR A C   1 
ATOM   724  O O   . THR A  1 96 ? 0.758   -12.472 2.711   1.00 22.78 ? 96   THR A O   1 
ATOM   725  C CB  . THR A  1 96 ? 1.616   -13.642 5.679   1.00 22.99 ? 96   THR A CB  1 
ATOM   726  O OG1 . THR A  1 96 ? 1.311   -14.789 4.878   1.00 22.54 ? 96   THR A OG1 1 
ATOM   727  C CG2 . THR A  1 96 ? 1.210   -13.931 7.144   1.00 21.42 ? 96   THR A CG2 1 
ATOM   728  N N   A LEU A  1 97 ? 2.587   -11.492 3.641   0.58 22.79 ? 97   LEU A N   1 
ATOM   729  N N   B LEU A  1 97 ? 2.599   -11.521 3.604   0.41 22.71 ? 97   LEU A N   1 
ATOM   730  C CA  A LEU A  1 97 ? 3.374   -11.361 2.418   0.58 23.46 ? 97   LEU A CA  1 
ATOM   731  C CA  B LEU A  1 97 ? 3.273   -11.314 2.318   0.41 23.18 ? 97   LEU A CA  1 
ATOM   732  C C   A LEU A  1 97 ? 4.363   -12.492 2.355   0.58 23.87 ? 97   LEU A C   1 
ATOM   733  C C   B LEU A  1 97 ? 4.465   -12.270 2.218   0.41 23.60 ? 97   LEU A C   1 
ATOM   734  O O   A LEU A  1 97 ? 5.046   -12.795 3.338   0.58 24.33 ? 97   LEU A O   1 
ATOM   735  O O   B LEU A  1 97 ? 5.367   -12.232 3.056   0.41 23.97 ? 97   LEU A O   1 
ATOM   736  C CB  A LEU A  1 97 ? 4.150   -10.045 2.417   0.58 23.40 ? 97   LEU A CB  1 
ATOM   737  C CB  B LEU A  1 97 ? 3.700   -9.840  2.176   0.41 22.68 ? 97   LEU A CB  1 
ATOM   738  C CG  A LEU A  1 97 ? 3.451   -8.803  1.903   0.58 22.69 ? 97   LEU A CG  1 
ATOM   739  C CG  B LEU A  1 97 ? 4.320   -9.368  0.859   0.41 22.54 ? 97   LEU A CG  1 
ATOM   740  C CD1 A LEU A  1 97 ? 4.422   -7.614  1.960   0.58 25.35 ? 97   LEU A CD1 1 
ATOM   741  C CD1 B LEU A  1 97 ? 3.287   -9.296  -0.237  0.41 22.72 ? 97   LEU A CD1 1 
ATOM   742  C CD2 A LEU A  1 97 ? 2.986   -8.988  0.477   0.58 22.19 ? 97   LEU A CD2 1 
ATOM   743  C CD2 B LEU A  1 97 ? 4.965   -8.005  1.054   0.41 19.39 ? 97   LEU A CD2 1 
ATOM   744  N N   . ASN A  1 98 ? 4.454   -13.131 1.198   1.00 24.14 ? 98   ASN A N   1 
ATOM   745  C CA  . ASN A  1 98 ? 5.399   -14.206 1.070   1.00 24.63 ? 98   ASN A CA  1 
ATOM   746  C C   . ASN A  1 98 ? 6.234   -14.060 -0.179  1.00 25.33 ? 98   ASN A C   1 
ATOM   747  O O   . ASN A  1 98 ? 5.694   -13.766 -1.227  1.00 24.94 ? 98   ASN A O   1 
ATOM   748  C CB  . ASN A  1 98 ? 4.661   -15.536 1.072   1.00 24.27 ? 98   ASN A CB  1 
ATOM   749  C CG  . ASN A  1 98 ? 3.894   -15.751 2.352   1.00 25.71 ? 98   ASN A CG  1 
ATOM   750  O OD1 . ASN A  1 98 ? 4.357   -16.442 3.250   1.00 28.94 ? 98   ASN A OD1 1 
ATOM   751  N ND2 . ASN A  1 98 ? 2.742   -15.117 2.459   1.00 26.00 ? 98   ASN A ND2 1 
ATOM   752  N N   . PHE A  1 99 ? 7.545   -14.226 -0.029  1.00 26.72 ? 99   PHE A N   1 
ATOM   753  C CA  . PHE A  1 99 ? 8.487   -14.328 -1.155  1.00 28.59 ? 99   PHE A CA  1 
ATOM   754  C C   . PHE A  1 99 ? 9.702   -15.173 -0.790  1.00 29.46 ? 99   PHE A C   1 
ATOM   755  O O   . PHE A  1 99 ? 10.661  -15.304 -1.553  1.00 30.43 ? 99   PHE A O   1 
ATOM   756  C CB  . PHE A  1 99 ? 8.898   -12.938 -1.687  1.00 29.17 ? 99   PHE A CB  1 
ATOM   757  C CG  . PHE A  1 99 ? 9.601   -12.063 -0.676  1.00 29.56 ? 99   PHE A CG  1 
ATOM   758  C CD1 . PHE A  1 99 ? 10.994  -11.934 -0.691  1.00 30.31 ? 99   PHE A CD1 1 
ATOM   759  C CD2 . PHE A  1 99 ? 8.873   -11.338 0.266   1.00 30.87 ? 99   PHE A CD2 1 
ATOM   760  C CE1 . PHE A  1 99 ? 11.664  -11.097 0.241   1.00 31.23 ? 99   PHE A CE1 1 
ATOM   761  C CE2 . PHE A  1 99 ? 9.518   -10.509 1.204   1.00 31.56 ? 99   PHE A CE2 1 
ATOM   762  C CZ  . PHE A  1 99 ? 10.928  -10.400 1.193   1.00 30.51 ? 99   PHE A CZ  1 
ATOM   763  O OXT . PHE A  1 99 ? 9.743   -15.782 0.287   1.00 30.16 ? 99   PHE A OXT 1 
ATOM   764  N N   . PRO B  1 1  ? 11.003  -15.079 2.725   1.00 32.34 ? 101  PRO B N   1 
ATOM   765  C CA  . PRO B  1 1  ? 10.407  -15.100 4.059   1.00 32.15 ? 101  PRO B CA  1 
ATOM   766  C C   . PRO B  1 1  ? 8.880   -14.952 4.076   1.00 31.73 ? 101  PRO B C   1 
ATOM   767  O O   . PRO B  1 1  ? 8.259   -14.717 3.035   1.00 31.60 ? 101  PRO B O   1 
ATOM   768  C CB  . PRO B  1 1  ? 11.043  -13.873 4.734   1.00 32.56 ? 101  PRO B CB  1 
ATOM   769  C CG  . PRO B  1 1  ? 11.406  -12.979 3.628   1.00 32.38 ? 101  PRO B CG  1 
ATOM   770  C CD  . PRO B  1 1  ? 11.838  -13.883 2.519   1.00 32.52 ? 101  PRO B CD  1 
ATOM   771  N N   . GLN B  1 2  ? 8.296   -15.104 5.261   1.00 31.03 ? 102  GLN B N   1 
ATOM   772  C CA  . GLN B  1 2  ? 6.896   -14.793 5.485   1.00 31.21 ? 102  GLN B CA  1 
ATOM   773  C C   . GLN B  1 2  ? 6.780   -13.586 6.402   1.00 31.12 ? 102  GLN B C   1 
ATOM   774  O O   . GLN B  1 2  ? 7.250   -13.616 7.546   1.00 31.47 ? 102  GLN B O   1 
ATOM   775  C CB  . GLN B  1 2  ? 6.176   -15.980 6.103   1.00 31.92 ? 102  GLN B CB  1 
ATOM   776  C CG  . GLN B  1 2  ? 4.733   -15.696 6.446   1.00 33.37 ? 102  GLN B CG  1 
ATOM   777  C CD  . GLN B  1 2  ? 3.999   -16.945 6.790   1.00 37.49 ? 102  GLN B CD  1 
ATOM   778  O OE1 . GLN B  1 2  ? 3.708   -17.200 7.960   1.00 38.68 ? 102  GLN B OE1 1 
ATOM   779  N NE2 . GLN B  1 2  ? 3.698   -17.758 5.773   1.00 39.03 ? 102  GLN B NE2 1 
ATOM   780  N N   . ILE B  1 3  ? 6.112   -12.544 5.908   1.00 29.62 ? 103  ILE B N   1 
ATOM   781  C CA  . ILE B  1 3  ? 5.978   -11.287 6.633   1.00 28.31 ? 103  ILE B CA  1 
ATOM   782  C C   . ILE B  1 3  ? 4.534   -11.084 7.123   1.00 27.53 ? 103  ILE B C   1 
ATOM   783  O O   . ILE B  1 3  ? 3.610   -11.022 6.334   1.00 26.44 ? 103  ILE B O   1 
ATOM   784  C CB  . ILE B  1 3  ? 6.466   -10.106 5.769   1.00 28.27 ? 103  ILE B CB  1 
ATOM   785  C CG1 . ILE B  1 3  ? 7.909   -10.377 5.296   1.00 30.30 ? 103  ILE B CG1 1 
ATOM   786  C CG2 . ILE B  1 3  ? 6.371   -8.796  6.545   1.00 28.02 ? 103  ILE B CG2 1 
ATOM   787  C CD1 . ILE B  1 3  ? 8.475   -9.327  4.434   1.00 30.32 ? 103  ILE B CD1 1 
ATOM   788  N N   . THR B  1 4  ? 4.361   -11.042 8.439   1.00 26.38 ? 104  THR B N   1 
ATOM   789  C CA  . THR B  1 4  ? 3.070   -10.773 9.037   1.00 26.46 ? 104  THR B CA  1 
ATOM   790  C C   . THR B  1 4  ? 2.914   -9.257  9.052   1.00 24.54 ? 104  THR B C   1 
ATOM   791  O O   . THR B  1 4  ? 3.864   -8.506  8.790   1.00 25.23 ? 104  THR B O   1 
ATOM   792  C CB  . THR B  1 4  ? 2.938   -11.325 10.475  1.00 26.14 ? 104  THR B CB  1 
ATOM   793  O OG1 . THR B  1 4  ? 3.996   -10.789 11.279  1.00 28.10 ? 104  THR B OG1 1 
ATOM   794  C CG2 . THR B  1 4  ? 2.983   -12.869 10.531  1.00 29.63 ? 104  THR B CG2 1 
ATOM   795  N N   . LEU B  1 5  ? 1.709   -8.794  9.332   1.00 23.55 ? 105  LEU B N   1 
ATOM   796  C CA  . LEU B  1 5  ? 1.405   -7.382  9.105   1.00 22.35 ? 105  LEU B CA  1 
ATOM   797  C C   . LEU B  1 5  ? 1.095   -6.618  10.416  1.00 21.70 ? 105  LEU B C   1 
ATOM   798  O O   . LEU B  1 5  ? 0.539   -5.519  10.398  1.00 21.44 ? 105  LEU B O   1 
ATOM   799  C CB  . LEU B  1 5  ? 0.269   -7.281  8.079   1.00 22.28 ? 105  LEU B CB  1 
ATOM   800  C CG  . LEU B  1 5  ? 0.667   -7.852  6.699   1.00 23.69 ? 105  LEU B CG  1 
ATOM   801  C CD1 . LEU B  1 5  ? -0.543  -8.069  5.775   1.00 24.62 ? 105  LEU B CD1 1 
ATOM   802  C CD2 . LEU B  1 5  ? 1.769   -6.962  6.009   1.00 22.25 ? 105  LEU B CD2 1 
ATOM   803  N N   . TRP B  1 6  ? 1.507   -7.181  11.551  1.00 21.66 ? 106  TRP B N   1 
ATOM   804  C CA  . TRP B  1 6  ? 1.314   -6.513  12.828  1.00 22.91 ? 106  TRP B CA  1 
ATOM   805  C C   . TRP B  1 6  ? 2.202   -5.269  12.956  1.00 24.15 ? 106  TRP B C   1 
ATOM   806  O O   . TRP B  1 6  ? 1.895   -4.372  13.718  1.00 25.66 ? 106  TRP B O   1 
ATOM   807  C CB  . TRP B  1 6  ? 1.581   -7.471  13.986  1.00 23.62 ? 106  TRP B CB  1 
ATOM   808  C CG  . TRP B  1 6  ? 0.873   -8.801  13.815  1.00 23.48 ? 106  TRP B CG  1 
ATOM   809  C CD1 . TRP B  1 6  ? 1.395   -9.938  13.253  1.00 27.83 ? 106  TRP B CD1 1 
ATOM   810  C CD2 . TRP B  1 6  ? -0.471  -9.115  14.181  1.00 25.67 ? 106  TRP B CD2 1 
ATOM   811  N NE1 . TRP B  1 6  ? 0.454   -10.941 13.252  1.00 28.41 ? 106  TRP B NE1 1 
ATOM   812  C CE2 . TRP B  1 6  ? -0.701  -10.461 13.817  1.00 26.97 ? 106  TRP B CE2 1 
ATOM   813  C CE3 . TRP B  1 6  ? -1.494  -8.403  14.810  1.00 23.62 ? 106  TRP B CE3 1 
ATOM   814  C CZ2 . TRP B  1 6  ? -1.936  -11.101 14.037  1.00 28.84 ? 106  TRP B CZ2 1 
ATOM   815  C CZ3 . TRP B  1 6  ? -2.724  -9.041  15.047  1.00 26.15 ? 106  TRP B CZ3 1 
ATOM   816  C CH2 . TRP B  1 6  ? -2.934  -10.374 14.651  1.00 26.39 ? 106  TRP B CH2 1 
ATOM   817  N N   . LYS B  1 7  ? 3.316   -5.248  12.240  1.00 24.15 ? 107  LYS B N   1 
ATOM   818  C CA  . LYS B  1 7  ? 4.202   -4.061  12.148  1.00 24.61 ? 107  LYS B CA  1 
ATOM   819  C C   . LYS B  1 7  ? 4.274   -3.662  10.672  1.00 24.24 ? 107  LYS B C   1 
ATOM   820  O O   . LYS B  1 7  ? 3.883   -4.443  9.825   1.00 24.18 ? 107  LYS B O   1 
ATOM   821  C CB  . LYS B  1 7  ? 5.612   -4.423  12.610  1.00 25.58 ? 107  LYS B CB  1 
ATOM   822  C CG  . LYS B  1 7  ? 5.700   -4.781  14.066  1.00 29.37 ? 107  LYS B CG  1 
ATOM   823  C CD  . LYS B  1 7  ? 7.136   -5.008  14.490  1.00 35.90 ? 107  LYS B CD  1 
ATOM   824  C CE  . LYS B  1 7  ? 7.229   -5.115  16.010  1.00 38.76 ? 107  LYS B CE  1 
ATOM   825  N NZ  . LYS B  1 7  ? 5.997   -5.734  16.605  1.00 43.18 ? 107  LYS B NZ  1 
ATOM   826  N N   . ARG B  1 8  ? 4.749   -2.458  10.367  1.00 24.05 ? 108  ARG B N   1 
ATOM   827  C CA  . ARG B  1 8  ? 4.930   -2.063  8.951   1.00 24.05 ? 108  ARG B CA  1 
ATOM   828  C C   . ARG B  1 8  ? 5.913   -3.017  8.291   1.00 22.90 ? 108  ARG B C   1 
ATOM   829  O O   . ARG B  1 8  ? 6.905   -3.373  8.900   1.00 22.47 ? 108  ARG B O   1 
ATOM   830  C CB  . ARG B  1 8  ? 5.462   -0.627  8.834   1.00 24.46 ? 108  ARG B CB  1 
ATOM   831  C CG  . ARG B  1 8  ? 4.435   0.380   9.322   1.00 27.27 ? 108  ARG B CG  1 
ATOM   832  C CD  . ARG B  1 8  ? 4.824   1.814   9.032   1.00 34.32 ? 108  ARG B CD  1 
ATOM   833  N NE  . ARG B  1 8  ? 4.000   2.692   9.855   1.00 38.70 ? 108  ARG B NE  1 
ATOM   834  C CZ  . ARG B  1 8  ? 3.891   4.006   9.699   1.00 43.73 ? 108  ARG B CZ  1 
ATOM   835  N NH1 . ARG B  1 8  ? 4.535   4.620   8.701   1.00 45.31 ? 108  ARG B NH1 1 
ATOM   836  N NH2 . ARG B  1 8  ? 3.122   4.700   10.540  1.00 41.72 ? 108  ARG B NH2 1 
ATOM   837  N N   . PRO B  1 9  ? 5.616   -3.479  7.060   1.00 22.96 ? 109  PRO B N   1 
ATOM   838  C CA  . PRO B  1 9  ? 6.497   -4.434  6.370   1.00 22.14 ? 109  PRO B CA  1 
ATOM   839  C C   . PRO B  1 9  ? 7.674   -3.678  5.757   1.00 22.99 ? 109  PRO B C   1 
ATOM   840  O O   . PRO B  1 9  ? 7.800   -3.583  4.519   1.00 21.52 ? 109  PRO B O   1 
ATOM   841  C CB  . PRO B  1 9  ? 5.591   -5.036  5.303   1.00 22.52 ? 109  PRO B CB  1 
ATOM   842  C CG  . PRO B  1 9  ? 4.540   -3.901  5.040   1.00 22.48 ? 109  PRO B CG  1 
ATOM   843  C CD  . PRO B  1 9  ? 4.349   -3.235  6.338   1.00 23.59 ? 109  PRO B CD  1 
ATOM   844  N N   . LEU B  1 10 ? 8.478   -3.084  6.633   1.00 22.55 ? 110  LEU B N   1 
ATOM   845  C CA  . LEU B  1 10 ? 9.666   -2.326  6.202   1.00 23.95 ? 110  LEU B CA  1 
ATOM   846  C C   . LEU B  1 10 ? 10.861  -3.238  6.024   1.00 24.11 ? 110  LEU B C   1 
ATOM   847  O O   . LEU B  1 10 ? 11.125  -4.091  6.873   1.00 24.67 ? 110  LEU B O   1 
ATOM   848  C CB  . LEU B  1 10 ? 10.026  -1.235  7.200   1.00 24.68 ? 110  LEU B CB  1 
ATOM   849  C CG  . LEU B  1 10 ? 9.070   -0.060  7.260   1.00 26.88 ? 110  LEU B CG  1 
ATOM   850  C CD1 . LEU B  1 10 ? 9.127   0.511   8.661   1.00 28.58 ? 110  LEU B CD1 1 
ATOM   851  C CD2 . LEU B  1 10 ? 9.379   1.025   6.200   1.00 28.96 ? 110  LEU B CD2 1 
ATOM   852  N N   . VAL B  1 11 ? 11.572  -3.077  4.911   1.00 23.57 ? 111  VAL B N   1 
ATOM   853  C CA  . VAL B  1 11 ? 12.763  -3.876  4.627   1.00 22.92 ? 111  VAL B CA  1 
ATOM   854  C C   . VAL B  1 11 ? 13.894  -2.957  4.206   1.00 23.10 ? 111  VAL B C   1 
ATOM   855  O O   . VAL B  1 11 ? 13.663  -1.799  3.870   1.00 23.93 ? 111  VAL B O   1 
ATOM   856  C CB  . VAL B  1 11 ? 12.535  -4.898  3.472   1.00 23.35 ? 111  VAL B CB  1 
ATOM   857  C CG1 . VAL B  1 11 ? 11.549  -5.997  3.888   1.00 25.59 ? 111  VAL B CG1 1 
ATOM   858  C CG2 . VAL B  1 11 ? 12.053  -4.200  2.204   1.00 21.50 ? 111  VAL B CG2 1 
ATOM   859  N N   . THR B  1 12 ? 15.114  -3.487  4.215   1.00 22.74 ? 112  THR B N   1 
ATOM   860  C CA  . THR B  1 12 ? 16.279  -2.811  3.651   1.00 22.70 ? 112  THR B CA  1 
ATOM   861  C C   . THR B  1 12 ? 16.353  -3.081  2.148   1.00 22.83 ? 112  THR B C   1 
ATOM   862  O O   . THR B  1 12 ? 16.147  -4.217  1.661   1.00 23.10 ? 112  THR B O   1 
ATOM   863  C CB  . THR B  1 12 ? 17.561  -3.279  4.352   1.00 22.73 ? 112  THR B CB  1 
ATOM   864  O OG1 . THR B  1 12 ? 17.403  -3.067  5.767   1.00 24.15 ? 112  THR B OG1 1 
ATOM   865  C CG2 . THR B  1 12 ? 18.823  -2.507  3.856   1.00 23.03 ? 112  THR B CG2 1 
ATOM   866  N N   . ILE B  1 13 ? 16.660  -2.032  1.407   1.00 22.04 ? 113  ILE B N   1 
ATOM   867  C CA  . ILE B  1 13 ? 16.869  -2.165  -0.020  1.00 21.64 ? 113  ILE B CA  1 
ATOM   868  C C   . ILE B  1 13 ? 18.250  -1.576  -0.319  1.00 21.80 ? 113  ILE B C   1 
ATOM   869  O O   . ILE B  1 13 ? 18.763  -0.790  0.464   1.00 22.46 ? 113  ILE B O   1 
ATOM   870  C CB  . ILE B  1 13 ? 15.794  -1.439  -0.854  1.00 21.23 ? 113  ILE B CB  1 
ATOM   871  C CG1 . ILE B  1 13 ? 15.819  0.082   -0.577  1.00 22.44 ? 113  ILE B CG1 1 
ATOM   872  C CG2 . ILE B  1 13 ? 14.365  -2.050  -0.596  1.00 22.02 ? 113  ILE B CG2 1 
ATOM   873  C CD1 . ILE B  1 13 ? 15.072  0.949   -1.647  1.00 23.28 ? 113  ILE B CD1 1 
ATOM   874  N N   . LYS B  1 14 ? 18.817  -1.963  -1.444  1.00 21.56 ? 114  LYS B N   1 
ATOM   875  C CA  . LYS B  1 14 ? 20.111  -1.444  -1.862  1.00 21.98 ? 114  LYS B CA  1 
ATOM   876  C C   . LYS B  1 14 ? 19.982  -0.963  -3.292  1.00 22.60 ? 114  LYS B C   1 
ATOM   877  O O   . LYS B  1 14 ? 19.610  -1.712  -4.200  1.00 20.40 ? 114  LYS B O   1 
ATOM   878  C CB  . LYS B  1 14 ? 21.206  -2.508  -1.745  1.00 21.73 ? 114  LYS B CB  1 
ATOM   879  C CG  . LYS B  1 14 ? 22.584  -1.961  -2.162  1.00 23.32 ? 114  LYS B CG  1 
ATOM   880  C CD  . LYS B  1 14 ? 23.755  -2.639  -1.435  1.00 27.07 ? 114  LYS B CD  1 
ATOM   881  C CE  . LYS B  1 14 ? 24.048  -4.008  -2.015  1.00 28.24 ? 114  LYS B CE  1 
ATOM   882  N NZ  . LYS B  1 14 ? 25.272  -4.576  -1.356  1.00 30.08 ? 114  LYS B NZ  1 
ATOM   883  N N   . ILE B  1 15 ? 20.265  0.314   -3.486  1.00 25.22 ? 115  ILE B N   1 
ATOM   884  C CA  . ILE B  1 15 ? 20.115  0.905   -4.795  1.00 28.63 ? 115  ILE B CA  1 
ATOM   885  C C   . ILE B  1 15 ? 21.346  1.790   -4.995  1.00 30.78 ? 115  ILE B C   1 
ATOM   886  O O   . ILE B  1 15 ? 21.632  2.652   -4.165  1.00 32.23 ? 115  ILE B O   1 
ATOM   887  C CB  . ILE B  1 15 ? 18.702  1.627   -4.921  1.00 28.26 ? 115  ILE B CB  1 
ATOM   888  C CG1 . ILE B  1 15 ? 18.567  2.398   -6.232  1.00 30.85 ? 115  ILE B CG1 1 
ATOM   889  C CG2 . ILE B  1 15 ? 18.393  2.554   -3.712  1.00 29.61 ? 115  ILE B CG2 1 
ATOM   890  C CD1 . ILE B  1 15 ? 17.115  2.663   -6.576  1.00 31.03 ? 115  ILE B CD1 1 
ATOM   891  N N   . GLY B  1 16 ? 22.113  1.508   -6.047  1.00 32.82 ? 116  GLY B N   1 
ATOM   892  C CA  . GLY B  1 16 ? 23.414  2.167   -6.299  1.00 34.00 ? 116  GLY B CA  1 
ATOM   893  C C   . GLY B  1 16 ? 24.400  2.089   -5.135  1.00 34.23 ? 116  GLY B C   1 
ATOM   894  O O   . GLY B  1 16 ? 25.017  3.097   -4.771  1.00 35.38 ? 116  GLY B O   1 
ATOM   895  N N   . GLY B  1 17 ? 24.540  0.912   -4.530  1.00 33.56 ? 117  GLY B N   1 
ATOM   896  C CA  . GLY B  1 17 ? 25.424  0.759   -3.379  1.00 32.79 ? 117  GLY B CA  1 
ATOM   897  C C   . GLY B  1 17 ? 24.959  1.387   -2.061  1.00 31.80 ? 117  GLY B C   1 
ATOM   898  O O   . GLY B  1 17 ? 25.612  1.216   -1.030  1.00 32.38 ? 117  GLY B O   1 
ATOM   899  N N   . GLN B  1 18 ? 23.845  2.113   -2.080  1.00 30.03 ? 118  GLN B N   1 
ATOM   900  C CA  . GLN B  1 18 ? 23.311  2.724   -0.872  1.00 29.29 ? 118  GLN B CA  1 
ATOM   901  C C   . GLN B  1 18 ? 22.198  1.892   -0.295  1.00 27.44 ? 118  GLN B C   1 
ATOM   902  O O   . GLN B  1 18 ? 21.300  1.469   -1.016  1.00 26.92 ? 118  GLN B O   1 
ATOM   903  C CB  . GLN B  1 18 ? 22.722  4.111   -1.152  1.00 30.29 ? 118  GLN B CB  1 
ATOM   904  C CG  . GLN B  1 18 ? 23.514  4.962   -2.094  1.00 32.13 ? 118  GLN B CG  1 
ATOM   905  C CD  . GLN B  1 18 ? 23.319  6.421   -1.807  1.00 39.40 ? 118  GLN B CD  1 
ATOM   906  O OE1 . GLN B  1 18 ? 22.206  6.874   -1.539  1.00 42.26 ? 118  GLN B OE1 1 
ATOM   907  N NE2 . GLN B  1 18 ? 24.413  7.175   -1.836  1.00 43.61 ? 118  GLN B NE2 1 
ATOM   908  N N   . LEU B  1 19 ? 22.226  1.723   1.021   1.00 26.17 ? 119  LEU B N   1 
ATOM   909  C CA  . LEU B  1 19 ? 21.156  1.056   1.746   1.00 25.91 ? 119  LEU B CA  1 
ATOM   910  C C   . LEU B  1 19 ? 20.064  2.060   2.088   1.00 26.26 ? 119  LEU B C   1 
ATOM   911  O O   . LEU B  1 19 ? 20.359  3.173   2.527   1.00 27.41 ? 119  LEU B O   1 
ATOM   912  C CB  . LEU B  1 19 ? 21.675  0.429   3.040   1.00 25.33 ? 119  LEU B CB  1 
ATOM   913  C CG  . LEU B  1 19 ? 22.693  -0.704  2.973   1.00 24.60 ? 119  LEU B CG  1 
ATOM   914  C CD1 . LEU B  1 19 ? 23.005  -1.139  4.404   1.00 22.18 ? 119  LEU B CD1 1 
ATOM   915  C CD2 . LEU B  1 19 ? 22.191  -1.881  2.112   1.00 21.37 ? 119  LEU B CD2 1 
ATOM   916  N N   . LYS B  1 20 ? 18.814  1.662   1.885   1.00 25.93 ? 120  LYS B N   1 
ATOM   917  C CA  . LYS B  1 20 ? 17.673  2.466   2.285   1.00 25.33 ? 120  LYS B CA  1 
ATOM   918  C C   . LYS B  1 20 ? 16.630  1.565   2.912   1.00 25.26 ? 120  LYS B C   1 
ATOM   919  O O   . LYS B  1 20 ? 16.687  0.341   2.768   1.00 24.39 ? 120  LYS B O   1 
ATOM   920  C CB  . LYS B  1 20 ? 17.081  3.196   1.076   1.00 25.94 ? 120  LYS B CB  1 
ATOM   921  C CG  . LYS B  1 20 ? 18.004  4.276   0.478   1.00 28.13 ? 120  LYS B CG  1 
ATOM   922  C CD  . LYS B  1 20 ? 17.266  5.160   -0.525  1.00 32.93 ? 120  LYS B CD  1 
ATOM   923  C CE  . LYS B  1 20 ? 18.179  6.219   -1.122  1.00 36.35 ? 120  LYS B CE  1 
ATOM   924  N NZ  . LYS B  1 20 ? 18.576  7.231   -0.122  1.00 39.05 ? 120  LYS B NZ  1 
ATOM   925  N N   . GLU B  1 21 ? 15.684  2.165   3.624   1.00 24.95 ? 121  GLU B N   1 
ATOM   926  C CA  . GLU B  1 21 ? 14.538  1.416   4.138   1.00 25.15 ? 121  GLU B CA  1 
ATOM   927  C C   . GLU B  1 21 ? 13.401  1.668   3.191   1.00 24.08 ? 121  GLU B C   1 
ATOM   928  O O   . GLU B  1 21 ? 13.295  2.763   2.671   1.00 24.12 ? 121  GLU B O   1 
ATOM   929  C CB  . GLU B  1 21 ? 14.134  1.924   5.510   1.00 26.77 ? 121  GLU B CB  1 
ATOM   930  C CG  . GLU B  1 21 ? 13.350  0.925   6.301   1.00 30.70 ? 121  GLU B CG  1 
ATOM   931  C CD  . GLU B  1 21 ? 14.239  -0.125  6.961   1.00 37.87 ? 121  GLU B CD  1 
ATOM   932  O OE1 . GLU B  1 21 ? 15.492  -0.075  6.792   1.00 39.76 ? 121  GLU B OE1 1 
ATOM   933  O OE2 . GLU B  1 21 ? 13.682  -1.005  7.652   1.00 42.08 ? 121  GLU B OE2 1 
ATOM   934  N N   . ALA B  1 22 ? 12.559  0.661   2.947   1.00 23.21 ? 122  ALA B N   1 
ATOM   935  C CA  . ALA B  1 22 ? 11.385  0.861   2.141   1.00 23.38 ? 122  ALA B CA  1 
ATOM   936  C C   . ALA B  1 22 ? 10.248  -0.041  2.622   1.00 23.38 ? 122  ALA B C   1 
ATOM   937  O O   . ALA B  1 22 ? 10.476  -1.081  3.274   1.00 23.45 ? 122  ALA B O   1 
ATOM   938  C CB  . ALA B  1 22 ? 11.693  0.607   0.652   1.00 23.17 ? 122  ALA B CB  1 
ATOM   939  N N   . LEU B  1 23 ? 9.046   0.383   2.289   1.00 21.86 ? 123  LEU B N   1 
ATOM   940  C CA  . LEU B  1 23 ? 7.811   -0.296  2.664   1.00 23.65 ? 123  LEU B CA  1 
ATOM   941  C C   . LEU B  1 23 ? 7.364   -1.227  1.535   1.00 24.99 ? 123  LEU B C   1 
ATOM   942  O O   . LEU B  1 23 ? 7.177   -0.787  0.398   1.00 25.73 ? 123  LEU B O   1 
ATOM   943  C CB  . LEU B  1 23 ? 6.748   0.772   2.918   1.00 24.51 ? 123  LEU B CB  1 
ATOM   944  C CG  . LEU B  1 23 ? 5.390   0.449   3.509   1.00 25.84 ? 123  LEU B CG  1 
ATOM   945  C CD1 . LEU B  1 23 ? 5.552   -0.046  4.976   1.00 28.15 ? 123  LEU B CD1 1 
ATOM   946  C CD2 . LEU B  1 23 ? 4.561   1.711   3.447   1.00 28.38 ? 123  LEU B CD2 1 
ATOM   947  N N   . LEU B  1 24 ? 7.174   -2.503  1.847   1.00 24.30 ? 124  LEU B N   1 
ATOM   948  C CA  . LEU B  1 24 ? 6.550   -3.431  0.892   1.00 24.86 ? 124  LEU B CA  1 
ATOM   949  C C   . LEU B  1 24 ? 5.042   -3.140  0.771   1.00 25.18 ? 124  LEU B C   1 
ATOM   950  O O   . LEU B  1 24 ? 4.271   -3.330  1.717   1.00 25.22 ? 124  LEU B O   1 
ATOM   951  C CB  . LEU B  1 24 ? 6.817   -4.869  1.306   1.00 25.28 ? 124  LEU B CB  1 
ATOM   952  C CG  . LEU B  1 24 ? 8.273   -5.294  1.388   1.00 26.88 ? 124  LEU B CG  1 
ATOM   953  C CD1 . LEU B  1 24 ? 8.337   -6.793  1.736   1.00 29.11 ? 124  LEU B CD1 1 
ATOM   954  C CD2 . LEU B  1 24 ? 9.069   -4.985  0.100   1.00 27.55 ? 124  LEU B CD2 1 
ATOM   955  N N   . ASP B  1 25 ? 4.624   -2.649  -0.399  1.00 24.21 ? 125  ASP B N   1 
ATOM   956  C CA  . ASP B  1 25 ? 3.349   -1.964  -0.507  1.00 24.08 ? 125  ASP B CA  1 
ATOM   957  C C   . ASP B  1 25 ? 2.509   -2.543  -1.632  1.00 24.51 ? 125  ASP B C   1 
ATOM   958  O O   . ASP B  1 25 ? 2.621   -2.096  -2.769  1.00 24.08 ? 125  ASP B O   1 
ATOM   959  C CB  . ASP B  1 25 ? 3.616   -0.466  -0.772  1.00 24.29 ? 125  ASP B CB  1 
ATOM   960  C CG  . ASP B  1 25 ? 2.370   0.410   -0.615  1.00 27.19 ? 125  ASP B CG  1 
ATOM   961  O OD1 . ASP B  1 25 ? 1.215   -0.108  -0.551  1.00 28.07 ? 125  ASP B OD1 1 
ATOM   962  O OD2 . ASP B  1 25 ? 2.553   1.647   -0.576  1.00 28.35 ? 125  ASP B OD2 1 
ATOM   963  N N   . THR B  1 26 ? 1.639   -3.507  -1.321  1.00 23.10 ? 126  THR B N   1 
ATOM   964  C CA  . THR B  1 26 ? 0.758   -4.078  -2.330  1.00 23.05 ? 126  THR B CA  1 
ATOM   965  C C   . THR B  1 26 ? -0.271  -3.103  -2.895  1.00 22.79 ? 126  THR B C   1 
ATOM   966  O O   . THR B  1 26 ? -0.799  -3.317  -3.989  1.00 22.77 ? 126  THR B O   1 
ATOM   967  C CB  . THR B  1 26 ? 0.021   -5.322  -1.790  1.00 22.69 ? 126  THR B CB  1 
ATOM   968  O OG1 . THR B  1 26 ? -0.700  -4.938  -0.613  1.00 21.82 ? 126  THR B OG1 1 
ATOM   969  C CG2 . THR B  1 26 ? 1.042   -6.415  -1.424  1.00 24.66 ? 126  THR B CG2 1 
ATOM   970  N N   . GLY B  1 27 ? -0.557  -2.045  -2.158  1.00 22.56 ? 127  GLY B N   1 
ATOM   971  C CA  . GLY B  1 27 ? -1.464  -0.991  -2.671  1.00 23.00 ? 127  GLY B CA  1 
ATOM   972  C C   . GLY B  1 27 ? -0.835  -0.007  -3.665  1.00 23.04 ? 127  GLY B C   1 
ATOM   973  O O   . GLY B  1 27 ? -1.529  0.881   -4.198  1.00 23.46 ? 127  GLY B O   1 
ATOM   974  N N   . ALA B  1 28 ? 0.475   -0.137  -3.888  1.00 22.18 ? 128  ALA B N   1 
ATOM   975  C CA  . ALA B  1 28 ? 1.203   0.777   -4.772  1.00 21.23 ? 128  ALA B CA  1 
ATOM   976  C C   . ALA B  1 28 ? 1.461   0.101   -6.106  1.00 21.00 ? 128  ALA B C   1 
ATOM   977  O O   . ALA B  1 28 ? 2.021   -0.976  -6.137  1.00 21.00 ? 128  ALA B O   1 
ATOM   978  C CB  . ALA B  1 28 ? 2.520   1.227   -4.105  1.00 21.05 ? 128  ALA B CB  1 
ATOM   979  N N   . ASP B  1 29 ? 0.992   0.668   -7.219  1.00 21.20 ? 129  ASP B N   1 
ATOM   980  C CA  . ASP B  1 29 ? 1.264   0.013   -8.520  1.00 23.81 ? 129  ASP B CA  1 
ATOM   981  C C   . ASP B  1 29 ? 2.766   0.047   -8.810  1.00 23.65 ? 129  ASP B C   1 
ATOM   982  O O   . ASP B  1 29 ? 3.331   -0.889  -9.405  1.00 23.52 ? 129  ASP B O   1 
ATOM   983  C CB  . ASP B  1 29 ? 0.517   0.704   -9.679  1.00 24.28 ? 129  ASP B CB  1 
ATOM   984  C CG  . ASP B  1 29 ? -1.009  0.688   -9.519  1.00 29.93 ? 129  ASP B CG  1 
ATOM   985  O OD1 . ASP B  1 29 ? -1.592  -0.284  -8.989  1.00 32.27 ? 129  ASP B OD1 1 
ATOM   986  O OD2 . ASP B  1 29 ? -1.648  1.663   -9.979  1.00 35.56 ? 129  ASP B OD2 1 
ATOM   987  N N   . ASP B  1 30 ? 3.389   1.159   -8.402  1.00 23.33 ? 130  ASP B N   1 
ATOM   988  C CA  . ASP B  1 30 ? 4.747   1.506   -8.807  1.00 24.34 ? 130  ASP B CA  1 
ATOM   989  C C   . ASP B  1 30 ? 5.631   1.716   -7.572  1.00 23.60 ? 130  ASP B C   1 
ATOM   990  O O   . ASP B  1 30 ? 5.145   1.836   -6.428  1.00 23.44 ? 130  ASP B O   1 
ATOM   991  C CB  . ASP B  1 30 ? 4.775   2.793   -9.656  1.00 24.70 ? 130  ASP B CB  1 
ATOM   992  C CG  . ASP B  1 30 ? 3.671   2.873   -10.685 1.00 28.26 ? 130  ASP B CG  1 
ATOM   993  O OD1 . ASP B  1 30 ? 3.497   1.922   -11.483 1.00 29.57 ? 130  ASP B OD1 1 
ATOM   994  O OD2 . ASP B  1 30 ? 2.978   3.928   -10.713 1.00 30.47 ? 130  ASP B OD2 1 
ATOM   995  N N   . THR B  1 31 ? 6.931   1.772   -7.827  1.00 23.66 ? 131  THR B N   1 
ATOM   996  C CA  . THR B  1 31 ? 7.930   1.877   -6.787  1.00 23.98 ? 131  THR B CA  1 
ATOM   997  C C   . THR B  1 31 ? 8.390   3.321   -6.790  1.00 23.95 ? 131  THR B C   1 
ATOM   998  O O   . THR B  1 31 ? 8.773   3.857   -7.838  1.00 23.17 ? 131  THR B O   1 
ATOM   999  C CB  . THR B  1 31 ? 9.112   0.905   -7.069  1.00 23.76 ? 131  THR B CB  1 
ATOM   1000 O OG1 . THR B  1 31 ? 8.660   -0.430  -6.895  1.00 23.22 ? 131  THR B OG1 1 
ATOM   1001 C CG2 . THR B  1 31 ? 10.345  1.166   -6.149  1.00 22.25 ? 131  THR B CG2 1 
ATOM   1002 N N   . VAL B  1 32 ? 8.352   3.949   -5.616  1.00 23.53 ? 132  VAL B N   1 
ATOM   1003 C CA  . VAL B  1 32 ? 8.702   5.361   -5.502  1.00 24.63 ? 132  VAL B CA  1 
ATOM   1004 C C   . VAL B  1 32 ? 9.697   5.516   -4.369  1.00 24.41 ? 132  VAL B C   1 
ATOM   1005 O O   . VAL B  1 32 ? 9.458   5.047   -3.258  1.00 25.05 ? 132  VAL B O   1 
ATOM   1006 C CB  . VAL B  1 32 ? 7.526   6.279   -5.160  1.00 24.89 ? 132  VAL B CB  1 
ATOM   1007 C CG1 . VAL B  1 32 ? 8.010   7.753   -5.243  1.00 25.27 ? 132  VAL B CG1 1 
ATOM   1008 C CG2 . VAL B  1 32 ? 6.329   6.074   -6.092  1.00 25.84 ? 132  VAL B CG2 1 
ATOM   1009 N N   . ILE B  1 33 ? 10.801  6.171   -4.660  1.00 25.61 ? 133  ILE B N   1 
ATOM   1010 C CA  . ILE B  1 33 ? 11.857  6.394   -3.699  1.00 28.52 ? 133  ILE B CA  1 
ATOM   1011 C C   . ILE B  1 33 ? 12.167  7.893   -3.606  1.00 30.08 ? 133  ILE B C   1 
ATOM   1012 O O   . ILE B  1 33 ? 12.040  8.615   -4.599  1.00 30.06 ? 133  ILE B O   1 
ATOM   1013 C CB  . ILE B  1 33 ? 13.093  5.538   -4.054  1.00 29.84 ? 133  ILE B CB  1 
ATOM   1014 C CG1 . ILE B  1 33 ? 12.664  4.055   -4.073  1.00 29.75 ? 133  ILE B CG1 1 
ATOM   1015 C CG2 . ILE B  1 33 ? 14.205  5.726   -3.043  1.00 31.45 ? 133  ILE B CG2 1 
ATOM   1016 C CD1 . ILE B  1 33 ? 13.752  3.087   -4.434  1.00 38.04 ? 133  ILE B CD1 1 
ATOM   1017 N N   . GLU B  1 34 ? 12.545  8.332   -2.411  1.00 31.47 ? 134  GLU B N   1 
ATOM   1018 C CA  . GLU B  1 34 ? 12.893  9.720   -2.098  1.00 34.16 ? 134  GLU B CA  1 
ATOM   1019 C C   . GLU B  1 34 ? 14.084  10.191  -2.915  1.00 34.65 ? 134  GLU B C   1 
ATOM   1020 O O   . GLU B  1 34 ? 14.916  9.391   -3.334  1.00 35.81 ? 134  GLU B O   1 
ATOM   1021 C CB  . GLU B  1 34 ? 13.273  9.816   -0.617  1.00 35.38 ? 134  GLU B CB  1 
ATOM   1022 C CG  . GLU B  1 34 ? 14.573  9.013   -0.294  1.00 40.07 ? 134  GLU B CG  1 
ATOM   1023 C CD  . GLU B  1 34 ? 15.004  9.085   1.159   1.00 43.60 ? 134  GLU B CD  1 
ATOM   1024 O OE1 . GLU B  1 34 ? 15.318  10.198  1.651   1.00 47.85 ? 134  GLU B OE1 1 
ATOM   1025 O OE2 . GLU B  1 34 ? 15.062  8.015   1.800   1.00 44.35 ? 134  GLU B OE2 1 
ATOM   1026 N N   . GLU B  1 35 ? 14.178  11.497  -3.104  1.00 35.45 ? 135  GLU B N   1 
ATOM   1027 C CA  . GLU B  1 35 ? 15.172  12.106  -3.973  1.00 36.63 ? 135  GLU B CA  1 
ATOM   1028 C C   . GLU B  1 35 ? 16.526  11.451  -3.863  1.00 37.44 ? 135  GLU B C   1 
ATOM   1029 O O   . GLU B  1 35 ? 17.085  11.301  -2.774  1.00 38.02 ? 135  GLU B O   1 
ATOM   1030 C CB  . GLU B  1 35 ? 15.309  13.603  -3.695  1.00 36.05 ? 135  GLU B CB  1 
ATOM   1031 C CG  . GLU B  1 35 ? 14.261  14.152  -2.785  1.00 35.58 ? 135  GLU B CG  1 
ATOM   1032 C CD  . GLU B  1 35 ? 12.897  14.051  -3.396  1.00 30.17 ? 135  GLU B CD  1 
ATOM   1033 O OE1 . GLU B  1 35 ? 12.862  13.947  -4.600  1.00 17.67 ? 135  GLU B OE1 1 
ATOM   1034 O OE2 . GLU B  1 35 ? 11.888  14.107  -2.662  1.00 35.20 ? 135  GLU B OE2 1 
ATOM   1035 N N   . MET B  1 36 ? 17.028  11.040  -5.014  1.00 38.59 ? 136  MET B N   1 
ATOM   1036 C CA  . MET B  1 36 ? 18.378  10.544  -5.152  1.00 39.93 ? 136  MET B CA  1 
ATOM   1037 C C   . MET B  1 36 ? 18.653  10.603  -6.643  1.00 39.52 ? 136  MET B C   1 
ATOM   1038 O O   . MET B  1 36 ? 17.719  10.610  -7.450  1.00 40.39 ? 136  MET B O   1 
ATOM   1039 C CB  . MET B  1 36 ? 18.491  9.112   -4.629  1.00 39.89 ? 136  MET B CB  1 
ATOM   1040 C CG  . MET B  1 36 ? 17.614  8.122   -5.373  1.00 40.79 ? 136  MET B CG  1 
ATOM   1041 S SD  . MET B  1 36 ? 17.782  6.413   -4.825  1.00 42.78 ? 136  MET B SD  1 
ATOM   1042 C CE  . MET B  1 36 ? 19.578  6.185   -4.772  1.00 38.95 ? 136  MET B CE  1 
ATOM   1043 N N   . SER B  1 37 ? 19.921  10.648  -7.021  1.00 39.11 ? 137  SER B N   1 
ATOM   1044 C CA  . SER B  1 37 ? 20.253  10.660  -8.431  1.00 38.11 ? 137  SER B CA  1 
ATOM   1045 C C   . SER B  1 37 ? 20.421  9.223   -8.862  1.00 36.72 ? 137  SER B C   1 
ATOM   1046 O O   . SER B  1 37 ? 20.954  8.388   -8.116  1.00 37.36 ? 137  SER B O   1 
ATOM   1047 C CB  . SER B  1 37 ? 21.530  11.452  -8.677  1.00 38.98 ? 137  SER B CB  1 
ATOM   1048 O OG  . SER B  1 37 ? 22.555  10.963  -7.838  1.00 41.96 ? 137  SER B OG  1 
ATOM   1049 N N   . LEU B  1 38 ? 19.915  8.912   -10.039 1.00 33.92 ? 138  LEU B N   1 
ATOM   1050 C CA  . LEU B  1 38 ? 20.076  7.568   -10.573 1.00 32.12 ? 138  LEU B CA  1 
ATOM   1051 C C   . LEU B  1 38 ? 20.724  7.739   -11.930 1.00 31.20 ? 138  LEU B C   1 
ATOM   1052 O O   . LEU B  1 38 ? 20.613  8.825   -12.531 1.00 30.88 ? 138  LEU B O   1 
ATOM   1053 C CB  . LEU B  1 38 ? 18.720  6.857   -10.677 1.00 30.94 ? 138  LEU B CB  1 
ATOM   1054 C CG  . LEU B  1 38 ? 18.116  6.401   -9.353  1.00 29.87 ? 138  LEU B CG  1 
ATOM   1055 C CD1 . LEU B  1 38 ? 16.750  5.795   -9.621  1.00 28.29 ? 138  LEU B CD1 1 
ATOM   1056 C CD2 . LEU B  1 38 ? 19.070  5.384   -8.672  1.00 29.18 ? 138  LEU B CD2 1 
ATOM   1057 N N   . PRO B  1 39 ? 21.412  6.696   -12.418 1.00 30.71 ? 139  PRO B N   1 
ATOM   1058 C CA  . PRO B  1 39 ? 22.042  6.932   -13.701 1.00 29.31 ? 139  PRO B CA  1 
ATOM   1059 C C   . PRO B  1 39 ? 21.057  6.913   -14.880 1.00 28.29 ? 139  PRO B C   1 
ATOM   1060 O O   . PRO B  1 39 ? 19.985  6.317   -14.807 1.00 27.99 ? 139  PRO B O   1 
ATOM   1061 C CB  . PRO B  1 39 ? 23.061  5.788   -13.826 1.00 30.12 ? 139  PRO B CB  1 
ATOM   1062 C CG  . PRO B  1 39 ? 22.607  4.721   -12.916 1.00 30.35 ? 139  PRO B CG  1 
ATOM   1063 C CD  . PRO B  1 39 ? 21.667  5.333   -11.893 1.00 30.24 ? 139  PRO B CD  1 
ATOM   1064 N N   . GLY B  1 40 ? 21.460  7.551   -15.969 1.00 27.99 ? 140  GLY B N   1 
ATOM   1065 C CA  . GLY B  1 40 ? 20.748  7.437   -17.242 1.00 26.14 ? 140  GLY B CA  1 
ATOM   1066 C C   . GLY B  1 40 ? 19.705  8.517   -17.341 1.00 24.54 ? 140  GLY B C   1 
ATOM   1067 O O   . GLY B  1 40 ? 19.653  9.414   -16.502 1.00 26.22 ? 140  GLY B O   1 
ATOM   1068 N N   . ARG B  1 41 ? 18.879  8.442   -18.381 1.00 22.18 ? 141  ARG B N   1 
ATOM   1069 C CA  . ARG B  1 41 ? 17.883  9.443   -18.627 1.00 20.49 ? 141  ARG B CA  1 
ATOM   1070 C C   . ARG B  1 41 ? 16.610  9.104   -17.901 1.00 20.65 ? 141  ARG B C   1 
ATOM   1071 O O   . ARG B  1 41 ? 16.325  7.945   -17.656 1.00 20.82 ? 141  ARG B O   1 
ATOM   1072 C CB  . ARG B  1 41 ? 17.579  9.537   -20.124 1.00 19.26 ? 141  ARG B CB  1 
ATOM   1073 C CG  . ARG B  1 41 ? 18.690  10.200  -20.891 1.00 17.32 ? 141  ARG B CG  1 
ATOM   1074 C CD  . ARG B  1 41 ? 18.404  10.219  -22.381 1.00 18.15 ? 141  ARG B CD  1 
ATOM   1075 N NE  . ARG B  1 41 ? 17.269  11.097  -22.700 1.00 19.20 ? 141  ARG B NE  1 
ATOM   1076 C CZ  . ARG B  1 41 ? 17.342  12.424  -22.787 1.00 18.19 ? 141  ARG B CZ  1 
ATOM   1077 N NH1 . ARG B  1 41 ? 18.506  13.060  -22.585 1.00 16.92 ? 141  ARG B NH1 1 
ATOM   1078 N NH2 . ARG B  1 41 ? 16.254  13.140  -23.086 1.00 16.01 ? 141  ARG B NH2 1 
ATOM   1079 N N   . TRP B  1 42 ? 15.828  10.135  -17.593 1.00 19.62 ? 142  TRP B N   1 
ATOM   1080 C CA  . TRP B  1 42 ? 14.554  9.915   -16.971 1.00 19.84 ? 142  TRP B CA  1 
ATOM   1081 C C   . TRP B  1 42 ? 13.446  10.553  -17.789 1.00 21.11 ? 142  TRP B C   1 
ATOM   1082 O O   . TRP B  1 42 ? 13.709  11.343  -18.699 1.00 19.64 ? 142  TRP B O   1 
ATOM   1083 C CB  . TRP B  1 42 ? 14.546  10.448  -15.516 1.00 19.07 ? 142  TRP B CB  1 
ATOM   1084 C CG  . TRP B  1 42 ? 14.778  11.939  -15.385 1.00 19.92 ? 142  TRP B CG  1 
ATOM   1085 C CD1 . TRP B  1 42 ? 15.985  12.561  -15.281 1.00 18.20 ? 142  TRP B CD1 1 
ATOM   1086 C CD2 . TRP B  1 42 ? 13.778  12.989  -15.298 1.00 18.94 ? 142  TRP B CD2 1 
ATOM   1087 N NE1 . TRP B  1 42 ? 15.806  13.925  -15.153 1.00 18.66 ? 142  TRP B NE1 1 
ATOM   1088 C CE2 . TRP B  1 42 ? 14.470  14.213  -15.184 1.00 18.88 ? 142  TRP B CE2 1 
ATOM   1089 C CE3 . TRP B  1 42 ? 12.377  13.006  -15.333 1.00 18.98 ? 142  TRP B CE3 1 
ATOM   1090 C CZ2 . TRP B  1 42 ? 13.810  15.457  -15.072 1.00 18.97 ? 142  TRP B CZ2 1 
ATOM   1091 C CZ3 . TRP B  1 42 ? 11.710  14.235  -15.220 1.00 19.46 ? 142  TRP B CZ3 1 
ATOM   1092 C CH2 . TRP B  1 42 ? 12.432  15.450  -15.105 1.00 19.60 ? 142  TRP B CH2 1 
ATOM   1093 N N   . LYS B  1 43 ? 12.196  10.199  -17.465 1.00 23.12 ? 143  LYS B N   1 
ATOM   1094 C CA  . LYS B  1 43 ? 11.027  10.755  -18.170 1.00 25.24 ? 143  LYS B CA  1 
ATOM   1095 C C   . LYS B  1 43 ? 9.943   11.116  -17.166 1.00 25.65 ? 143  LYS B C   1 
ATOM   1096 O O   . LYS B  1 43 ? 9.955   10.610  -16.034 1.00 24.75 ? 143  LYS B O   1 
ATOM   1097 C CB  . LYS B  1 43 ? 10.526  9.795   -19.272 1.00 26.19 ? 143  LYS B CB  1 
ATOM   1098 C CG  . LYS B  1 43 ? 9.866   8.501   -18.817 1.00 29.68 ? 143  LYS B CG  1 
ATOM   1099 C CD  . LYS B  1 43 ? 9.674   7.629   -20.050 1.00 34.86 ? 143  LYS B CD  1 
ATOM   1100 C CE  . LYS B  1 43 ? 8.659   6.549   -19.840 1.00 37.24 ? 143  LYS B CE  1 
ATOM   1101 N NZ  . LYS B  1 43 ? 8.926   5.428   -20.788 1.00 41.53 ? 143  LYS B NZ  1 
ATOM   1102 N N   . PRO B  1 44 ? 9.016   12.014  -17.556 1.00 26.63 ? 144  PRO B N   1 
ATOM   1103 C CA  . PRO B  1 44 ? 8.071   12.559  -16.580 1.00 27.19 ? 144  PRO B CA  1 
ATOM   1104 C C   . PRO B  1 44 ? 6.945   11.572  -16.331 1.00 28.53 ? 144  PRO B C   1 
ATOM   1105 O O   . PRO B  1 44 ? 6.542   10.826  -17.244 1.00 29.58 ? 144  PRO B O   1 
ATOM   1106 C CB  . PRO B  1 44 ? 7.538   13.819  -17.287 1.00 27.78 ? 144  PRO B CB  1 
ATOM   1107 C CG  . PRO B  1 44 ? 7.567   13.442  -18.750 1.00 26.76 ? 144  PRO B CG  1 
ATOM   1108 C CD  . PRO B  1 44 ? 8.787   12.557  -18.916 1.00 26.62 ? 144  PRO B CD  1 
ATOM   1109 N N   . LYS B  1 45 ? 6.468   11.525  -15.093 1.00 28.82 ? 145  LYS B N   1 
ATOM   1110 C CA  . LYS B  1 45 ? 5.300   10.733  -14.786 1.00 28.96 ? 145  LYS B CA  1 
ATOM   1111 C C   . LYS B  1 45 ? 4.524   11.424  -13.685 1.00 29.46 ? 145  LYS B C   1 
ATOM   1112 O O   . LYS B  1 45 ? 5.132   12.048  -12.820 1.00 28.87 ? 145  LYS B O   1 
ATOM   1113 C CB  . LYS B  1 45 ? 5.684   9.317   -14.374 1.00 28.88 ? 145  LYS B CB  1 
ATOM   1114 C CG  . LYS B  1 45 ? 4.471   8.473   -14.032 1.00 30.81 ? 145  LYS B CG  1 
ATOM   1115 C CD  . LYS B  1 45 ? 4.717   7.018   -14.159 1.00 32.04 ? 145  LYS B CD  1 
ATOM   1116 C CE  . LYS B  1 45 ? 3.464   6.267   -13.752 1.00 33.55 ? 145  LYS B CE  1 
ATOM   1117 N NZ  . LYS B  1 45 ? 3.101   5.378   -14.862 1.00 35.27 ? 145  LYS B NZ  1 
ATOM   1118 N N   . MET B  1 46 ? 3.188   11.354  -13.769 1.00 29.33 ? 146  MET B N   1 
ATOM   1119 C CA  . MET B  1 46 ? 2.308   11.794  -12.680 1.00 30.30 ? 146  MET B CA  1 
ATOM   1120 C C   . MET B  1 46 ? 1.760   10.565  -12.014 1.00 29.21 ? 146  MET B C   1 
ATOM   1121 O O   . MET B  1 46 ? 1.382   9.600   -12.689 1.00 29.57 ? 146  MET B O   1 
ATOM   1122 C CB  . MET B  1 46 ? 1.142   12.631  -13.201 1.00 31.08 ? 146  MET B CB  1 
ATOM   1123 C CG  . MET B  1 46 ? 1.550   13.997  -13.693 1.00 37.01 ? 146  MET B CG  1 
ATOM   1124 S SD  . MET B  1 46 ? 1.272   15.178  -12.374 1.00 49.53 ? 146  MET B SD  1 
ATOM   1125 C CE  . MET B  1 46 ? -0.522  15.179  -12.332 1.00 44.57 ? 146  MET B CE  1 
ATOM   1126 N N   . ILE B  1 47 ? 1.752   10.566  -10.693 1.00 28.55 ? 147  ILE B N   1 
ATOM   1127 C CA  . ILE B  1 47 ? 1.140   9.453   -9.956  1.00 27.60 ? 147  ILE B CA  1 
ATOM   1128 C C   . ILE B  1 47 ? 0.194   10.029  -8.910  1.00 27.88 ? 147  ILE B C   1 
ATOM   1129 O O   . ILE B  1 47 ? 0.438   11.110  -8.363  1.00 27.65 ? 147  ILE B O   1 
ATOM   1130 C CB  . ILE B  1 47 ? 2.195   8.506   -9.290  1.00 27.61 ? 147  ILE B CB  1 
ATOM   1131 C CG1 . ILE B  1 47 ? 3.076   9.273   -8.284  1.00 26.64 ? 147  ILE B CG1 1 
ATOM   1132 C CG2 . ILE B  1 47 ? 3.045   7.800   -10.377 1.00 27.91 ? 147  ILE B CG2 1 
ATOM   1133 C CD1 . ILE B  1 47 ? 3.976   8.385   -7.400  1.00 27.39 ? 147  ILE B CD1 1 
ATOM   1134 N N   . GLY B  1 48 ? -0.881  9.296   -8.633  1.00 27.19 ? 148  GLY B N   1 
ATOM   1135 C CA  . GLY B  1 48 ? -1.856  9.751   -7.654  1.00 26.85 ? 148  GLY B CA  1 
ATOM   1136 C C   . GLY B  1 48 ? -1.796  8.897   -6.408  1.00 26.02 ? 148  GLY B C   1 
ATOM   1137 O O   . GLY B  1 48 ? -1.621  7.684   -6.480  1.00 26.22 ? 148  GLY B O   1 
ATOM   1138 N N   . GLY B  1 49 ? -1.928  9.541   -5.261  1.00 24.89 ? 149  GLY B N   1 
ATOM   1139 C CA  . GLY B  1 49 ? -2.058  8.819   -4.003  1.00 24.75 ? 149  GLY B CA  1 
ATOM   1140 C C   . GLY B  1 49 ? -3.290  9.304   -3.255  1.00 24.71 ? 149  GLY B C   1 
ATOM   1141 O O   . GLY B  1 49 ? -4.189  9.920   -3.845  1.00 23.72 ? 149  GLY B O   1 
ATOM   1142 N N   . ILE B  1 50 ? -3.298  9.078   -1.947  1.00 25.39 ? 150  ILE B N   1 
ATOM   1143 C CA  . ILE B  1 50 ? -4.430  9.446   -1.092  1.00 26.55 ? 150  ILE B CA  1 
ATOM   1144 C C   . ILE B  1 50 ? -4.799  10.943  -1.136  1.00 27.25 ? 150  ILE B C   1 
ATOM   1145 O O   . ILE B  1 50 ? -5.991  11.314  -1.044  1.00 27.79 ? 150  ILE B O   1 
ATOM   1146 C CB  . ILE B  1 50 ? -4.157  9.000   0.381   1.00 27.14 ? 150  ILE B CB  1 
ATOM   1147 C CG1 . ILE B  1 50 ? -5.459  8.730   1.142   1.00 29.47 ? 150  ILE B CG1 1 
ATOM   1148 C CG2 . ILE B  1 50 ? -3.232  9.980   1.118   1.00 27.79 ? 150  ILE B CG2 1 
ATOM   1149 C CD1 . ILE B  1 50 ? -6.462  7.992   0.318   1.00 33.06 ? 150  ILE B CD1 1 
ATOM   1150 N N   . GLY B  1 51 ? -3.781  11.781  -1.286  1.00 27.24 ? 151  GLY B N   1 
ATOM   1151 C CA  . GLY B  1 51 ? -3.924  13.233  -1.133  1.00 28.77 ? 151  GLY B CA  1 
ATOM   1152 C C   . GLY B  1 51 ? -3.903  13.994  -2.440  1.00 28.93 ? 151  GLY B C   1 
ATOM   1153 O O   . GLY B  1 51 ? -4.000  15.211  -2.433  1.00 29.73 ? 151  GLY B O   1 
ATOM   1154 N N   . GLY B  1 52 ? -3.794  13.279  -3.559  1.00 29.45 ? 152  GLY B N   1 
ATOM   1155 C CA  . GLY B  1 52 ? -3.739  13.911  -4.878  1.00 29.41 ? 152  GLY B CA  1 
ATOM   1156 C C   . GLY B  1 52 ? -2.543  13.415  -5.675  1.00 29.94 ? 152  GLY B C   1 
ATOM   1157 O O   . GLY B  1 52 ? -1.979  12.360  -5.376  1.00 29.64 ? 152  GLY B O   1 
ATOM   1158 N N   . PHE B  1 53 ? -2.181  14.180  -6.699  1.00 30.21 ? 153  PHE B N   1 
ATOM   1159 C CA  . PHE B  1 53 ? -1.146  13.808  -7.656  1.00 30.45 ? 153  PHE B CA  1 
ATOM   1160 C C   . PHE B  1 53 ? 0.171   14.525  -7.368  1.00 30.08 ? 153  PHE B C   1 
ATOM   1161 O O   . PHE B  1 53 ? 0.169   15.699  -6.992  1.00 30.17 ? 153  PHE B O   1 
ATOM   1162 C CB  . PHE B  1 53 ? -1.619  14.182  -9.063  1.00 31.61 ? 153  PHE B CB  1 
ATOM   1163 C CG  . PHE B  1 53 ? -2.710  13.300  -9.593  1.00 32.83 ? 153  PHE B CG  1 
ATOM   1164 C CD1 . PHE B  1 53 ? -2.407  12.091  -10.191 1.00 34.90 ? 153  PHE B CD1 1 
ATOM   1165 C CD2 . PHE B  1 53 ? -4.039  13.693  -9.508  1.00 36.43 ? 153  PHE B CD2 1 
ATOM   1166 C CE1 . PHE B  1 53 ? -3.401  11.273  -10.694 1.00 35.99 ? 153  PHE B CE1 1 
ATOM   1167 C CE2 . PHE B  1 53 ? -5.044  12.880  -10.001 1.00 37.09 ? 153  PHE B CE2 1 
ATOM   1168 C CZ  . PHE B  1 53 ? -4.722  11.666  -10.599 1.00 35.69 ? 153  PHE B CZ  1 
ATOM   1169 N N   . ILE B  1 54 ? 1.294   13.824  -7.567  1.00 28.87 ? 154  ILE B N   1 
ATOM   1170 C CA  . ILE B  1 54 ? 2.628   14.435  -7.580  1.00 27.71 ? 154  ILE B CA  1 
ATOM   1171 C C   . ILE B  1 54 ? 3.334   14.094  -8.907  1.00 27.25 ? 154  ILE B C   1 
ATOM   1172 O O   . ILE B  1 54 ? 3.002   13.083  -9.535  1.00 26.03 ? 154  ILE B O   1 
ATOM   1173 C CB  . ILE B  1 54 ? 3.517   13.988  -6.382  1.00 27.65 ? 154  ILE B CB  1 
ATOM   1174 C CG1 . ILE B  1 54 ? 3.872   12.492  -6.467  1.00 29.01 ? 154  ILE B CG1 1 
ATOM   1175 C CG2 . ILE B  1 54 ? 2.851   14.352  -5.045  1.00 28.40 ? 154  ILE B CG2 1 
ATOM   1176 C CD1 . ILE B  1 54 ? 4.908   12.005  -5.470  1.00 31.84 ? 154  ILE B CD1 1 
ATOM   1177 N N   . LYS B  1 55 ? 4.287   14.938  -9.318  1.00 26.55 ? 155  LYS B N   1 
ATOM   1178 C CA  . LYS B  1 55 ? 5.163   14.648  -10.457 1.00 25.94 ? 155  LYS B CA  1 
ATOM   1179 C C   . LYS B  1 55 ? 6.410   13.923  -9.970  1.00 25.94 ? 155  LYS B C   1 
ATOM   1180 O O   . LYS B  1 55 ? 7.011   14.302  -8.953  1.00 26.39 ? 155  LYS B O   1 
ATOM   1181 C CB  . LYS B  1 55 ? 5.618   15.942  -11.142 1.00 26.90 ? 155  LYS B CB  1 
ATOM   1182 C CG  . LYS B  1 55 ? 4.536   16.718  -11.886 1.00 30.05 ? 155  LYS B CG  1 
ATOM   1183 C CD  . LYS B  1 55 ? 5.152   17.929  -12.644 1.00 33.62 ? 155  LYS B CD  1 
ATOM   1184 C CE  . LYS B  1 55 ? 4.091   18.720  -13.416 1.00 38.19 ? 155  LYS B CE  1 
ATOM   1185 N NZ  . LYS B  1 55 ? 4.650   19.804  -14.304 1.00 40.17 ? 155  LYS B NZ  1 
ATOM   1186 N N   . VAL B  1 56 ? 6.812   12.875  -10.680 1.00 24.31 ? 156  VAL B N   1 
ATOM   1187 C CA  . VAL B  1 56 ? 8.016   12.120  -10.292 1.00 23.98 ? 156  VAL B CA  1 
ATOM   1188 C C   . VAL B  1 56 ? 8.958   11.941  -11.510 1.00 22.97 ? 156  VAL B C   1 
ATOM   1189 O O   . VAL B  1 56 ? 8.526   12.130  -12.648 1.00 23.10 ? 156  VAL B O   1 
ATOM   1190 C CB  . VAL B  1 56 ? 7.676   10.728  -9.689  1.00 24.28 ? 156  VAL B CB  1 
ATOM   1191 C CG1 . VAL B  1 56 ? 6.954   10.894  -8.336  1.00 23.35 ? 156  VAL B CG1 1 
ATOM   1192 C CG2 . VAL B  1 56 ? 6.831   9.926   -10.656 1.00 24.83 ? 156  VAL B CG2 1 
ATOM   1193 N N   . ARG B  1 57 ? 10.211  11.604  -11.251 1.00 22.02 ? 157  ARG B N   1 
ATOM   1194 C CA  . ARG B  1 57 ? 11.167  11.285  -12.321 1.00 21.81 ? 157  ARG B CA  1 
ATOM   1195 C C   . ARG B  1 57 ? 11.151  9.775   -12.519 1.00 21.97 ? 157  ARG B C   1 
ATOM   1196 O O   . ARG B  1 57 ? 11.436  9.053   -11.602 1.00 22.28 ? 157  ARG B O   1 
ATOM   1197 C CB  . ARG B  1 57 ? 12.573  11.763  -11.969 1.00 23.82 ? 157  ARG B CB  1 
ATOM   1198 C CG  . ARG B  1 57 ? 12.660  13.245  -11.582 1.00 23.97 ? 157  ARG B CG  1 
ATOM   1199 C CD  . ARG B  1 57 ? 14.077  13.828  -11.713 1.00 28.79 ? 157  ARG B CD  1 
ATOM   1200 N NE  . ARG B  1 57 ? 15.156  13.050  -11.093 1.00 31.90 ? 157  ARG B NE  1 
ATOM   1201 C CZ  . ARG B  1 57 ? 15.427  13.029  -9.787  1.00 33.24 ? 157  ARG B CZ  1 
ATOM   1202 N NH1 . ARG B  1 57 ? 14.679  13.715  -8.937  1.00 37.35 ? 157  ARG B NH1 1 
ATOM   1203 N NH2 . ARG B  1 57 ? 16.435  12.306  -9.321  1.00 34.48 ? 157  ARG B NH2 1 
ATOM   1204 N N   . GLN B  1 58 ? 10.783  9.296   -13.708 1.00 21.65 ? 158  GLN B N   1 
ATOM   1205 C CA  . GLN B  1 58 ? 10.745  7.845   -13.969 1.00 21.72 ? 158  GLN B CA  1 
ATOM   1206 C C   . GLN B  1 58 ? 12.048  7.390   -14.614 1.00 21.07 ? 158  GLN B C   1 
ATOM   1207 O O   . GLN B  1 58 ? 12.413  7.884   -15.702 1.00 20.72 ? 158  GLN B O   1 
ATOM   1208 C CB  . GLN B  1 58 ? 9.575   7.511   -14.914 1.00 21.61 ? 158  GLN B CB  1 
ATOM   1209 C CG  . GLN B  1 58 ? 9.546   6.017   -15.326 1.00 21.48 ? 158  GLN B CG  1 
ATOM   1210 C CD  . GLN B  1 58 ? 8.354   5.665   -16.169 1.00 24.66 ? 158  GLN B CD  1 
ATOM   1211 O OE1 . GLN B  1 58 ? 7.335   6.339   -16.111 1.00 26.23 ? 158  GLN B OE1 1 
ATOM   1212 N NE2 . GLN B  1 58 ? 8.475   4.603   -16.978 1.00 26.61 ? 158  GLN B NE2 1 
ATOM   1213 N N   . TYR B  1 59 ? 12.728  6.450   -13.950 1.00 20.40 ? 159  TYR B N   1 
ATOM   1214 C CA  . TYR B  1 59 ? 13.955  5.817   -14.457 1.00 21.32 ? 159  TYR B CA  1 
ATOM   1215 C C   . TYR B  1 59 ? 13.658  4.351   -14.710 1.00 21.41 ? 159  TYR B C   1 
ATOM   1216 O O   . TYR B  1 59 ? 13.188  3.669   -13.795 1.00 22.65 ? 159  TYR B O   1 
ATOM   1217 C CB  . TYR B  1 59 ? 15.034  5.881   -13.387 1.00 21.67 ? 159  TYR B CB  1 
ATOM   1218 C CG  . TYR B  1 59 ? 15.584  7.246   -13.129 1.00 21.40 ? 159  TYR B CG  1 
ATOM   1219 C CD1 . TYR B  1 59 ? 16.713  7.702   -13.815 1.00 21.84 ? 159  TYR B CD1 1 
ATOM   1220 C CD2 . TYR B  1 59 ? 15.020  8.072   -12.156 1.00 23.96 ? 159  TYR B CD2 1 
ATOM   1221 C CE1 . TYR B  1 59 ? 17.260  8.980   -13.558 1.00 21.17 ? 159  TYR B CE1 1 
ATOM   1222 C CE2 . TYR B  1 59 ? 15.541  9.330   -11.893 1.00 22.79 ? 159  TYR B CE2 1 
ATOM   1223 C CZ  . TYR B  1 59 ? 16.657  9.773   -12.581 1.00 24.49 ? 159  TYR B CZ  1 
ATOM   1224 O OH  . TYR B  1 59 ? 17.146  11.030  -12.302 1.00 26.91 ? 159  TYR B OH  1 
ATOM   1225 N N   . ASP B  1 60 ? 13.948  3.857   -15.911 1.00 20.63 ? 160  ASP B N   1 
ATOM   1226 C CA  . ASP B  1 60 ? 13.700  2.445   -16.208 1.00 22.07 ? 160  ASP B CA  1 
ATOM   1227 C C   . ASP B  1 60 ? 14.931  1.581   -16.031 1.00 21.87 ? 160  ASP B C   1 
ATOM   1228 O O   . ASP B  1 60 ? 16.053  2.080   -16.025 1.00 21.98 ? 160  ASP B O   1 
ATOM   1229 C CB  . ASP B  1 60 ? 13.137  2.297   -17.622 1.00 22.44 ? 160  ASP B CB  1 
ATOM   1230 C CG  . ASP B  1 60 ? 11.824  3.003   -17.784 1.00 24.68 ? 160  ASP B CG  1 
ATOM   1231 O OD1 . ASP B  1 60 ? 11.049  3.072   -16.800 1.00 29.38 ? 160  ASP B OD1 1 
ATOM   1232 O OD2 . ASP B  1 60 ? 11.572  3.519   -18.887 1.00 27.10 ? 160  ASP B OD2 1 
ATOM   1233 N N   . GLN B  1 61 ? 14.688  0.290   -15.850 1.00 22.33 ? 161  GLN B N   1 
ATOM   1234 C CA  . GLN B  1 61 ? 15.725  -0.733  -15.859 1.00 22.92 ? 161  GLN B CA  1 
ATOM   1235 C C   . GLN B  1 61 ? 16.812  -0.480  -14.811 1.00 22.96 ? 161  GLN B C   1 
ATOM   1236 O O   . GLN B  1 61 ? 18.020  -0.560  -15.103 1.00 22.87 ? 161  GLN B O   1 
ATOM   1237 C CB  . GLN B  1 61 ? 16.310  -0.890  -17.271 1.00 23.24 ? 161  GLN B CB  1 
ATOM   1238 C CG  . GLN B  1 61 ? 16.913  -2.275  -17.503 1.00 25.43 ? 161  GLN B CG  1 
ATOM   1239 C CD  . GLN B  1 61 ? 17.151  -2.552  -18.986 1.00 27.51 ? 161  GLN B CD  1 
ATOM   1240 O OE1 . GLN B  1 61 ? 16.495  -1.955  -19.847 1.00 32.99 ? 161  GLN B OE1 1 
ATOM   1241 N NE2 . GLN B  1 61 ? 18.096  -3.428  -19.291 1.00 26.37 ? 161  GLN B NE2 1 
ATOM   1242 N N   . ILE B  1 62 ? 16.364  -0.118  -13.607 1.00 21.63 ? 162  ILE B N   1 
ATOM   1243 C CA  . ILE B  1 62 ? 17.248  0.180   -12.470 1.00 22.53 ? 162  ILE B CA  1 
ATOM   1244 C C   . ILE B  1 62 ? 17.419  -1.077  -11.660 1.00 22.30 ? 162  ILE B C   1 
ATOM   1245 O O   . ILE B  1 62 ? 16.430  -1.748  -11.366 1.00 22.99 ? 162  ILE B O   1 
ATOM   1246 C CB  . ILE B  1 62 ? 16.654  1.305   -11.569 1.00 22.42 ? 162  ILE B CB  1 
ATOM   1247 C CG1 . ILE B  1 62 ? 16.568  2.635   -12.349 1.00 21.44 ? 162  ILE B CG1 1 
ATOM   1248 C CG2 . ILE B  1 62 ? 17.400  1.427   -10.235 1.00 23.12 ? 162  ILE B CG2 1 
ATOM   1249 C CD1 . ILE B  1 62 ? 17.928  3.226   -12.748 1.00 22.63 ? 162  ILE B CD1 1 
ATOM   1250 N N   . ILE B  1 63 ? 18.668  -1.405  -11.314 1.00 22.94 ? 163  ILE B N   1 
ATOM   1251 C CA  . ILE B  1 63 ? 18.968  -2.603  -10.529 1.00 23.60 ? 163  ILE B CA  1 
ATOM   1252 C C   . ILE B  1 63 ? 18.800  -2.282  -9.043  1.00 24.38 ? 163  ILE B C   1 
ATOM   1253 O O   . ILE B  1 63 ? 19.350  -1.280  -8.545  1.00 24.46 ? 163  ILE B O   1 
ATOM   1254 C CB  . ILE B  1 63 ? 20.388  -3.140  -10.770 1.00 23.25 ? 163  ILE B CB  1 
ATOM   1255 C CG1 . ILE B  1 63 ? 20.677  -3.338  -12.263 1.00 24.74 ? 163  ILE B CG1 1 
ATOM   1256 C CG2 . ILE B  1 63 ? 20.576  -4.468  -10.013 1.00 24.54 ? 163  ILE B CG2 1 
ATOM   1257 C CD1 . ILE B  1 63 ? 22.180  -3.382  -12.588 1.00 24.92 ? 163  ILE B CD1 1 
ATOM   1258 N N   . ILE B  1 64 ? 18.024  -3.110  -8.351  1.00 23.15 ? 164  ILE B N   1 
ATOM   1259 C CA  . ILE B  1 64 ? 17.738  -2.880  -6.938  1.00 25.91 ? 164  ILE B CA  1 
ATOM   1260 C C   . ILE B  1 64 ? 17.654  -4.219  -6.199  1.00 26.35 ? 164  ILE B C   1 
ATOM   1261 O O   . ILE B  1 64 ? 17.075  -5.195  -6.698  1.00 27.32 ? 164  ILE B O   1 
ATOM   1262 C CB  . ILE B  1 64 ? 16.466  -1.956  -6.768  1.00 26.05 ? 164  ILE B CB  1 
ATOM   1263 C CG1 . ILE B  1 64 ? 15.959  -1.843  -5.314  1.00 27.00 ? 164  ILE B CG1 1 
ATOM   1264 C CG2 . ILE B  1 64 ? 15.332  -2.416  -7.705  1.00 25.86 ? 164  ILE B CG2 1 
ATOM   1265 C CD1 . ILE B  1 64 ? 14.777  -0.822  -5.239  1.00 28.31 ? 164  ILE B CD1 1 
ATOM   1266 N N   . GLU B  1 65 ? 18.258  -4.269  -5.020  1.00 26.03 ? 165  GLU B N   1 
ATOM   1267 C CA  . GLU B  1 65 ? 18.156  -5.438  -4.164  1.00 26.61 ? 165  GLU B CA  1 
ATOM   1268 C C   . GLU B  1 65 ? 17.097  -5.132  -3.141  1.00 25.74 ? 165  GLU B C   1 
ATOM   1269 O O   . GLU B  1 65 ? 17.089  -4.058  -2.545  1.00 25.69 ? 165  GLU B O   1 
ATOM   1270 C CB  . GLU B  1 65 ? 19.485  -5.710  -3.452  1.00 27.16 ? 165  GLU B CB  1 
ATOM   1271 C CG  . GLU B  1 65 ? 20.643  -5.919  -4.375  1.00 33.96 ? 165  GLU B CG  1 
ATOM   1272 C CD  . GLU B  1 65 ? 20.828  -7.374  -4.753  1.00 41.22 ? 165  GLU B CD  1 
ATOM   1273 O OE1 . GLU B  1 65 ? 20.384  -8.266  -3.989  1.00 46.51 ? 165  GLU B OE1 1 
ATOM   1274 O OE2 . GLU B  1 65 ? 21.442  -7.625  -5.811  1.00 45.80 ? 165  GLU B OE2 1 
ATOM   1275 N N   . ILE B  1 66 ? 16.155  -6.035  -2.987  1.00 24.78 ? 166  ILE B N   1 
ATOM   1276 C CA  . ILE B  1 66 ? 15.083  -5.850  -2.017  1.00 24.95 ? 166  ILE B CA  1 
ATOM   1277 C C   . ILE B  1 66 ? 15.134  -7.024  -1.058  1.00 25.70 ? 166  ILE B C   1 
ATOM   1278 O O   . ILE B  1 66 ? 14.942  -8.160  -1.470  1.00 24.98 ? 166  ILE B O   1 
ATOM   1279 C CB  . ILE B  1 66 ? 13.698  -5.773  -2.726  1.00 24.71 ? 166  ILE B CB  1 
ATOM   1280 C CG1 . ILE B  1 66 ? 13.638  -4.531  -3.647  1.00 25.13 ? 166  ILE B CG1 1 
ATOM   1281 C CG2 . ILE B  1 66 ? 12.534  -5.733  -1.708  1.00 23.01 ? 166  ILE B CG2 1 
ATOM   1282 C CD1 . ILE B  1 66 ? 12.655  -4.711  -4.787  1.00 25.61 ? 166  ILE B CD1 1 
ATOM   1283 N N   . ALA B  1 67 ? 15.417  -6.758  0.216   1.00 26.17 ? 167  ALA B N   1 
ATOM   1284 C CA  . ALA B  1 67 ? 15.435  -7.813  1.205   1.00 26.85 ? 167  ALA B CA  1 
ATOM   1285 C C   . ALA B  1 67 ? 16.196  -9.050  0.679   1.00 26.47 ? 167  ALA B C   1 
ATOM   1286 O O   . ALA B  1 67 ? 15.774  -10.197 0.876   1.00 26.26 ? 167  ALA B O   1 
ATOM   1287 C CB  . ALA B  1 67 ? 14.002  -8.166  1.592   1.00 26.93 ? 167  ALA B CB  1 
ATOM   1288 N N   . GLY B  1 68 ? 17.329  -8.799  0.030   1.00 26.51 ? 168  GLY B N   1 
ATOM   1289 C CA  . GLY B  1 68 ? 18.199  -9.857  -0.516  1.00 27.17 ? 168  GLY B CA  1 
ATOM   1290 C C   . GLY B  1 68 ? 17.842  -10.384 -1.912  1.00 27.52 ? 168  GLY B C   1 
ATOM   1291 O O   . GLY B  1 68 ? 18.489  -11.301 -2.404  1.00 28.31 ? 168  GLY B O   1 
ATOM   1292 N N   . HIS B  1 69 ? 16.797  -9.838  -2.532  1.00 26.58 ? 169  HIS B N   1 
ATOM   1293 C CA  . HIS B  1 69 ? 16.333  -10.336 -3.841  1.00 26.02 ? 169  HIS B CA  1 
ATOM   1294 C C   . HIS B  1 69 ? 16.523  -9.272  -4.907  1.00 26.74 ? 169  HIS B C   1 
ATOM   1295 O O   . HIS B  1 69 ? 16.165  -8.122  -4.709  1.00 27.12 ? 169  HIS B O   1 
ATOM   1296 C CB  . HIS B  1 69 ? 14.851  -10.711 -3.788  1.00 26.06 ? 169  HIS B CB  1 
ATOM   1297 C CG  . HIS B  1 69 ? 14.559  -11.891 -2.925  1.00 26.57 ? 169  HIS B CG  1 
ATOM   1298 N ND1 . HIS B  1 69 ? 14.634  -11.837 -1.547  1.00 28.71 ? 169  HIS B ND1 1 
ATOM   1299 C CD2 . HIS B  1 69 ? 14.174  -13.150 -3.235  1.00 26.47 ? 169  HIS B CD2 1 
ATOM   1300 C CE1 . HIS B  1 69 ? 14.328  -13.021 -1.048  1.00 27.27 ? 169  HIS B CE1 1 
ATOM   1301 N NE2 . HIS B  1 69 ? 14.051  -13.837 -2.048  1.00 28.38 ? 169  HIS B NE2 1 
ATOM   1302 N N   . LYS B  1 70 ? 17.051  -9.669  -6.052  1.00 26.27 ? 170  LYS B N   1 
ATOM   1303 C CA  . LYS B  1 70 ? 17.370  -8.704  -7.080  1.00 27.03 ? 170  LYS B CA  1 
ATOM   1304 C C   . LYS B  1 70 ? 16.168  -8.438  -7.958  1.00 25.92 ? 170  LYS B C   1 
ATOM   1305 O O   . LYS B  1 70 ? 15.425  -9.359  -8.334  1.00 26.07 ? 170  LYS B O   1 
ATOM   1306 C CB  . LYS B  1 70 ? 18.544  -9.173  -7.916  1.00 27.91 ? 170  LYS B CB  1 
ATOM   1307 C CG  . LYS B  1 70 ? 18.829  -8.262  -9.100  1.00 31.51 ? 170  LYS B CG  1 
ATOM   1308 C CD  . LYS B  1 70 ? 20.224  -8.481  -9.593  1.00 36.59 ? 170  LYS B CD  1 
ATOM   1309 C CE  . LYS B  1 70 ? 21.200  -7.879  -8.621  1.00 39.91 ? 170  LYS B CE  1 
ATOM   1310 N NZ  . LYS B  1 70 ? 22.515  -8.527  -8.821  1.00 42.11 ? 170  LYS B NZ  1 
ATOM   1311 N N   . ALA B  1 71 ? 15.964  -7.164  -8.235  1.00 24.66 ? 171  ALA B N   1 
ATOM   1312 C CA  . ALA B  1 71 ? 14.971  -6.729  -9.175  1.00 23.79 ? 171  ALA B CA  1 
ATOM   1313 C C   . ALA B  1 71 ? 15.627  -5.740  -10.133 1.00 23.08 ? 171  ALA B C   1 
ATOM   1314 O O   . ALA B  1 71 ? 16.648  -5.099  -9.800  1.00 22.48 ? 171  ALA B O   1 
ATOM   1315 C CB  . ALA B  1 71 ? 13.771  -6.103  -8.434  1.00 23.17 ? 171  ALA B CB  1 
ATOM   1316 N N   . ILE B  1 72 ? 15.097  -5.668  -11.354 1.00 21.82 ? 172  ILE B N   1 
ATOM   1317 C CA  . ILE B  1 72 ? 15.575  -4.684  -12.339 1.00 21.03 ? 172  ILE B CA  1 
ATOM   1318 C C   . ILE B  1 72 ? 14.346  -4.120  -13.005 1.00 20.43 ? 172  ILE B C   1 
ATOM   1319 O O   . ILE B  1 72 ? 13.704  -4.794  -13.822 1.00 20.41 ? 172  ILE B O   1 
ATOM   1320 C CB  . ILE B  1 72 ? 16.521  -5.283  -13.441 1.00 20.76 ? 172  ILE B CB  1 
ATOM   1321 C CG1 . ILE B  1 72 ? 17.571  -6.225  -12.833 1.00 22.59 ? 172  ILE B CG1 1 
ATOM   1322 C CG2 . ILE B  1 72 ? 17.228  -4.137  -14.236 1.00 21.62 ? 172  ILE B CG2 1 
ATOM   1323 C CD1 . ILE B  1 72 ? 18.592  -6.733  -13.822 1.00 23.54 ? 172  ILE B CD1 1 
ATOM   1324 N N   . GLY B  1 73 ? 14.027  -2.866  -12.716 1.00 19.93 ? 173  GLY B N   1 
ATOM   1325 C CA  . GLY B  1 73 ? 12.789  -2.327  -13.262 1.00 20.70 ? 173  GLY B CA  1 
ATOM   1326 C C   . GLY B  1 73 ? 12.659  -0.855  -12.970 1.00 21.56 ? 173  GLY B C   1 
ATOM   1327 O O   . GLY B  1 73 ? 13.637  -0.203  -12.592 1.00 22.16 ? 173  GLY B O   1 
ATOM   1328 N N   . THR B  1 74 ? 11.443  -0.348  -13.134 1.00 21.51 ? 174  THR B N   1 
ATOM   1329 C CA  . THR B  1 74 ? 11.206  1.085   -13.095 1.00 21.60 ? 174  THR B CA  1 
ATOM   1330 C C   . THR B  1 74 ? 11.171  1.578   -11.672 1.00 21.32 ? 174  THR B C   1 
ATOM   1331 O O   . THR B  1 74 ? 10.490  1.005   -10.828 1.00 21.23 ? 174  THR B O   1 
ATOM   1332 C CB  . THR B  1 74 ? 9.908   1.419   -13.807 1.00 21.56 ? 174  THR B CB  1 
ATOM   1333 O OG1 . THR B  1 74 ? 10.023  0.983   -15.173 1.00 23.27 ? 174  THR B OG1 1 
ATOM   1334 C CG2 . THR B  1 74 ? 9.622   2.931   -13.769 1.00 22.25 ? 174  THR B CG2 1 
ATOM   1335 N N   . VAL B  1 75 ? 11.885  2.671   -11.423 1.00 21.61 ? 175  VAL B N   1 
ATOM   1336 C CA  . VAL B  1 75 ? 11.925  3.278   -10.102 1.00 21.51 ? 175  VAL B CA  1 
ATOM   1337 C C   . VAL B  1 75 ? 11.530  4.730   -10.328 1.00 21.58 ? 175  VAL B C   1 
ATOM   1338 O O   . VAL B  1 75 ? 12.097  5.406   -11.201 1.00 21.13 ? 175  VAL B O   1 
ATOM   1339 C CB  . VAL B  1 75 ? 13.332  3.169   -9.430  1.00 20.90 ? 175  VAL B CB  1 
ATOM   1340 C CG1 . VAL B  1 75 ? 13.399  3.966   -8.145  1.00 22.90 ? 175  VAL B CG1 1 
ATOM   1341 C CG2 . VAL B  1 75 ? 13.708  1.679   -9.150  1.00 22.35 ? 175  VAL B CG2 1 
ATOM   1342 N N   . LEU B  1 76 ? 10.547  5.190   -9.555  1.00 20.74 ? 176  LEU B N   1 
ATOM   1343 C CA  . LEU B  1 76 ? 10.086  6.579   -9.643  1.00 21.16 ? 176  LEU B CA  1 
ATOM   1344 C C   . LEU B  1 76 ? 10.751  7.333   -8.511  1.00 21.62 ? 176  LEU B C   1 
ATOM   1345 O O   . LEU B  1 76 ? 10.834  6.832   -7.380  1.00 22.80 ? 176  LEU B O   1 
ATOM   1346 C CB  . LEU B  1 76 ? 8.556   6.682   -9.519  1.00 21.49 ? 176  LEU B CB  1 
ATOM   1347 C CG  . LEU B  1 76 ? 7.721   5.770   -10.450 1.00 20.10 ? 176  LEU B CG  1 
ATOM   1348 C CD1 . LEU B  1 76 ? 6.224   6.033   -10.279 1.00 19.47 ? 176  LEU B CD1 1 
ATOM   1349 C CD2 . LEU B  1 76 ? 8.148   5.984   -11.902 1.00 21.66 ? 176  LEU B CD2 1 
ATOM   1350 N N   . VAL B  1 77 ? 11.255  8.520   -8.817  1.00 21.91 ? 177  VAL B N   1 
ATOM   1351 C CA  . VAL B  1 77 ? 11.949  9.320   -7.803  1.00 22.38 ? 177  VAL B CA  1 
ATOM   1352 C C   . VAL B  1 77 ? 11.158  10.597  -7.562  1.00 23.65 ? 177  VAL B C   1 
ATOM   1353 O O   . VAL B  1 77 ? 10.862  11.370  -8.506  1.00 22.56 ? 177  VAL B O   1 
ATOM   1354 C CB  . VAL B  1 77 ? 13.415  9.615   -8.222  1.00 23.37 ? 177  VAL B CB  1 
ATOM   1355 C CG1 . VAL B  1 77 ? 14.093  10.529  -7.218  1.00 22.39 ? 177  VAL B CG1 1 
ATOM   1356 C CG2 . VAL B  1 77 ? 14.210  8.291   -8.362  1.00 22.23 ? 177  VAL B CG2 1 
ATOM   1357 N N   . GLY B  1 78 ? 10.798  10.833  -6.309  1.00 23.99 ? 178  GLY B N   1 
ATOM   1358 C CA  . GLY B  1 78 ? 10.022  12.030  -5.997  1.00 25.88 ? 178  GLY B CA  1 
ATOM   1359 C C   . GLY B  1 78 ? 9.610   12.103  -4.540  1.00 28.09 ? 178  GLY B C   1 
ATOM   1360 O O   . GLY B  1 78 ? 9.844   11.147  -3.791  1.00 28.60 ? 178  GLY B O   1 
ATOM   1361 N N   . PRO B  1 79 ? 8.942   13.212  -4.148  1.00 29.33 ? 179  PRO B N   1 
ATOM   1362 C CA  . PRO B  1 79 ? 8.596   13.467  -2.747  1.00 30.69 ? 179  PRO B CA  1 
ATOM   1363 C C   . PRO B  1 79 ? 7.505   12.530  -2.247  1.00 31.62 ? 179  PRO B C   1 
ATOM   1364 O O   . PRO B  1 79 ? 6.315   12.763  -2.451  1.00 32.78 ? 179  PRO B O   1 
ATOM   1365 C CB  . PRO B  1 79 ? 8.124   14.948  -2.758  1.00 30.99 ? 179  PRO B CB  1 
ATOM   1366 C CG  . PRO B  1 79 ? 7.583   15.155  -4.163  1.00 30.34 ? 179  PRO B CG  1 
ATOM   1367 C CD  . PRO B  1 79 ? 8.470   14.287  -5.051  1.00 29.72 ? 179  PRO B CD  1 
ATOM   1368 N N   . THR B  1 80 ? 7.930   11.447  -1.613  1.00 32.20 ? 180  THR B N   1 
ATOM   1369 C CA  . THR B  1 80 ? 7.029   10.525  -0.982  1.00 30.74 ? 180  THR B CA  1 
ATOM   1370 C C   . THR B  1 80 ? 7.330   10.557  0.508   1.00 30.59 ? 180  THR B C   1 
ATOM   1371 O O   . THR B  1 80 ? 8.491   10.709  0.874   1.00 30.60 ? 180  THR B O   1 
ATOM   1372 C CB  . THR B  1 80 ? 7.174   9.087   -1.580  1.00 30.66 ? 180  THR B CB  1 
ATOM   1373 O OG1 . THR B  1 80 ? 6.377   8.180   -0.826  1.00 30.18 ? 180  THR B OG1 1 
ATOM   1374 C CG2 . THR B  1 80 ? 8.599   8.616   -1.557  1.00 29.36 ? 180  THR B CG2 1 
ATOM   1375 N N   . PRO B  1 81 ? 6.296   10.427  1.372   1.00 29.93 ? 181  PRO B N   1 
ATOM   1376 C CA  . PRO B  1 81 ? 6.573   10.369  2.818   1.00 29.67 ? 181  PRO B CA  1 
ATOM   1377 C C   . PRO B  1 81 ? 7.397   9.154   3.273   1.00 29.30 ? 181  PRO B C   1 
ATOM   1378 O O   . PRO B  1 81 ? 8.047   9.227   4.319   1.00 29.48 ? 181  PRO B O   1 
ATOM   1379 C CB  . PRO B  1 81 ? 5.180   10.373  3.467   1.00 30.07 ? 181  PRO B CB  1 
ATOM   1380 C CG  . PRO B  1 81 ? 4.237   9.951   2.387   1.00 32.07 ? 181  PRO B CG  1 
ATOM   1381 C CD  . PRO B  1 81 ? 4.850   10.333  1.073   1.00 29.90 ? 181  PRO B CD  1 
ATOM   1382 N N   . VAL B  1 82 ? 7.398   8.072   2.479   1.00 29.05 ? 182  VAL B N   1 
ATOM   1383 C CA  . VAL B  1 82 ? 8.161   6.832   2.770   1.00 28.67 ? 182  VAL B CA  1 
ATOM   1384 C C   . VAL B  1 82 ? 8.553   6.133   1.448   1.00 27.47 ? 182  VAL B C   1 
ATOM   1385 O O   . VAL B  1 82 ? 7.765   6.150   0.486   1.00 28.01 ? 182  VAL B O   1 
ATOM   1386 C CB  . VAL B  1 82 ? 7.368   5.849   3.693   1.00 30.25 ? 182  VAL B CB  1 
ATOM   1387 C CG1 . VAL B  1 82 ? 6.004   5.534   3.127   1.00 31.01 ? 182  VAL B CG1 1 
ATOM   1388 C CG2 . VAL B  1 82 ? 8.131   4.524   3.920   1.00 30.53 ? 182  VAL B CG2 1 
ATOM   1389 N N   . ASN B  1 83 ? 9.731   5.496   1.398   1.00 26.55 ? 183  ASN B N   1 
ATOM   1390 C CA  . ASN B  1 83 ? 10.114  4.747   0.192   1.00 25.77 ? 183  ASN B CA  1 
ATOM   1391 C C   . ASN B  1 83 ? 9.158   3.563   0.046   1.00 25.15 ? 183  ASN B C   1 
ATOM   1392 O O   . ASN B  1 83 ? 8.943   2.844   1.007   1.00 23.48 ? 183  ASN B O   1 
ATOM   1393 C CB  . ASN B  1 83 ? 11.568  4.245   0.242   1.00 26.33 ? 183  ASN B CB  1 
ATOM   1394 C CG  . ASN B  1 83 ? 12.578  5.366   0.370   1.00 27.56 ? 183  ASN B CG  1 
ATOM   1395 O OD1 . ASN B  1 83 ? 13.542  5.268   1.126   1.00 31.03 ? 183  ASN B OD1 1 
ATOM   1396 N ND2 . ASN B  1 83 ? 12.343  6.441   -0.338  1.00 25.48 ? 183  ASN B ND2 1 
ATOM   1397 N N   . VAL B  1 84 ? 8.546   3.376   -1.128  1.00 23.88 ? 184  VAL B N   1 
ATOM   1398 C CA  . VAL B  1 84 ? 7.642   2.250   -1.266  1.00 24.40 ? 184  VAL B CA  1 
ATOM   1399 C C   . VAL B  1 84 ? 8.047   1.356   -2.420  1.00 24.30 ? 184  VAL B C   1 
ATOM   1400 O O   . VAL B  1 84 ? 8.396   1.825   -3.530  1.00 24.24 ? 184  VAL B O   1 
ATOM   1401 C CB  . VAL B  1 84 ? 6.106   2.628   -1.380  1.00 26.04 ? 184  VAL B CB  1 
ATOM   1402 C CG1 . VAL B  1 84 ? 5.617   3.487   -0.175  1.00 27.34 ? 184  VAL B CG1 1 
ATOM   1403 C CG2 . VAL B  1 84 ? 5.800   3.275   -2.670  1.00 28.40 ? 184  VAL B CG2 1 
ATOM   1404 N N   . ILE B  1 85 ? 8.037   0.061   -2.141  1.00 23.29 ? 185  ILE B N   1 
ATOM   1405 C CA  . ILE B  1 85 ? 8.223   -0.947  -3.161  1.00 22.99 ? 185  ILE B CA  1 
ATOM   1406 C C   . ILE B  1 85 ? 6.849   -1.390  -3.603  1.00 22.72 ? 185  ILE B C   1 
ATOM   1407 O O   . ILE B  1 85 ? 6.082   -2.008  -2.812  1.00 22.94 ? 185  ILE B O   1 
ATOM   1408 C CB  . ILE B  1 85 ? 9.064   -2.162  -2.610  1.00 21.80 ? 185  ILE B CB  1 
ATOM   1409 C CG1 . ILE B  1 85 ? 10.417  -1.710  -2.027  1.00 22.05 ? 185  ILE B CG1 1 
ATOM   1410 C CG2 . ILE B  1 85 ? 9.244   -3.258  -3.676  1.00 22.30 ? 185  ILE B CG2 1 
ATOM   1411 C CD1 . ILE B  1 85 ? 11.218  -0.752  -2.879  1.00 20.40 ? 185  ILE B CD1 1 
ATOM   1412 N N   . GLY B  1 86 ? 6.535   -1.092  -4.859  1.00 21.91 ? 186  GLY B N   1 
ATOM   1413 C CA  . GLY B  1 86 ? 5.224   -1.354  -5.420  1.00 21.59 ? 186  GLY B CA  1 
ATOM   1414 C C   . GLY B  1 86 ? 5.145   -2.639  -6.203  1.00 21.30 ? 186  GLY B C   1 
ATOM   1415 O O   . GLY B  1 86 ? 6.125   -3.358  -6.310  1.00 21.46 ? 186  GLY B O   1 
ATOM   1416 N N   . ARG B  1 87 ? 3.982   -2.922  -6.777  1.00 21.30 ? 187  ARG B N   1 
ATOM   1417 C CA  . ARG B  1 87 ? 3.765   -4.229  -7.386  1.00 20.84 ? 187  ARG B CA  1 
ATOM   1418 C C   . ARG B  1 87 ? 4.721   -4.513  -8.550  1.00 20.97 ? 187  ARG B C   1 
ATOM   1419 O O   . ARG B  1 87 ? 4.996   -5.660  -8.830  1.00 21.44 ? 187  ARG B O   1 
ATOM   1420 C CB  . ARG B  1 87 ? 2.319   -4.381  -7.872  1.00 20.28 ? 187  ARG B CB  1 
ATOM   1421 C CG  . ARG B  1 87 ? 1.262   -4.377  -6.697  1.00 20.43 ? 187  ARG B CG  1 
ATOM   1422 C CD  . ARG B  1 87 ? -0.153  -4.667  -7.228  1.00 19.47 ? 187  ARG B CD  1 
ATOM   1423 N NE  . ARG B  1 87 ? -0.631  -3.642  -8.188  1.00 22.83 ? 187  ARG B NE  1 
ATOM   1424 C CZ  . ARG B  1 87 ? -0.600  -3.740  -9.517  1.00 25.93 ? 187  ARG B CZ  1 
ATOM   1425 N NH1 . ARG B  1 87 ? -0.166  -4.845  -10.134 1.00 23.57 ? 187  ARG B NH1 1 
ATOM   1426 N NH2 . ARG B  1 87 ? -1.007  -2.713  -10.251 1.00 26.89 ? 187  ARG B NH2 1 
ATOM   1427 N N   . ASN B  1 88 ? 5.208   -3.476  -9.237  1.00 20.94 ? 188  ASN B N   1 
ATOM   1428 C CA  . ASN B  1 88 ? 6.076   -3.718  -10.385 1.00 20.34 ? 188  ASN B CA  1 
ATOM   1429 C C   . ASN B  1 88 ? 7.345   -4.493  -9.976  1.00 21.29 ? 188  ASN B C   1 
ATOM   1430 O O   . ASN B  1 88 ? 7.857   -5.333  -10.737 1.00 22.19 ? 188  ASN B O   1 
ATOM   1431 C CB  . ASN B  1 88 ? 6.435   -2.406  -11.117 1.00 21.50 ? 188  ASN B CB  1 
ATOM   1432 C CG  . ASN B  1 88 ? 7.400   -1.527  -10.343 1.00 21.41 ? 188  ASN B CG  1 
ATOM   1433 O OD1 . ASN B  1 88 ? 7.155   -1.212  -9.186  1.00 22.90 ? 188  ASN B OD1 1 
ATOM   1434 N ND2 . ASN B  1 88 ? 8.505   -1.118  -10.984 1.00 21.95 ? 188  ASN B ND2 1 
ATOM   1435 N N   . LEU B  1 89 ? 7.844   -4.223  -8.776  1.00 20.10 ? 189  LEU B N   1 
ATOM   1436 C CA  . LEU B  1 89 ? 9.022   -4.962  -8.307  1.00 20.45 ? 189  LEU B CA  1 
ATOM   1437 C C   . LEU B  1 89 ? 8.665   -6.109  -7.354  1.00 20.42 ? 189  LEU B C   1 
ATOM   1438 O O   . LEU B  1 89 ? 9.421   -7.058  -7.244  1.00 21.19 ? 189  LEU B O   1 
ATOM   1439 C CB  . LEU B  1 89 ? 10.042  -4.008  -7.653  1.00 20.38 ? 189  LEU B CB  1 
ATOM   1440 C CG  . LEU B  1 89 ? 10.517  -2.837  -8.538  1.00 20.86 ? 189  LEU B CG  1 
ATOM   1441 C CD1 . LEU B  1 89 ? 11.599  -2.039  -7.779  1.00 25.44 ? 189  LEU B CD1 1 
ATOM   1442 C CD2 . LEU B  1 89 ? 11.052  -3.331  -9.877  1.00 19.37 ? 189  LEU B CD2 1 
ATOM   1443 N N   . LEU B  1 90 ? 7.532   -6.010  -6.646  1.00 21.08 ? 190  LEU B N   1 
ATOM   1444 C CA  . LEU B  1 90 ? 7.066   -7.121  -5.803  1.00 21.61 ? 190  LEU B CA  1 
ATOM   1445 C C   . LEU B  1 90 ? 6.888   -8.395  -6.648  1.00 21.20 ? 190  LEU B C   1 
ATOM   1446 O O   . LEU B  1 90 ? 7.271   -9.476  -6.237  1.00 20.40 ? 190  LEU B O   1 
ATOM   1447 C CB  . LEU B  1 90 ? 5.781   -6.744  -5.068  1.00 21.68 ? 190  LEU B CB  1 
ATOM   1448 C CG  . LEU B  1 90 ? 5.940   -5.688  -3.960  1.00 23.17 ? 190  LEU B CG  1 
ATOM   1449 C CD1 . LEU B  1 90 ? 4.551   -5.375  -3.399  1.00 23.95 ? 190  LEU B CD1 1 
ATOM   1450 C CD2 . LEU B  1 90 ? 6.900   -6.174  -2.879  1.00 22.27 ? 190  LEU B CD2 1 
ATOM   1451 N N   . THR B  1 91 ? 6.367   -8.254  -7.864  1.00 22.26 ? 191  THR B N   1 
ATOM   1452 C CA  . THR B  1 91 ? 6.217   -9.407  -8.769  1.00 22.28 ? 191  THR B CA  1 
ATOM   1453 C C   . THR B  1 91 ? 7.576   -10.044 -9.159  1.00 23.05 ? 191  THR B C   1 
ATOM   1454 O O   . THR B  1 91 ? 7.710   -11.268 -9.228  1.00 22.56 ? 191  THR B O   1 
ATOM   1455 C CB  . THR B  1 91 ? 5.425   -9.028  -10.048 1.00 22.93 ? 191  THR B CB  1 
ATOM   1456 O OG1 . THR B  1 91 ? 6.121   -7.979  -10.731 1.00 26.23 ? 191  THR B OG1 1 
ATOM   1457 C CG2 . THR B  1 91 ? 4.023   -8.572  -9.690  1.00 23.12 ? 191  THR B CG2 1 
ATOM   1458 N N   . GLN B  1 92 ? 8.590   -9.207  -9.398  1.00 23.39 ? 192  GLN B N   1 
ATOM   1459 C CA  . GLN B  1 92 ? 9.933   -9.698  -9.755  1.00 23.53 ? 192  GLN B CA  1 
ATOM   1460 C C   . GLN B  1 92 ? 10.578  -10.502 -8.644  1.00 24.33 ? 192  GLN B C   1 
ATOM   1461 O O   . GLN B  1 92 ? 11.291  -11.452 -8.925  1.00 25.12 ? 192  GLN B O   1 
ATOM   1462 C CB  . GLN B  1 92 ? 10.880  -8.537  -10.121 1.00 23.00 ? 192  GLN B CB  1 
ATOM   1463 C CG  . GLN B  1 92 ? 10.439  -7.793  -11.384 1.00 22.73 ? 192  GLN B CG  1 
ATOM   1464 C CD  . GLN B  1 92 ? 11.546  -6.999  -11.988 1.00 21.53 ? 192  GLN B CD  1 
ATOM   1465 O OE1 . GLN B  1 92 ? 12.713  -7.218  -11.660 1.00 21.09 ? 192  GLN B OE1 1 
ATOM   1466 N NE2 . GLN B  1 92 ? 11.202  -6.073  -12.881 1.00 22.14 ? 192  GLN B NE2 1 
ATOM   1467 N N   . ILE B  1 93 ? 10.322  -10.153 -7.381  1.00 24.17 ? 193  ILE B N   1 
ATOM   1468 C CA  . ILE B  1 93 ? 10.929  -10.931 -6.281  1.00 24.81 ? 193  ILE B CA  1 
ATOM   1469 C C   . ILE B  1 93 ? 10.071  -12.140 -5.875  1.00 25.16 ? 193  ILE B C   1 
ATOM   1470 O O   . ILE B  1 93 ? 10.442  -12.894 -4.964  1.00 26.76 ? 193  ILE B O   1 
ATOM   1471 C CB  . ILE B  1 93 ? 11.255  -10.049 -5.057  1.00 24.65 ? 193  ILE B CB  1 
ATOM   1472 C CG1 . ILE B  1 93 ? 9.975   -9.548  -4.372  1.00 26.02 ? 193  ILE B CG1 1 
ATOM   1473 C CG2 . ILE B  1 93 ? 12.153  -8.850  -5.449  1.00 25.50 ? 193  ILE B CG2 1 
ATOM   1474 C CD1 . ILE B  1 93 ? 10.258  -8.693  -3.104  1.00 30.99 ? 193  ILE B CD1 1 
ATOM   1475 N N   . GLY B  1 94 ? 8.942   -12.319 -6.558  1.00 24.99 ? 194  GLY B N   1 
ATOM   1476 C CA  . GLY B  1 94 ? 8.038   -13.465 -6.352  1.00 24.59 ? 194  GLY B CA  1 
ATOM   1477 C C   . GLY B  1 94 ? 7.063   -13.351 -5.189  1.00 24.51 ? 194  GLY B C   1 
ATOM   1478 O O   . GLY B  1 94 ? 6.562   -14.367 -4.703  1.00 23.34 ? 194  GLY B O   1 
ATOM   1479 N N   . ALA B  1 95 ? 6.781   -12.131 -4.746  1.00 23.50 ? 195  ALA B N   1 
ATOM   1480 C CA  . ALA B  1 95 ? 5.894   -11.935 -3.589  1.00 24.76 ? 195  ALA B CA  1 
ATOM   1481 C C   . ALA B  1 95 ? 4.422   -12.160 -3.904  1.00 24.60 ? 195  ALA B C   1 
ATOM   1482 O O   . ALA B  1 95 ? 3.909   -11.727 -4.957  1.00 25.48 ? 195  ALA B O   1 
ATOM   1483 C CB  . ALA B  1 95 ? 6.084   -10.536 -2.973  1.00 24.91 ? 195  ALA B CB  1 
ATOM   1484 N N   . THR B  1 96 ? 3.744   -12.829 -2.972  1.00 24.04 ? 196  THR B N   1 
ATOM   1485 C CA  . THR B  1 96 ? 2.323   -13.034 -3.048  1.00 23.85 ? 196  THR B CA  1 
ATOM   1486 C C   . THR B  1 96 ? 1.731   -12.649 -1.715  1.00 24.32 ? 196  THR B C   1 
ATOM   1487 O O   . THR B  1 96 ? 2.410   -12.676 -0.685  1.00 23.34 ? 196  THR B O   1 
ATOM   1488 C CB  . THR B  1 96 ? 1.975   -14.525 -3.352  1.00 24.47 ? 196  THR B CB  1 
ATOM   1489 O OG1 . THR B  1 96 ? 2.585   -15.363 -2.361  1.00 25.68 ? 196  THR B OG1 1 
ATOM   1490 C CG2 . THR B  1 96 ? 2.500   -14.917 -4.712  1.00 23.72 ? 196  THR B CG2 1 
ATOM   1491 N N   . LEU B  1 97 ? 0.460   -12.286 -1.738  1.00 24.81 ? 197  LEU B N   1 
ATOM   1492 C CA  . LEU B  1 97 ? -0.288  -12.064 -0.522  1.00 26.09 ? 197  LEU B CA  1 
ATOM   1493 C C   . LEU B  1 97 ? -1.126  -13.328 -0.225  1.00 26.22 ? 197  LEU B C   1 
ATOM   1494 O O   . LEU B  1 97 ? -1.755  -13.893 -1.120  1.00 26.99 ? 197  LEU B O   1 
ATOM   1495 C CB  . LEU B  1 97 ? -1.155  -10.817 -0.735  1.00 27.13 ? 197  LEU B CB  1 
ATOM   1496 C CG  . LEU B  1 97 ? -1.779  -9.999  0.398   1.00 31.90 ? 197  LEU B CG  1 
ATOM   1497 C CD1 . LEU B  1 97 ? -0.789  -9.581  1.482   1.00 29.92 ? 197  LEU B CD1 1 
ATOM   1498 C CD2 . LEU B  1 97 ? -2.427  -8.784  -0.266  1.00 33.17 ? 197  LEU B CD2 1 
ATOM   1499 N N   . ASN B  1 98 ? -1.132  -13.782 1.025   1.00 25.71 ? 198  ASN B N   1 
ATOM   1500 C CA  . ASN B  1 98 ? -1.758  -15.057 1.332   1.00 26.26 ? 198  ASN B CA  1 
ATOM   1501 C C   . ASN B  1 98 ? -2.655  -14.941 2.555   1.00 26.97 ? 198  ASN B C   1 
ATOM   1502 O O   . ASN B  1 98 ? -2.293  -14.269 3.524   1.00 26.20 ? 198  ASN B O   1 
ATOM   1503 C CB  . ASN B  1 98 ? -0.687  -16.108 1.602   1.00 26.34 ? 198  ASN B CB  1 
ATOM   1504 C CG  . ASN B  1 98 ? 0.146   -16.406 0.391   1.00 28.00 ? 198  ASN B CG  1 
ATOM   1505 O OD1 . ASN B  1 98 ? -0.020  -17.445 -0.243  1.00 31.22 ? 198  ASN B OD1 1 
ATOM   1506 N ND2 . ASN B  1 98 ? 1.048   -15.509 0.059   1.00 27.37 ? 198  ASN B ND2 1 
ATOM   1507 N N   . PHE B  1 99 ? -3.826  -15.573 2.499   1.00 27.95 ? 199  PHE B N   1 
ATOM   1508 C CA  . PHE B  1 99 ? -4.690  -15.686 3.679   1.00 28.93 ? 199  PHE B CA  1 
ATOM   1509 C C   . PHE B  1 99 ? -5.676  -16.836 3.551   1.00 30.13 ? 199  PHE B C   1 
ATOM   1510 O O   . PHE B  1 99 ? -6.580  -16.980 4.388   1.00 31.06 ? 199  PHE B O   1 
ATOM   1511 C CB  . PHE B  1 99 ? -5.427  -14.375 3.980   1.00 29.10 ? 199  PHE B CB  1 
ATOM   1512 C CG  . PHE B  1 99 ? -6.428  -13.950 2.921   1.00 30.35 ? 199  PHE B CG  1 
ATOM   1513 C CD1 . PHE B  1 99 ? -7.788  -14.248 3.057   1.00 31.92 ? 199  PHE B CD1 1 
ATOM   1514 C CD2 . PHE B  1 99 ? -6.016  -13.195 1.826   1.00 32.16 ? 199  PHE B CD2 1 
ATOM   1515 C CE1 . PHE B  1 99 ? -8.727  -13.831 2.078   1.00 32.22 ? 199  PHE B CE1 1 
ATOM   1516 C CE2 . PHE B  1 99 ? -6.935  -12.773 0.857   1.00 32.03 ? 199  PHE B CE2 1 
ATOM   1517 C CZ  . PHE B  1 99 ? -8.291  -13.087 0.984   1.00 30.41 ? 199  PHE B CZ  1 
ATOM   1518 O OXT . PHE B  1 99 ? -5.570  -17.642 2.624   1.00 30.25 ? 199  PHE B OXT 1 
HETATM 1519 C C1  . 478 C  2 .  ? 1.020   4.669   -6.966  1.00 19.82 ? 401  478 A C1  1 
HETATM 1520 C C2  . 478 C  2 .  ? 2.356   5.120   -5.000  1.00 21.89 ? 401  478 A C2  1 
HETATM 1521 C C3  . 478 C  2 .  ? -0.295  4.708   -3.490  1.00 22.44 ? 401  478 A C3  1 
HETATM 1522 C C4  . 478 C  2 .  ? 0.934   5.229   -5.543  1.00 21.50 ? 401  478 A C4  1 
HETATM 1523 C C5  . 478 C  2 .  ? -1.518  3.883   -1.521  1.00 21.67 ? 401  478 A C5  1 
HETATM 1524 C C6  . 478 C  2 .  ? -0.685  3.156   -0.463  1.00 19.92 ? 401  478 A C6  1 
HETATM 1525 C C7  . 478 C  2 .  ? -2.984  3.420   -1.620  1.00 21.54 ? 401  478 A C7  1 
HETATM 1526 C C8  . 478 C  2 .  ? -3.707  4.204   -2.694  1.00 22.45 ? 401  478 A C8  1 
HETATM 1527 C C9  . 478 C  2 .  ? -3.857  3.666   -3.971  1.00 25.19 ? 401  478 A C9  1 
HETATM 1528 C C10 . 478 C  2 .  ? -4.219  5.475   -2.410  1.00 26.45 ? 401  478 A C10 1 
HETATM 1529 C C11 . 478 C  2 .  ? -4.512  4.385   -4.971  1.00 26.26 ? 401  478 A C11 1 
HETATM 1530 C C12 . 478 C  2 .  ? -4.866  6.216   -3.404  1.00 23.56 ? 401  478 A C12 1 
HETATM 1531 C C13 . 478 C  2 .  ? -5.010  5.664   -4.681  1.00 24.47 ? 401  478 A C13 1 
HETATM 1532 C C14 . 478 C  2 .  ? -1.115  3.404   0.989   1.00 21.65 ? 401  478 A C14 1 
HETATM 1533 C C15 . 478 C  2 .  ? 0.470   5.052   2.140   1.00 26.23 ? 401  478 A C15 1 
HETATM 1534 C C16 . 478 C  2 .  ? 1.719   4.745   1.315   1.00 27.00 ? 401  478 A C16 1 
HETATM 1535 C C17 . 478 C  2 .  ? -2.571  5.481   3.169   1.00 24.12 ? 401  478 A C17 1 
HETATM 1536 C C18 . 478 C  2 .  ? -3.624  4.580   3.363   1.00 25.57 ? 401  478 A C18 1 
HETATM 1537 C C19 . 478 C  2 .  ? -4.141  4.316   4.636   1.00 25.96 ? 401  478 A C19 1 
HETATM 1538 C C20 . 478 C  2 .  ? -3.594  4.927   5.758   1.00 24.12 ? 401  478 A C20 1 
HETATM 1539 C C21 . 478 C  2 .  ? -2.557  5.848   5.584   1.00 24.59 ? 401  478 A C21 1 
HETATM 1540 C C22 . 478 C  2 .  ? -2.049  6.115   4.294   1.00 22.76 ? 401  478 A C22 1 
HETATM 1541 C C23 . 478 C  2 .  ? 1.894   5.680   0.124   1.00 28.49 ? 401  478 A C23 1 
HETATM 1542 C C24 . 478 C  2 .  ? 2.887   4.921   2.272   1.00 26.81 ? 401  478 A C24 1 
HETATM 1543 C C25 . 478 C  2 .  ? 3.144   4.361   -6.071  1.00 21.54 ? 401  478 A C25 1 
HETATM 1544 N N1  . 478 C  2 .  ? -0.858  3.719   -2.805  1.00 19.70 ? 401  478 A N1  1 
HETATM 1545 N N2  . 478 C  2 .  ? -0.815  4.736   1.532   1.00 25.27 ? 401  478 A N2  1 
HETATM 1546 N N3  . 478 C  2 .  ? -4.103  4.673   7.004   1.00 24.97 ? 401  478 A N3  1 
HETATM 1547 O O1  . 478 C  2 .  ? 0.105   4.313   -4.836  1.00 22.46 ? 401  478 A O1  1 
HETATM 1548 O O2  . 478 C  2 .  ? -0.088  5.846   -3.074  1.00 20.78 ? 401  478 A O2  1 
HETATM 1549 O O3  . 478 C  2 .  ? -0.773  1.739   -0.707  1.00 21.75 ? 401  478 A O3  1 
HETATM 1550 O O4  . 478 C  2 .  ? -2.992  5.468   0.691   1.00 25.55 ? 401  478 A O4  1 
HETATM 1551 O O5  . 478 C  2 .  ? -1.479  7.108   1.666   1.00 24.80 ? 401  478 A O5  1 
HETATM 1552 O O6  . 478 C  2 .  ? 2.159   3.804   -6.951  1.00 22.82 ? 401  478 A O6  1 
HETATM 1553 S S1  . 478 C  2 .  ? -1.975  5.765   1.675   1.00 24.42 ? 401  478 A S1  1 
HETATM 1554 I I   . IOD D  3 .  ? -7.744  -1.436  15.161  0.50 18.11 ? 502  IOD A I   1 
HETATM 1555 I I   . IOD E  3 .  ? -17.053 0.061   -4.973  0.40 28.82 ? 507  IOD A I   1 
HETATM 1556 I I   . IOD F  3 .  ? -2.968  -4.864  13.858  0.25 30.88 ? 509  IOD A I   1 
HETATM 1557 I I   . IOD G  3 .  ? -13.481 -11.730 -3.012  0.50 48.65 ? 510  IOD A I   1 
HETATM 1558 I I   . IOD H  3 .  ? -5.306  -3.739  -12.205 0.50 49.93 ? 511  IOD A I   1 
HETATM 1559 I I   . IOD I  3 .  ? -9.405  16.811  3.312   0.50 43.32 ? 512  IOD A I   1 
HETATM 1560 I I   . IOD J  3 .  ? -17.527 -10.425 1.258   0.50 58.64 ? 514  IOD A I   1 
HETATM 1561 I I   . IOD K  3 .  ? -11.735 -2.118  17.691  0.50 49.61 ? 517  IOD A I   1 
HETATM 1562 I I   . IOD L  3 .  ? -24.397 6.258   0.103   0.25 42.87 ? 522  IOD A I   1 
HETATM 1563 I I   . IOD M  3 .  ? -24.285 5.092   3.365   0.30 37.69 ? 523  IOD A I   1 
HETATM 1564 I I   . IOD N  3 .  ? -15.043 9.704   -1.784  0.25 41.04 ? 524  IOD A I   1 
HETATM 1565 I I   . IOD O  3 .  ? -21.872 -6.043  7.014   0.25 63.26 ? 526  IOD A I   1 
HETATM 1566 I I   . IOD P  3 .  ? -25.021 -3.183  -1.983  0.25 83.32 ? 528  IOD A I   1 
HETATM 1567 I I   . IOD Q  3 .  ? -1.011  18.695  2.823   0.25 75.94 ? 529  IOD A I   1 
HETATM 1568 I I   . IOD R  3 .  ? -9.310  20.128  6.871   0.50 58.08 ? 532  IOD A I   1 
HETATM 1569 I I   . IOD S  3 .  ? -8.939  14.334  -1.790  0.25 72.55 ? 533  IOD A I   1 
HETATM 1570 I I   . IOD T  3 .  ? 8.968   -2.552  -14.301 0.75 25.66 ? 501  IOD B I   1 
HETATM 1571 I I   . IOD U  3 .  ? 15.761  -6.955  5.105   0.50 27.62 ? 503  IOD B I   1 
HETATM 1572 I I   . IOD V  3 .  ? 0.028   -14.599 12.666  0.50 27.37 ? 504  IOD B I   1 
HETATM 1573 I I   . IOD W  3 .  ? 22.778  -7.782  -12.099 0.50 32.32 ? 505  IOD B I   1 
HETATM 1574 I I   . IOD X  3 .  ? 16.094  5.693   4.125   0.50 32.96 ? 506  IOD B I   1 
HETATM 1575 I I   . IOD Y  3 .  ? 5.732   -0.366  12.927  0.50 44.70 ? 508  IOD B I   1 
HETATM 1576 I I   . IOD Z  3 .  ? 22.660  -7.195  -0.951  0.25 29.32 ? 513  IOD B I   1 
HETATM 1577 I I   . IOD AA 3 .  ? 20.982  6.716   -21.366 0.50 44.87 ? 515  IOD B I   1 
HETATM 1578 I I   . IOD BA 3 .  ? 24.672  8.941   -16.218 0.30 45.00 ? 516  IOD B I   1 
HETATM 1579 I I   . IOD CA 3 .  ? 4.472   15.580  -15.582 0.25 36.40 ? 519  IOD B I   1 
HETATM 1580 I I   . IOD DA 3 .  ? 14.153  9.718   -22.600 0.25 47.79 ? 525  IOD B I   1 
HETATM 1581 I I   . IOD EA 3 .  ? 22.549  -2.890  -6.716  0.25 73.96 ? 527  IOD B I   1 
HETATM 1582 I I   . IOD FA 3 .  ? 4.432   -7.467  17.075  0.25 54.85 ? 530  IOD B I   1 
HETATM 1583 I I   . IOD GA 3 .  ? 3.224   12.871  -17.577 0.25 57.39 ? 531  IOD B I   1 
HETATM 1584 O O   . HOH HA 4 .  ? -0.441  -10.564 9.440   1.00 21.40 ? 1008 HOH A O   1 
HETATM 1585 O O   . HOH HA 4 .  ? -3.165  5.669   9.949   1.00 25.65 ? 1011 HOH A O   1 
HETATM 1586 O O   . HOH HA 4 .  ? -25.617 4.881   9.530   1.00 32.81 ? 1012 HOH A O   1 
HETATM 1587 O O   . HOH HA 4 .  ? -2.165  -12.127 11.095  1.00 30.04 ? 1013 HOH A O   1 
HETATM 1588 O O   . HOH HA 4 .  ? 0.631   3.948   6.158   1.00 32.56 ? 1025 HOH A O   1 
HETATM 1589 O O   . HOH HA 4 .  ? -11.665 0.779   -4.553  1.00 32.27 ? 1027 HOH A O   1 
HETATM 1590 O O   . HOH HA 4 .  ? -11.213 -9.340  13.910  1.00 23.75 ? 1032 HOH A O   1 
HETATM 1591 O O   . HOH HA 4 .  ? -20.111 -2.775  12.190  1.00 28.39 ? 1034 HOH A O   1 
HETATM 1592 O O   . HOH HA 4 .  ? 1.902   -0.418  6.484   1.00 16.85 ? 1035 HOH A O   1 
HETATM 1593 O O   . HOH HA 4 .  ? -2.482  -10.604 -10.126 1.00 33.79 ? 1039 HOH A O   1 
HETATM 1594 O O   . HOH HA 4 .  ? -17.248 2.558   -2.411  1.00 34.06 ? 1040 HOH A O   1 
HETATM 1595 O O   . HOH HA 4 .  ? -22.377 -1.311  10.395  0.50 31.94 ? 1041 HOH A O   1 
HETATM 1596 O O   . HOH HA 4 .  ? -6.251  6.248   14.993  1.00 49.23 ? 1042 HOH A O   1 
HETATM 1597 O O   . HOH HA 4 .  ? -0.649  9.113   8.287   0.50 20.17 ? 1043 HOH A O   1 
HETATM 1598 O O   . HOH HA 4 .  ? -10.985 11.439  -4.205  0.50 35.27 ? 1045 HOH A O   1 
HETATM 1599 O O   . HOH HA 4 .  ? 9.320   -18.150 2.824   0.50 24.83 ? 1046 HOH A O   1 
HETATM 1600 O O   . HOH HA 4 .  ? 7.343   -18.164 2.074   0.50 29.94 ? 1047 HOH A O   1 
HETATM 1601 O O   . HOH HA 4 .  ? -19.285 14.311  5.875   1.00 47.13 ? 1053 HOH A O   1 
HETATM 1602 O O   . HOH HA 4 .  ? -10.290 -13.755 -2.958  1.00 39.22 ? 1056 HOH A O   1 
HETATM 1603 O O   . HOH HA 4 .  ? -2.309  0.272   12.495  0.50 23.98 ? 1066 HOH A O   1 
HETATM 1604 O O   . HOH HA 4 .  ? -3.023  10.030  11.898  0.50 17.00 ? 1068 HOH A O   1 
HETATM 1605 O O   . HOH HA 4 .  ? -15.471 -15.054 9.329   1.00 37.14 ? 1069 HOH A O   1 
HETATM 1606 O O   . HOH HA 4 .  ? 1.889   -17.987 -8.068  1.00 42.09 ? 1079 HOH A O   1 
HETATM 1607 O O   . HOH HA 4 .  ? -8.652  0.121   -8.014  0.50 20.51 ? 1082 HOH A O   1 
HETATM 1608 O O   . HOH HA 4 .  ? -14.022 13.984  5.905   0.50 37.21 ? 1091 HOH A O   1 
HETATM 1609 O O   . HOH HA 4 .  ? -8.675  -0.721  -10.303 0.50 29.83 ? 1092 HOH A O   1 
HETATM 1610 O O   . HOH HA 4 .  ? 2.484   2.302   6.663   1.00 36.92 ? 1093 HOH A O   1 
HETATM 1611 O O   . HOH HA 4 .  ? -11.514 -16.950 0.531   1.00 50.90 ? 1094 HOH A O   1 
HETATM 1612 O O   . HOH HA 4 .  ? -24.091 1.806   7.329   1.00 46.13 ? 1097 HOH A O   1 
HETATM 1613 O O   . HOH HA 4 .  ? -6.680  4.275   13.425  0.50 41.18 ? 1101 HOH A O   1 
HETATM 1614 O O   . HOH HA 4 .  ? -6.842  4.904   -8.952  1.00 50.91 ? 1102 HOH A O   1 
HETATM 1615 O O   . HOH HA 4 .  ? -2.367  -18.303 -7.269  1.00 44.51 ? 1115 HOH A O   1 
HETATM 1616 O O   . HOH HA 4 .  ? -3.713  -9.445  -7.421  1.00 37.62 ? 1116 HOH A O   1 
HETATM 1617 O O   . HOH HA 4 .  ? -6.080  -9.917  -8.044  0.50 34.06 ? 1117 HOH A O   1 
HETATM 1618 O O   . HOH HA 4 .  ? -19.559 11.819  16.631  1.00 41.61 ? 1119 HOH A O   1 
HETATM 1619 O O   . HOH HA 4 .  ? 1.787   8.567   8.271   0.50 30.27 ? 1121 HOH A O   1 
HETATM 1620 O O   . HOH HA 4 .  ? -0.988  -16.285 5.545   1.00 40.45 ? 1122 HOH A O   1 
HETATM 1621 O O   . HOH IA 4 .  ? -0.962  7.582   -1.049  1.00 19.72 ? 1001 HOH B O   1 
HETATM 1622 O O   . HOH IA 4 .  ? 14.331  -5.178  -16.352 1.00 20.22 ? 1002 HOH B O   1 
HETATM 1623 O O   . HOH IA 4 .  ? 20.969  0.572   -11.753 1.00 23.32 ? 1006 HOH B O   1 
HETATM 1624 O O   . HOH IA 4 .  ? 11.412  14.024  -0.957  1.00 23.75 ? 1009 HOH B O   1 
HETATM 1625 O O   . HOH IA 4 .  ? 7.290   4.429   7.905   1.00 35.99 ? 1015 HOH B O   1 
HETATM 1626 O O   . HOH IA 4 .  ? 3.955   13.145  -1.511  1.00 33.00 ? 1016 HOH B O   1 
HETATM 1627 O O   . HOH IA 4 .  ? 20.869  0.311   -15.162 1.00 46.57 ? 1017 HOH B O   1 
HETATM 1628 O O   . HOH IA 4 .  ? 17.828  -12.836 -6.324  1.00 28.42 ? 1018 HOH B O   1 
HETATM 1629 O O   . HOH IA 4 .  ? 4.751   17.710  -7.181  1.00 26.01 ? 1019 HOH B O   1 
HETATM 1630 O O   . HOH IA 4 .  ? 12.025  -0.705  -16.381 1.00 19.44 ? 1021 HOH B O   1 
HETATM 1631 O O   . HOH IA 4 .  ? 12.512  -1.111  -19.650 1.00 16.45 ? 1022 HOH B O   1 
HETATM 1632 O O   . HOH IA 4 .  ? 11.653  5.574   4.379   1.00 28.30 ? 1023 HOH B O   1 
HETATM 1633 O O   . HOH IA 4 .  ? 7.689   2.070   -10.530 1.00 19.93 ? 1024 HOH B O   1 
HETATM 1634 O O   . HOH IA 4 .  ? 2.579   -2.056  -12.000 1.00 36.54 ? 1026 HOH B O   1 
HETATM 1635 O O   . HOH IA 4 .  ? 8.048   -5.705  -13.728 1.00 39.20 ? 1028 HOH B O   1 
HETATM 1636 O O   . HOH IA 4 .  ? 5.639   0.701   -12.188 1.00 31.40 ? 1029 HOH B O   1 
HETATM 1637 O O   . HOH IA 4 .  ? -1.785  -2.159  -6.204  1.00 20.95 ? 1030 HOH B O   1 
HETATM 1638 O O   . HOH IA 4 .  ? 24.782  3.010   2.705   1.00 33.99 ? 1031 HOH B O   1 
HETATM 1639 O O   . HOH IA 4 .  ? 1.923   10.417  -16.520 1.00 34.67 ? 1036 HOH B O   1 
HETATM 1640 O O   . HOH IA 4 .  ? 4.896   -8.217  11.997  1.00 25.76 ? 1037 HOH B O   1 
HETATM 1641 O O   . HOH IA 4 .  ? 5.236   -16.542 -2.822  1.00 36.06 ? 1038 HOH B O   1 
HETATM 1642 O O   . HOH IA 4 .  ? 14.239  -15.857 5.690   0.50 21.97 ? 1048 HOH B O   1 
HETATM 1643 O O   . HOH IA 4 .  ? 5.585   -6.482  8.762   1.00 31.60 ? 1049 HOH B O   1 
HETATM 1644 O O   . HOH IA 4 .  ? -1.080  6.475   -10.260 1.00 41.81 ? 1054 HOH B O   1 
HETATM 1645 O O   . HOH IA 4 .  ? -1.889  -19.597 1.713   0.50 26.80 ? 1055 HOH B O   1 
HETATM 1646 O O   . HOH IA 4 .  ? 14.779  5.815   -17.892 1.00 23.17 ? 1059 HOH B O   1 
HETATM 1647 O O   . HOH IA 4 .  ? 15.107  -14.730 1.318   1.00 37.57 ? 1060 HOH B O   1 
HETATM 1648 O O   . HOH IA 4 .  ? -8.717  -18.495 3.252   0.50 27.85 ? 1062 HOH B O   1 
HETATM 1649 O O   . HOH IA 4 .  ? 24.947  4.189   -9.516  0.50 25.55 ? 1065 HOH B O   1 
HETATM 1650 O O   . HOH IA 4 .  ? 19.164  0.682   6.555   0.50 42.96 ? 1067 HOH B O   1 
HETATM 1651 O O   . HOH IA 4 .  ? 10.624  -15.314 -4.122  1.00 36.59 ? 1070 HOH B O   1 
HETATM 1652 O O   . HOH IA 4 .  ? -2.856  0.295   -6.550  1.00 35.40 ? 1071 HOH B O   1 
HETATM 1653 O O   . HOH IA 4 .  ? -5.246  10.118  -6.495  1.00 32.64 ? 1072 HOH B O   1 
HETATM 1654 O O   . HOH IA 4 .  ? 17.498  5.081   -16.861 1.00 44.79 ? 1073 HOH B O   1 
HETATM 1655 O O   . HOH IA 4 .  ? 5.499   -6.584  -13.766 0.50 39.19 ? 1075 HOH B O   1 
HETATM 1656 O O   . HOH IA 4 .  ? 4.201   -12.566 14.349  1.00 40.75 ? 1077 HOH B O   1 
HETATM 1657 O O   . HOH IA 4 .  ? 8.199   11.766  -22.679 0.50 37.54 ? 1078 HOH B O   1 
HETATM 1658 O O   . HOH IA 4 .  ? -3.978  16.650  -7.108  0.50 32.32 ? 1090 HOH B O   1 
HETATM 1659 O O   . HOH IA 4 .  ? 8.944   -2.902  11.112  1.00 40.66 ? 1104 HOH B O   1 
HETATM 1660 O O   . HOH IA 4 .  ? 21.266  11.006  -14.840 0.50 33.14 ? 1107 HOH B O   1 
HETATM 1661 O O   . HOH IA 4 .  ? 8.904   2.828   -19.956 1.00 46.84 ? 1114 HOH B O   1 
HETATM 1662 O O   . HOH IA 4 .  ? 14.476  -11.687 -7.813  1.00 35.25 ? 1120 HOH B O   1 
HETATM 1663 O O   . HOH IA 4 .  ? 15.358  -12.452 2.484   1.00 42.63 ? 1124 HOH B O   1 
HETATM 1664 O O   . HOH IA 4 .  ? 4.174   15.514  -0.949  1.00 40.84 ? 1126 HOH B O   1 
HETATM 1665 O O   . HOH IA 4 .  ? 3.003   -12.099 -7.640  0.50 11.96 ? 1127 HOH B O   1 
HETATM 1666 O O   . HOH IA 4 .  ? 19.158  2.626   -16.517 0.50 30.31 ? 1132 HOH B O   1 
HETATM 1667 O O   . HOH IA 4 .  ? 4.392   -13.020 -8.701  1.00 39.38 ? 1133 HOH B O   1 
# 
loop_
_pdbx_poly_seq_scheme.asym_id 
_pdbx_poly_seq_scheme.entity_id 
_pdbx_poly_seq_scheme.seq_id 
_pdbx_poly_seq_scheme.mon_id 
_pdbx_poly_seq_scheme.ndb_seq_num 
_pdbx_poly_seq_scheme.pdb_seq_num 
_pdbx_poly_seq_scheme.auth_seq_num 
_pdbx_poly_seq_scheme.pdb_mon_id 
_pdbx_poly_seq_scheme.auth_mon_id 
_pdbx_poly_seq_scheme.pdb_strand_id 
_pdbx_poly_seq_scheme.pdb_ins_code 
_pdbx_poly_seq_scheme.hetero 
A 1 1  PRO 1  1   1   PRO PRO A . n 
A 1 2  GLN 2  2   2   GLN GLN A . n 
A 1 3  ILE 3  3   3   ILE ILE A . n 
A 1 4  THR 4  4   4   THR THR A . n 
A 1 5  LEU 5  5   5   LEU LEU A . n 
A 1 6  TRP 6  6   6   TRP TRP A . n 
A 1 7  LYS 7  7   7   LYS LYS A . n 
A 1 8  ARG 8  8   8   ARG ARG A . n 
A 1 9  PRO 9  9   9   PRO PRO A . n 
A 1 10 LEU 10 10  10  LEU LEU A . n 
A 1 11 VAL 11 11  11  VAL VAL A . n 
A 1 12 THR 12 12  12  THR THR A . n 
A 1 13 ILE 13 13  13  ILE ILE A . n 
A 1 14 LYS 14 14  14  LYS LYS A . n 
A 1 15 ILE 15 15  15  ILE ILE A . n 
A 1 16 GLY 16 16  16  GLY GLY A . n 
A 1 17 GLY 17 17  17  GLY GLY A . n 
A 1 18 GLN 18 18  18  GLN GLN A . n 
A 1 19 LEU 19 19  19  LEU LEU A . n 
A 1 20 LYS 20 20  20  LYS LYS A . n 
A 1 21 GLU 21 21  21  GLU GLU A . n 
A 1 22 ALA 22 22  22  ALA ALA A . n 
A 1 23 LEU 23 23  23  LEU LEU A . n 
A 1 24 LEU 24 24  24  LEU LEU A . n 
A 1 25 ASP 25 25  25  ASP ASP A . n 
A 1 26 THR 26 26  26  THR THR A . n 
A 1 27 GLY 27 27  27  GLY GLY A . n 
A 1 28 ALA 28 28  28  ALA ALA A . n 
A 1 29 ASP 29 29  29  ASP ASP A . n 
A 1 30 ASP 30 30  30  ASP ASP A . n 
A 1 31 THR 31 31  31  THR THR A . n 
A 1 32 VAL 32 32  32  VAL VAL A . n 
A 1 33 ILE 33 33  33  ILE ILE A . n 
A 1 34 GLU 34 34  34  GLU GLU A . n 
A 1 35 GLU 35 35  35  GLU GLU A . n 
A 1 36 MET 36 36  36  MET MET A . n 
A 1 37 SER 37 37  37  SER SER A . n 
A 1 38 LEU 38 38  38  LEU LEU A . n 
A 1 39 PRO 39 39  39  PRO PRO A . n 
A 1 40 GLY 40 40  40  GLY GLY A . n 
A 1 41 ARG 41 41  41  ARG ARG A . n 
A 1 42 TRP 42 42  42  TRP TRP A . n 
A 1 43 LYS 43 43  43  LYS LYS A . n 
A 1 44 PRO 44 44  44  PRO PRO A . n 
A 1 45 LYS 45 45  45  LYS LYS A . n 
A 1 46 MET 46 46  46  MET MET A . n 
A 1 47 ILE 47 47  47  ILE ILE A . n 
A 1 48 GLY 48 48  48  GLY GLY A . n 
A 1 49 GLY 49 49  49  GLY GLY A . n 
A 1 50 ILE 50 50  50  ILE ILE A . n 
A 1 51 GLY 51 51  51  GLY GLY A . n 
A 1 52 GLY 52 52  52  GLY GLY A . n 
A 1 53 PHE 53 53  53  PHE PHE A . n 
A 1 54 ILE 54 54  54  ILE ILE A . n 
A 1 55 LYS 55 55  55  LYS LYS A . n 
A 1 56 VAL 56 56  56  VAL VAL A . n 
A 1 57 ARG 57 57  57  ARG ARG A . n 
A 1 58 GLN 58 58  58  GLN GLN A . n 
A 1 59 TYR 59 59  59  TYR TYR A . n 
A 1 60 ASP 60 60  60  ASP ASP A . n 
A 1 61 GLN 61 61  61  GLN GLN A . n 
A 1 62 ILE 62 62  62  ILE ILE A . n 
A 1 63 ILE 63 63  63  ILE ILE A . n 
A 1 64 ILE 64 64  64  ILE ILE A . n 
A 1 65 GLU 65 65  65  GLU GLU A . n 
A 1 66 ILE 66 66  66  ILE ILE A . n 
A 1 67 ALA 67 67  67  ALA ALA A . n 
A 1 68 GLY 68 68  68  GLY GLY A . n 
A 1 69 HIS 69 69  69  HIS HIS A . n 
A 1 70 LYS 70 70  70  LYS LYS A . n 
A 1 71 ALA 71 71  71  ALA ALA A . n 
A 1 72 ILE 72 72  72  ILE ILE A . n 
A 1 73 GLY 73 73  73  GLY GLY A . n 
A 1 74 THR 74 74  74  THR THR A . n 
A 1 75 VAL 75 75  75  VAL VAL A . n 
A 1 76 LEU 76 76  76  LEU LEU A . n 
A 1 77 VAL 77 77  77  VAL VAL A . n 
A 1 78 GLY 78 78  78  GLY GLY A . n 
A 1 79 PRO 79 79  79  PRO PRO A . n 
A 1 80 THR 80 80  80  THR THR A . n 
A 1 81 PRO 81 81  81  PRO PRO A . n 
A 1 82 VAL 82 82  82  VAL VAL A . n 
A 1 83 ASN 83 83  83  ASN ASN A . n 
A 1 84 VAL 84 84  84  VAL VAL A . n 
A 1 85 ILE 85 85  85  ILE ILE A . n 
A 1 86 GLY 86 86  86  GLY GLY A . n 
A 1 87 ARG 87 87  87  ARG ARG A . n 
A 1 88 ASN 88 88  88  ASN ASN A . n 
A 1 89 LEU 89 89  89  LEU LEU A . n 
A 1 90 LEU 90 90  90  LEU LEU A . n 
A 1 91 THR 91 91  91  THR THR A . n 
A 1 92 GLN 92 92  92  GLN GLN A . n 
A 1 93 ILE 93 93  93  ILE ILE A . n 
A 1 94 GLY 94 94  94  GLY GLY A . n 
A 1 95 ALA 95 95  95  ALA ALA A . n 
A 1 96 THR 96 96  96  THR THR A . n 
A 1 97 LEU 97 97  97  LEU LEU A . n 
A 1 98 ASN 98 98  98  ASN ASN A . n 
A 1 99 PHE 99 99  99  PHE PHE A . n 
B 1 1  PRO 1  101 101 PRO PRO B . n 
B 1 2  GLN 2  102 102 GLN GLN B . n 
B 1 3  ILE 3  103 103 ILE ILE B . n 
B 1 4  THR 4  104 104 THR THR B . n 
B 1 5  LEU 5  105 105 LEU LEU B . n 
B 1 6  TRP 6  106 106 TRP TRP B . n 
B 1 7  LYS 7  107 107 LYS LYS B . n 
B 1 8  ARG 8  108 108 ARG ARG B . n 
B 1 9  PRO 9  109 109 PRO PRO B . n 
B 1 10 LEU 10 110 110 LEU LEU B . n 
B 1 11 VAL 11 111 111 VAL VAL B . n 
B 1 12 THR 12 112 112 THR THR B . n 
B 1 13 ILE 13 113 113 ILE ILE B . n 
B 1 14 LYS 14 114 114 LYS LYS B . n 
B 1 15 ILE 15 115 115 ILE ILE B . n 
B 1 16 GLY 16 116 116 GLY GLY B . n 
B 1 17 GLY 17 117 117 GLY GLY B . n 
B 1 18 GLN 18 118 118 GLN GLN B . n 
B 1 19 LEU 19 119 119 LEU LEU B . n 
B 1 20 LYS 20 120 120 LYS LYS B . n 
B 1 21 GLU 21 121 121 GLU GLU B . n 
B 1 22 ALA 22 122 122 ALA ALA B . n 
B 1 23 LEU 23 123 123 LEU LEU B . n 
B 1 24 LEU 24 124 124 LEU LEU B . n 
B 1 25 ASP 25 125 125 ASP ASP B . n 
B 1 26 THR 26 126 126 THR THR B . n 
B 1 27 GLY 27 127 127 GLY GLY B . n 
B 1 28 ALA 28 128 128 ALA ALA B . n 
B 1 29 ASP 29 129 129 ASP ASP B . n 
B 1 30 ASP 30 130 130 ASP ASP B . n 
B 1 31 THR 31 131 131 THR THR B . n 
B 1 32 VAL 32 132 132 VAL VAL B . n 
B 1 33 ILE 33 133 133 ILE ILE B . n 
B 1 34 GLU 34 134 134 GLU GLU B . n 
B 1 35 GLU 35 135 135 GLU GLU B . n 
B 1 36 MET 36 136 136 MET MET B . n 
B 1 37 SER 37 137 137 SER SER B . n 
B 1 38 LEU 38 138 138 LEU LEU B . n 
B 1 39 PRO 39 139 139 PRO PRO B . n 
B 1 40 GLY 40 140 140 GLY GLY B . n 
B 1 41 ARG 41 141 141 ARG ARG B . n 
B 1 42 TRP 42 142 142 TRP TRP B . n 
B 1 43 LYS 43 143 143 LYS LYS B . n 
B 1 44 PRO 44 144 144 PRO PRO B . n 
B 1 45 LYS 45 145 145 LYS LYS B . n 
B 1 46 MET 46 146 146 MET MET B . n 
B 1 47 ILE 47 147 147 ILE ILE B . n 
B 1 48 GLY 48 148 148 GLY GLY B . n 
B 1 49 GLY 49 149 149 GLY GLY B . n 
B 1 50 ILE 50 150 150 ILE ILE B . n 
B 1 51 GLY 51 151 151 GLY GLY B . n 
B 1 52 GLY 52 152 152 GLY GLY B . n 
B 1 53 PHE 53 153 153 PHE PHE B . n 
B 1 54 ILE 54 154 154 ILE ILE B . n 
B 1 55 LYS 55 155 155 LYS LYS B . n 
B 1 56 VAL 56 156 156 VAL VAL B . n 
B 1 57 ARG 57 157 157 ARG ARG B . n 
B 1 58 GLN 58 158 158 GLN GLN B . n 
B 1 59 TYR 59 159 159 TYR TYR B . n 
B 1 60 ASP 60 160 160 ASP ASP B . n 
B 1 61 GLN 61 161 161 GLN GLN B . n 
B 1 62 ILE 62 162 162 ILE ILE B . n 
B 1 63 ILE 63 163 163 ILE ILE B . n 
B 1 64 ILE 64 164 164 ILE ILE B . n 
B 1 65 GLU 65 165 165 GLU GLU B . n 
B 1 66 ILE 66 166 166 ILE ILE B . n 
B 1 67 ALA 67 167 167 ALA ALA B . n 
B 1 68 GLY 68 168 168 GLY GLY B . n 
B 1 69 HIS 69 169 169 HIS HIS B . n 
B 1 70 LYS 70 170 170 LYS LYS B . n 
B 1 71 ALA 71 171 171 ALA ALA B . n 
B 1 72 ILE 72 172 172 ILE ILE B . n 
B 1 73 GLY 73 173 173 GLY GLY B . n 
B 1 74 THR 74 174 174 THR THR B . n 
B 1 75 VAL 75 175 175 VAL VAL B . n 
B 1 76 LEU 76 176 176 LEU LEU B . n 
B 1 77 VAL 77 177 177 VAL VAL B . n 
B 1 78 GLY 78 178 178 GLY GLY B . n 
B 1 79 PRO 79 179 179 PRO PRO B . n 
B 1 80 THR 80 180 180 THR THR B . n 
B 1 81 PRO 81 181 181 PRO PRO B . n 
B 1 82 VAL 82 182 182 VAL VAL B . n 
B 1 83 ASN 83 183 183 ASN ASN B . n 
B 1 84 VAL 84 184 184 VAL VAL B . n 
B 1 85 ILE 85 185 185 ILE ILE B . n 
B 1 86 GLY 86 186 186 GLY GLY B . n 
B 1 87 ARG 87 187 187 ARG ARG B . n 
B 1 88 ASN 88 188 188 ASN ASN B . n 
B 1 89 LEU 89 189 189 LEU LEU B . n 
B 1 90 LEU 90 190 190 LEU LEU B . n 
B 1 91 THR 91 191 191 THR THR B . n 
B 1 92 GLN 92 192 192 GLN GLN B . n 
B 1 93 ILE 93 193 193 ILE ILE B . n 
B 1 94 GLY 94 194 194 GLY GLY B . n 
B 1 95 ALA 95 195 195 ALA ALA B . n 
B 1 96 THR 96 196 196 THR THR B . n 
B 1 97 LEU 97 197 197 LEU LEU B . n 
B 1 98 ASN 98 198 198 ASN ASN B . n 
B 1 99 PHE 99 199 199 PHE PHE B . n 
# 
loop_
_pdbx_nonpoly_scheme.asym_id 
_pdbx_nonpoly_scheme.entity_id 
_pdbx_nonpoly_scheme.mon_id 
_pdbx_nonpoly_scheme.ndb_seq_num 
_pdbx_nonpoly_scheme.pdb_seq_num 
_pdbx_nonpoly_scheme.auth_seq_num 
_pdbx_nonpoly_scheme.pdb_mon_id 
_pdbx_nonpoly_scheme.auth_mon_id 
_pdbx_nonpoly_scheme.pdb_strand_id 
_pdbx_nonpoly_scheme.pdb_ins_code 
C  2 478 1  401  401  478 478 A . 
D  3 IOD 1  502  502  IOD IOD A . 
E  3 IOD 1  507  507  IOD IOD A . 
F  3 IOD 1  509  509  IOD IOD A . 
G  3 IOD 1  510  510  IOD IOD A . 
H  3 IOD 1  511  511  IOD IOD A . 
I  3 IOD 1  512  512  IOD IOD A . 
J  3 IOD 1  514  514  IOD IOD A . 
K  3 IOD 1  517  517  IOD IOD A . 
L  3 IOD 1  522  522  IOD IOD A . 
M  3 IOD 1  523  523  IOD IOD A . 
N  3 IOD 1  524  524  IOD IOD A . 
O  3 IOD 1  526  526  IOD IOD A . 
P  3 IOD 1  528  528  IOD IOD A . 
Q  3 IOD 1  529  529  IOD IOD A . 
R  3 IOD 1  532  532  IOD IOD A . 
S  3 IOD 1  533  533  IOD IOD A . 
T  3 IOD 1  501  501  IOD IOD B . 
U  3 IOD 1  503  503  IOD IOD B . 
V  3 IOD 1  504  504  IOD IOD B . 
W  3 IOD 1  505  505  IOD IOD B . 
X  3 IOD 1  506  506  IOD IOD B . 
Y  3 IOD 1  508  508  IOD IOD B . 
Z  3 IOD 1  513  513  IOD IOD B . 
AA 3 IOD 1  515  515  IOD IOD B . 
BA 3 IOD 1  516  516  IOD IOD B . 
CA 3 IOD 1  519  519  IOD IOD B . 
DA 3 IOD 1  525  525  IOD IOD B . 
EA 3 IOD 1  527  527  IOD IOD B . 
FA 3 IOD 1  530  530  IOD IOD B . 
GA 3 IOD 1  531  531  IOD IOD B . 
HA 4 HOH 1  1008 1008 HOH HOH A . 
HA 4 HOH 2  1011 1011 HOH HOH A . 
HA 4 HOH 3  1012 1012 HOH HOH A . 
HA 4 HOH 4  1013 1013 HOH HOH A . 
HA 4 HOH 5  1025 1025 HOH HOH A . 
HA 4 HOH 6  1027 1027 HOH HOH A . 
HA 4 HOH 7  1032 1032 HOH HOH A . 
HA 4 HOH 8  1034 1034 HOH HOH A . 
HA 4 HOH 9  1035 1035 HOH HOH A . 
HA 4 HOH 10 1039 1039 HOH HOH A . 
HA 4 HOH 11 1040 1040 HOH HOH A . 
HA 4 HOH 12 1041 1041 HOH HOH A . 
HA 4 HOH 13 1042 1042 HOH HOH A . 
HA 4 HOH 14 1043 1043 HOH HOH A . 
HA 4 HOH 15 1045 1045 HOH HOH A . 
HA 4 HOH 16 1046 1046 HOH HOH A . 
HA 4 HOH 17 1047 1047 HOH HOH A . 
HA 4 HOH 18 1053 1053 HOH HOH A . 
HA 4 HOH 19 1056 1056 HOH HOH A . 
HA 4 HOH 20 1066 1066 HOH HOH A . 
HA 4 HOH 21 1068 1068 HOH HOH A . 
HA 4 HOH 22 1069 1069 HOH HOH A . 
HA 4 HOH 23 1079 1079 HOH HOH A . 
HA 4 HOH 24 1082 1082 HOH HOH A . 
HA 4 HOH 25 1091 1091 HOH HOH A . 
HA 4 HOH 26 1092 1092 HOH HOH A . 
HA 4 HOH 27 1093 1093 HOH HOH A . 
HA 4 HOH 28 1094 1094 HOH HOH A . 
HA 4 HOH 29 1097 1097 HOH HOH A . 
HA 4 HOH 30 1101 1101 HOH HOH A . 
HA 4 HOH 31 1102 1102 HOH HOH A . 
HA 4 HOH 32 1115 1115 HOH HOH A . 
HA 4 HOH 33 1116 1116 HOH HOH A . 
HA 4 HOH 34 1117 1117 HOH HOH A . 
HA 4 HOH 35 1119 1119 HOH HOH A . 
HA 4 HOH 36 1121 1121 HOH HOH A . 
HA 4 HOH 37 1122 1122 HOH HOH A . 
IA 4 HOH 1  1001 1001 HOH HOH B . 
IA 4 HOH 2  1002 1002 HOH HOH B . 
IA 4 HOH 3  1006 1006 HOH HOH B . 
IA 4 HOH 4  1009 1009 HOH HOH B . 
IA 4 HOH 5  1015 1015 HOH HOH B . 
IA 4 HOH 6  1016 1016 HOH HOH B . 
IA 4 HOH 7  1017 1017 HOH HOH B . 
IA 4 HOH 8  1018 1018 HOH HOH B . 
IA 4 HOH 9  1019 1019 HOH HOH B . 
IA 4 HOH 10 1021 1021 HOH HOH B . 
IA 4 HOH 11 1022 1022 HOH HOH B . 
IA 4 HOH 12 1023 1023 HOH HOH B . 
IA 4 HOH 13 1024 1024 HOH HOH B . 
IA 4 HOH 14 1026 1026 HOH HOH B . 
IA 4 HOH 15 1028 1028 HOH HOH B . 
IA 4 HOH 16 1029 1029 HOH HOH B . 
IA 4 HOH 17 1030 1030 HOH HOH B . 
IA 4 HOH 18 1031 1031 HOH HOH B . 
IA 4 HOH 19 1036 1036 HOH HOH B . 
IA 4 HOH 20 1037 1037 HOH HOH B . 
IA 4 HOH 21 1038 1038 HOH HOH B . 
IA 4 HOH 22 1048 1048 HOH HOH B . 
IA 4 HOH 23 1049 1049 HOH HOH B . 
IA 4 HOH 24 1054 1054 HOH HOH B . 
IA 4 HOH 25 1055 1055 HOH HOH B . 
IA 4 HOH 26 1059 1059 HOH HOH B . 
IA 4 HOH 27 1060 1060 HOH HOH B . 
IA 4 HOH 28 1062 1062 HOH HOH B . 
IA 4 HOH 29 1065 1065 HOH HOH B . 
IA 4 HOH 30 1067 1067 HOH HOH B . 
IA 4 HOH 31 1070 1070 HOH HOH B . 
IA 4 HOH 32 1071 1071 HOH HOH B . 
IA 4 HOH 33 1072 1072 HOH HOH B . 
IA 4 HOH 34 1073 1073 HOH HOH B . 
IA 4 HOH 35 1075 1075 HOH HOH B . 
IA 4 HOH 36 1077 1077 HOH HOH B . 
IA 4 HOH 37 1078 1078 HOH HOH B . 
IA 4 HOH 38 1090 1090 HOH HOH B . 
IA 4 HOH 39 1104 1104 HOH HOH B . 
IA 4 HOH 40 1107 1107 HOH HOH B . 
IA 4 HOH 41 1114 1114 HOH HOH B . 
IA 4 HOH 42 1120 1120 HOH HOH B . 
IA 4 HOH 43 1124 1124 HOH HOH B . 
IA 4 HOH 44 1126 1126 HOH HOH B . 
IA 4 HOH 45 1127 1127 HOH HOH B . 
IA 4 HOH 46 1132 1132 HOH HOH B . 
IA 4 HOH 47 1133 1133 HOH HOH B . 
# 
_pdbx_struct_assembly.id                   1 
_pdbx_struct_assembly.details              author_and_software_defined_assembly 
_pdbx_struct_assembly.method_details       PISA 
_pdbx_struct_assembly.oligomeric_details   dimeric 
_pdbx_struct_assembly.oligomeric_count     2 
# 
_pdbx_struct_assembly_gen.assembly_id       1 
_pdbx_struct_assembly_gen.oper_expression   1 
_pdbx_struct_assembly_gen.asym_id_list      A,B,C,D,E,F,G,H,I,J,K,L,M,N,O,P,Q,R,S,T,U,V,W,X,Y,Z,AA,BA,CA,DA,EA,FA,GA,HA,IA 
# 
loop_
_pdbx_struct_assembly_prop.biol_id 
_pdbx_struct_assembly_prop.type 
_pdbx_struct_assembly_prop.value 
_pdbx_struct_assembly_prop.details 
1 'ABSA (A^2)' 3650 ? 
1 MORE         -21  ? 
1 'SSA (A^2)'  9890 ? 
# 
_pdbx_struct_oper_list.id                   1 
_pdbx_struct_oper_list.type                 'identity operation' 
_pdbx_struct_oper_list.name                 1_555 
_pdbx_struct_oper_list.symmetry_operation   x,y,z 
_pdbx_struct_oper_list.matrix[1][1]         1.0000000000 
_pdbx_struct_oper_list.matrix[1][2]         0.0000000000 
_pdbx_struct_oper_list.matrix[1][3]         0.0000000000 
_pdbx_struct_oper_list.vector[1]            0.0000000000 
_pdbx_struct_oper_list.matrix[2][1]         0.0000000000 
_pdbx_struct_oper_list.matrix[2][2]         1.0000000000 
_pdbx_struct_oper_list.matrix[2][3]         0.0000000000 
_pdbx_struct_oper_list.vector[2]            0.0000000000 
_pdbx_struct_oper_list.matrix[3][1]         0.0000000000 
_pdbx_struct_oper_list.matrix[3][2]         0.0000000000 
_pdbx_struct_oper_list.matrix[3][3]         1.0000000000 
_pdbx_struct_oper_list.vector[3]            0.0000000000 
# 
loop_
_pdbx_audit_revision_history.ordinal 
_pdbx_audit_revision_history.data_content_type 
_pdbx_audit_revision_history.major_revision 
_pdbx_audit_revision_history.minor_revision 
_pdbx_audit_revision_history.revision_date 
1 'Structure model' 1 0 2010-08-25 
2 'Structure model' 1 1 2011-07-13 
3 'Structure model' 1 2 2023-09-06 
# 
_pdbx_audit_revision_details.ordinal             1 
_pdbx_audit_revision_details.revision_ordinal    1 
_pdbx_audit_revision_details.data_content_type   'Structure model' 
_pdbx_audit_revision_details.provider            repository 
_pdbx_audit_revision_details.type                'Initial release' 
_pdbx_audit_revision_details.description         ? 
_pdbx_audit_revision_details.details             ? 
# 
loop_
_pdbx_audit_revision_group.ordinal 
_pdbx_audit_revision_group.revision_ordinal 
_pdbx_audit_revision_group.data_content_type 
_pdbx_audit_revision_group.group 
1 2 'Structure model' 'Version format compliance' 
2 3 'Structure model' 'Data collection'           
3 3 'Structure model' 'Database references'       
4 3 'Structure model' 'Derived calculations'      
5 3 'Structure model' 'Refinement description'    
# 
loop_
_pdbx_audit_revision_category.ordinal 
_pdbx_audit_revision_category.revision_ordinal 
_pdbx_audit_revision_category.data_content_type 
_pdbx_audit_revision_category.category 
1 3 'Structure model' chem_comp_atom                
2 3 'Structure model' chem_comp_bond                
3 3 'Structure model' database_2                    
4 3 'Structure model' pdbx_initial_refinement_model 
5 3 'Structure model' struct_ref_seq_dif            
6 3 'Structure model' struct_site                   
# 
loop_
_pdbx_audit_revision_item.ordinal 
_pdbx_audit_revision_item.revision_ordinal 
_pdbx_audit_revision_item.data_content_type 
_pdbx_audit_revision_item.item 
1 3 'Structure model' '_database_2.pdbx_DOI'                
2 3 'Structure model' '_database_2.pdbx_database_accession' 
3 3 'Structure model' '_struct_ref_seq_dif.details'         
4 3 'Structure model' '_struct_site.pdbx_auth_asym_id'      
5 3 'Structure model' '_struct_site.pdbx_auth_comp_id'      
6 3 'Structure model' '_struct_site.pdbx_auth_seq_id'       
# 
_pdbx_refine_tls.pdbx_refine_id   'X-RAY DIFFRACTION' 
_pdbx_refine_tls.id               1 
_pdbx_refine_tls.details          ? 
_pdbx_refine_tls.method           refined 
_pdbx_refine_tls.origin_x         -0.0357 
_pdbx_refine_tls.origin_y         0.1075 
_pdbx_refine_tls.origin_z         0.0029 
_pdbx_refine_tls.T[1][1]          -0.0777 
_pdbx_refine_tls.T[2][2]          -0.0951 
_pdbx_refine_tls.T[3][3]          -0.1112 
_pdbx_refine_tls.T[1][2]          -0.0178 
_pdbx_refine_tls.T[1][3]          -0.0233 
_pdbx_refine_tls.T[2][3]          -0.0047 
_pdbx_refine_tls.L[1][1]          1.6275 
_pdbx_refine_tls.L[2][2]          0.3822 
_pdbx_refine_tls.L[3][3]          1.2761 
_pdbx_refine_tls.L[1][2]          -0.1789 
_pdbx_refine_tls.L[1][3]          -1.2010 
_pdbx_refine_tls.L[2][3]          -0.0936 
_pdbx_refine_tls.S[1][1]          0.0182 
_pdbx_refine_tls.S[1][2]          0.0360 
_pdbx_refine_tls.S[1][3]          0.0033 
_pdbx_refine_tls.S[2][1]          -0.0290 
_pdbx_refine_tls.S[2][2]          -0.0080 
_pdbx_refine_tls.S[2][3]          0.0304 
_pdbx_refine_tls.S[3][1]          -0.0222 
_pdbx_refine_tls.S[3][2]          -0.0596 
_pdbx_refine_tls.S[3][3]          -0.0102 
# 
loop_
_pdbx_refine_tls_group.pdbx_refine_id 
_pdbx_refine_tls_group.id 
_pdbx_refine_tls_group.refine_tls_id 
_pdbx_refine_tls_group.beg_auth_asym_id 
_pdbx_refine_tls_group.beg_auth_seq_id 
_pdbx_refine_tls_group.beg_label_asym_id 
_pdbx_refine_tls_group.beg_label_seq_id 
_pdbx_refine_tls_group.end_auth_asym_id 
_pdbx_refine_tls_group.end_auth_seq_id 
_pdbx_refine_tls_group.end_label_asym_id 
_pdbx_refine_tls_group.end_label_seq_id 
_pdbx_refine_tls_group.selection 
_pdbx_refine_tls_group.selection_details 
'X-RAY DIFFRACTION' 1  1 X 1   ? ? X 45  ? ? ? ? 
'X-RAY DIFFRACTION' 2  1 X 46  ? ? X 55  ? ? ? ? 
'X-RAY DIFFRACTION' 3  1 X 56  ? ? X 77  ? ? ? ? 
'X-RAY DIFFRACTION' 4  1 X 78  ? ? X 84  ? ? ? ? 
'X-RAY DIFFRACTION' 5  1 X 85  ? ? X 99  ? ? ? ? 
'X-RAY DIFFRACTION' 6  1 X 101 ? ? X 145 ? ? ? ? 
'X-RAY DIFFRACTION' 7  1 X 146 ? ? X 155 ? ? ? ? 
'X-RAY DIFFRACTION' 8  1 X 156 ? ? X 177 ? ? ? ? 
'X-RAY DIFFRACTION' 9  1 X 178 ? ? X 184 ? ? ? ? 
'X-RAY DIFFRACTION' 10 1 X 185 ? ? X 199 ? ? ? ? 
# 
loop_
_software.name 
_software.classification 
_software.version 
_software.citation_id 
_software.pdbx_ordinal 
HKL-2000 'data collection' .        ? 1 
MOLREP   phasing           .        ? 2 
REFMAC   refinement        5.2.0019 ? 3 
HKL-2000 'data reduction'  .        ? 4 
HKL-2000 'data scaling'    .        ? 5 
# 
_pdbx_validate_close_contact.id               1 
_pdbx_validate_close_contact.PDB_model_num    1 
_pdbx_validate_close_contact.auth_atom_id_1   OE2 
_pdbx_validate_close_contact.auth_asym_id_1   B 
_pdbx_validate_close_contact.auth_comp_id_1   GLU 
_pdbx_validate_close_contact.auth_seq_id_1    135 
_pdbx_validate_close_contact.PDB_ins_code_1   ? 
_pdbx_validate_close_contact.label_alt_id_1   ? 
_pdbx_validate_close_contact.auth_atom_id_2   O 
_pdbx_validate_close_contact.auth_asym_id_2   B 
_pdbx_validate_close_contact.auth_comp_id_2   HOH 
_pdbx_validate_close_contact.auth_seq_id_2    1009 
_pdbx_validate_close_contact.PDB_ins_code_2   ? 
_pdbx_validate_close_contact.label_alt_id_2   ? 
_pdbx_validate_close_contact.dist             1.77 
# 
loop_
_chem_comp_atom.comp_id 
_chem_comp_atom.atom_id 
_chem_comp_atom.type_symbol 
_chem_comp_atom.pdbx_aromatic_flag 
_chem_comp_atom.pdbx_stereo_config 
_chem_comp_atom.pdbx_ordinal 
478 C1   C N N 1   
478 C2   C N N 2   
478 C3   C N N 3   
478 C4   C N S 4   
478 C5   C N S 5   
478 C6   C N R 6   
478 C7   C N N 7   
478 C8   C Y N 8   
478 C9   C Y N 9   
478 C10  C Y N 10  
478 C11  C Y N 11  
478 C12  C Y N 12  
478 C13  C Y N 13  
478 C14  C N N 14  
478 C15  C N N 15  
478 C16  C N N 16  
478 C17  C Y N 17  
478 C18  C Y N 18  
478 C19  C Y N 19  
478 C20  C Y N 20  
478 C21  C Y N 21  
478 C22  C Y N 22  
478 C23  C N N 23  
478 C24  C N N 24  
478 C25  C N N 25  
478 N1   N N N 26  
478 N2   N N N 27  
478 N3   N N N 28  
478 O1   O N N 29  
478 O2   O N N 30  
478 O3   O N N 31  
478 O4   O N N 32  
478 O5   O N N 33  
478 O6   O N N 34  
478 S1   S N N 35  
478 H11A H N N 36  
478 H12A H N N 37  
478 H21A H N N 38  
478 H22A H N N 39  
478 H4   H N N 40  
478 H5   H N N 41  
478 H6   H N N 42  
478 H71  H N N 43  
478 H72  H N N 44  
478 H9   H N N 45  
478 H10  H N N 46  
478 H11  H N N 47  
478 H12  H N N 48  
478 H13  H N N 49  
478 H141 H N N 50  
478 H142 H N N 51  
478 H151 H N N 52  
478 H152 H N N 53  
478 H16  H N N 54  
478 H18  H N N 55  
478 H19  H N N 56  
478 H21  H N N 57  
478 H22  H N N 58  
478 H231 H N N 59  
478 H232 H N N 60  
478 H233 H N N 61  
478 H241 H N N 62  
478 H242 H N N 63  
478 H243 H N N 64  
478 H251 H N N 65  
478 H252 H N N 66  
478 HN1  H N N 67  
478 HN31 H N N 68  
478 HN32 H N N 69  
478 HO3  H N N 70  
ALA N    N N N 71  
ALA CA   C N S 72  
ALA C    C N N 73  
ALA O    O N N 74  
ALA CB   C N N 75  
ALA OXT  O N N 76  
ALA H    H N N 77  
ALA H2   H N N 78  
ALA HA   H N N 79  
ALA HB1  H N N 80  
ALA HB2  H N N 81  
ALA HB3  H N N 82  
ALA HXT  H N N 83  
ARG N    N N N 84  
ARG CA   C N S 85  
ARG C    C N N 86  
ARG O    O N N 87  
ARG CB   C N N 88  
ARG CG   C N N 89  
ARG CD   C N N 90  
ARG NE   N N N 91  
ARG CZ   C N N 92  
ARG NH1  N N N 93  
ARG NH2  N N N 94  
ARG OXT  O N N 95  
ARG H    H N N 96  
ARG H2   H N N 97  
ARG HA   H N N 98  
ARG HB2  H N N 99  
ARG HB3  H N N 100 
ARG HG2  H N N 101 
ARG HG3  H N N 102 
ARG HD2  H N N 103 
ARG HD3  H N N 104 
ARG HE   H N N 105 
ARG HH11 H N N 106 
ARG HH12 H N N 107 
ARG HH21 H N N 108 
ARG HH22 H N N 109 
ARG HXT  H N N 110 
ASN N    N N N 111 
ASN CA   C N S 112 
ASN C    C N N 113 
ASN O    O N N 114 
ASN CB   C N N 115 
ASN CG   C N N 116 
ASN OD1  O N N 117 
ASN ND2  N N N 118 
ASN OXT  O N N 119 
ASN H    H N N 120 
ASN H2   H N N 121 
ASN HA   H N N 122 
ASN HB2  H N N 123 
ASN HB3  H N N 124 
ASN HD21 H N N 125 
ASN HD22 H N N 126 
ASN HXT  H N N 127 
ASP N    N N N 128 
ASP CA   C N S 129 
ASP C    C N N 130 
ASP O    O N N 131 
ASP CB   C N N 132 
ASP CG   C N N 133 
ASP OD1  O N N 134 
ASP OD2  O N N 135 
ASP OXT  O N N 136 
ASP H    H N N 137 
ASP H2   H N N 138 
ASP HA   H N N 139 
ASP HB2  H N N 140 
ASP HB3  H N N 141 
ASP HD2  H N N 142 
ASP HXT  H N N 143 
CYS N    N N N 144 
CYS CA   C N R 145 
CYS C    C N N 146 
CYS O    O N N 147 
CYS CB   C N N 148 
CYS SG   S N N 149 
CYS OXT  O N N 150 
CYS H    H N N 151 
CYS H2   H N N 152 
CYS HA   H N N 153 
CYS HB2  H N N 154 
CYS HB3  H N N 155 
CYS HG   H N N 156 
CYS HXT  H N N 157 
GLN N    N N N 158 
GLN CA   C N S 159 
GLN C    C N N 160 
GLN O    O N N 161 
GLN CB   C N N 162 
GLN CG   C N N 163 
GLN CD   C N N 164 
GLN OE1  O N N 165 
GLN NE2  N N N 166 
GLN OXT  O N N 167 
GLN H    H N N 168 
GLN H2   H N N 169 
GLN HA   H N N 170 
GLN HB2  H N N 171 
GLN HB3  H N N 172 
GLN HG2  H N N 173 
GLN HG3  H N N 174 
GLN HE21 H N N 175 
GLN HE22 H N N 176 
GLN HXT  H N N 177 
GLU N    N N N 178 
GLU CA   C N S 179 
GLU C    C N N 180 
GLU O    O N N 181 
GLU CB   C N N 182 
GLU CG   C N N 183 
GLU CD   C N N 184 
GLU OE1  O N N 185 
GLU OE2  O N N 186 
GLU OXT  O N N 187 
GLU H    H N N 188 
GLU H2   H N N 189 
GLU HA   H N N 190 
GLU HB2  H N N 191 
GLU HB3  H N N 192 
GLU HG2  H N N 193 
GLU HG3  H N N 194 
GLU HE2  H N N 195 
GLU HXT  H N N 196 
GLY N    N N N 197 
GLY CA   C N N 198 
GLY C    C N N 199 
GLY O    O N N 200 
GLY OXT  O N N 201 
GLY H    H N N 202 
GLY H2   H N N 203 
GLY HA2  H N N 204 
GLY HA3  H N N 205 
GLY HXT  H N N 206 
HIS N    N N N 207 
HIS CA   C N S 208 
HIS C    C N N 209 
HIS O    O N N 210 
HIS CB   C N N 211 
HIS CG   C Y N 212 
HIS ND1  N Y N 213 
HIS CD2  C Y N 214 
HIS CE1  C Y N 215 
HIS NE2  N Y N 216 
HIS OXT  O N N 217 
HIS H    H N N 218 
HIS H2   H N N 219 
HIS HA   H N N 220 
HIS HB2  H N N 221 
HIS HB3  H N N 222 
HIS HD1  H N N 223 
HIS HD2  H N N 224 
HIS HE1  H N N 225 
HIS HE2  H N N 226 
HIS HXT  H N N 227 
HOH O    O N N 228 
HOH H1   H N N 229 
HOH H2   H N N 230 
ILE N    N N N 231 
ILE CA   C N S 232 
ILE C    C N N 233 
ILE O    O N N 234 
ILE CB   C N S 235 
ILE CG1  C N N 236 
ILE CG2  C N N 237 
ILE CD1  C N N 238 
ILE OXT  O N N 239 
ILE H    H N N 240 
ILE H2   H N N 241 
ILE HA   H N N 242 
ILE HB   H N N 243 
ILE HG12 H N N 244 
ILE HG13 H N N 245 
ILE HG21 H N N 246 
ILE HG22 H N N 247 
ILE HG23 H N N 248 
ILE HD11 H N N 249 
ILE HD12 H N N 250 
ILE HD13 H N N 251 
ILE HXT  H N N 252 
IOD I    I N N 253 
LEU N    N N N 254 
LEU CA   C N S 255 
LEU C    C N N 256 
LEU O    O N N 257 
LEU CB   C N N 258 
LEU CG   C N N 259 
LEU CD1  C N N 260 
LEU CD2  C N N 261 
LEU OXT  O N N 262 
LEU H    H N N 263 
LEU H2   H N N 264 
LEU HA   H N N 265 
LEU HB2  H N N 266 
LEU HB3  H N N 267 
LEU HG   H N N 268 
LEU HD11 H N N 269 
LEU HD12 H N N 270 
LEU HD13 H N N 271 
LEU HD21 H N N 272 
LEU HD22 H N N 273 
LEU HD23 H N N 274 
LEU HXT  H N N 275 
LYS N    N N N 276 
LYS CA   C N S 277 
LYS C    C N N 278 
LYS O    O N N 279 
LYS CB   C N N 280 
LYS CG   C N N 281 
LYS CD   C N N 282 
LYS CE   C N N 283 
LYS NZ   N N N 284 
LYS OXT  O N N 285 
LYS H    H N N 286 
LYS H2   H N N 287 
LYS HA   H N N 288 
LYS HB2  H N N 289 
LYS HB3  H N N 290 
LYS HG2  H N N 291 
LYS HG3  H N N 292 
LYS HD2  H N N 293 
LYS HD3  H N N 294 
LYS HE2  H N N 295 
LYS HE3  H N N 296 
LYS HZ1  H N N 297 
LYS HZ2  H N N 298 
LYS HZ3  H N N 299 
LYS HXT  H N N 300 
MET N    N N N 301 
MET CA   C N S 302 
MET C    C N N 303 
MET O    O N N 304 
MET CB   C N N 305 
MET CG   C N N 306 
MET SD   S N N 307 
MET CE   C N N 308 
MET OXT  O N N 309 
MET H    H N N 310 
MET H2   H N N 311 
MET HA   H N N 312 
MET HB2  H N N 313 
MET HB3  H N N 314 
MET HG2  H N N 315 
MET HG3  H N N 316 
MET HE1  H N N 317 
MET HE2  H N N 318 
MET HE3  H N N 319 
MET HXT  H N N 320 
PHE N    N N N 321 
PHE CA   C N S 322 
PHE C    C N N 323 
PHE O    O N N 324 
PHE CB   C N N 325 
PHE CG   C Y N 326 
PHE CD1  C Y N 327 
PHE CD2  C Y N 328 
PHE CE1  C Y N 329 
PHE CE2  C Y N 330 
PHE CZ   C Y N 331 
PHE OXT  O N N 332 
PHE H    H N N 333 
PHE H2   H N N 334 
PHE HA   H N N 335 
PHE HB2  H N N 336 
PHE HB3  H N N 337 
PHE HD1  H N N 338 
PHE HD2  H N N 339 
PHE HE1  H N N 340 
PHE HE2  H N N 341 
PHE HZ   H N N 342 
PHE HXT  H N N 343 
PRO N    N N N 344 
PRO CA   C N S 345 
PRO C    C N N 346 
PRO O    O N N 347 
PRO CB   C N N 348 
PRO CG   C N N 349 
PRO CD   C N N 350 
PRO OXT  O N N 351 
PRO H    H N N 352 
PRO HA   H N N 353 
PRO HB2  H N N 354 
PRO HB3  H N N 355 
PRO HG2  H N N 356 
PRO HG3  H N N 357 
PRO HD2  H N N 358 
PRO HD3  H N N 359 
PRO HXT  H N N 360 
SER N    N N N 361 
SER CA   C N S 362 
SER C    C N N 363 
SER O    O N N 364 
SER CB   C N N 365 
SER OG   O N N 366 
SER OXT  O N N 367 
SER H    H N N 368 
SER H2   H N N 369 
SER HA   H N N 370 
SER HB2  H N N 371 
SER HB3  H N N 372 
SER HG   H N N 373 
SER HXT  H N N 374 
THR N    N N N 375 
THR CA   C N S 376 
THR C    C N N 377 
THR O    O N N 378 
THR CB   C N R 379 
THR OG1  O N N 380 
THR CG2  C N N 381 
THR OXT  O N N 382 
THR H    H N N 383 
THR H2   H N N 384 
THR HA   H N N 385 
THR HB   H N N 386 
THR HG1  H N N 387 
THR HG21 H N N 388 
THR HG22 H N N 389 
THR HG23 H N N 390 
THR HXT  H N N 391 
TRP N    N N N 392 
TRP CA   C N S 393 
TRP C    C N N 394 
TRP O    O N N 395 
TRP CB   C N N 396 
TRP CG   C Y N 397 
TRP CD1  C Y N 398 
TRP CD2  C Y N 399 
TRP NE1  N Y N 400 
TRP CE2  C Y N 401 
TRP CE3  C Y N 402 
TRP CZ2  C Y N 403 
TRP CZ3  C Y N 404 
TRP CH2  C Y N 405 
TRP OXT  O N N 406 
TRP H    H N N 407 
TRP H2   H N N 408 
TRP HA   H N N 409 
TRP HB2  H N N 410 
TRP HB3  H N N 411 
TRP HD1  H N N 412 
TRP HE1  H N N 413 
TRP HE3  H N N 414 
TRP HZ2  H N N 415 
TRP HZ3  H N N 416 
TRP HH2  H N N 417 
TRP HXT  H N N 418 
TYR N    N N N 419 
TYR CA   C N S 420 
TYR C    C N N 421 
TYR O    O N N 422 
TYR CB   C N N 423 
TYR CG   C Y N 424 
TYR CD1  C Y N 425 
TYR CD2  C Y N 426 
TYR CE1  C Y N 427 
TYR CE2  C Y N 428 
TYR CZ   C Y N 429 
TYR OH   O N N 430 
TYR OXT  O N N 431 
TYR H    H N N 432 
TYR H2   H N N 433 
TYR HA   H N N 434 
TYR HB2  H N N 435 
TYR HB3  H N N 436 
TYR HD1  H N N 437 
TYR HD2  H N N 438 
TYR HE1  H N N 439 
TYR HE2  H N N 440 
TYR HH   H N N 441 
TYR HXT  H N N 442 
VAL N    N N N 443 
VAL CA   C N S 444 
VAL C    C N N 445 
VAL O    O N N 446 
VAL CB   C N N 447 
VAL CG1  C N N 448 
VAL CG2  C N N 449 
VAL OXT  O N N 450 
VAL H    H N N 451 
VAL H2   H N N 452 
VAL HA   H N N 453 
VAL HB   H N N 454 
VAL HG11 H N N 455 
VAL HG12 H N N 456 
VAL HG13 H N N 457 
VAL HG21 H N N 458 
VAL HG22 H N N 459 
VAL HG23 H N N 460 
VAL HXT  H N N 461 
# 
loop_
_chem_comp_bond.comp_id 
_chem_comp_bond.atom_id_1 
_chem_comp_bond.atom_id_2 
_chem_comp_bond.value_order 
_chem_comp_bond.pdbx_aromatic_flag 
_chem_comp_bond.pdbx_stereo_config 
_chem_comp_bond.pdbx_ordinal 
478 C1  C4   sing N N 1   
478 C1  O6   sing N N 2   
478 C1  H11A sing N N 3   
478 C1  H12A sing N N 4   
478 C2  C4   sing N N 5   
478 C2  C25  sing N N 6   
478 C2  H21A sing N N 7   
478 C2  H22A sing N N 8   
478 C3  N1   sing N N 9   
478 C3  O1   sing N N 10  
478 C3  O2   doub N N 11  
478 C4  O1   sing N N 12  
478 C4  H4   sing N N 13  
478 C5  C6   sing N N 14  
478 C5  C7   sing N N 15  
478 C5  N1   sing N N 16  
478 C5  H5   sing N N 17  
478 C6  C14  sing N N 18  
478 C6  O3   sing N N 19  
478 C6  H6   sing N N 20  
478 C7  C8   sing N N 21  
478 C7  H71  sing N N 22  
478 C7  H72  sing N N 23  
478 C8  C9   doub Y N 24  
478 C8  C10  sing Y N 25  
478 C9  C11  sing Y N 26  
478 C9  H9   sing N N 27  
478 C10 C12  doub Y N 28  
478 C10 H10  sing N N 29  
478 C11 C13  doub Y N 30  
478 C11 H11  sing N N 31  
478 C12 C13  sing Y N 32  
478 C12 H12  sing N N 33  
478 C13 H13  sing N N 34  
478 C14 N2   sing N N 35  
478 C14 H141 sing N N 36  
478 C14 H142 sing N N 37  
478 C15 C16  sing N N 38  
478 C15 N2   sing N N 39  
478 C15 H151 sing N N 40  
478 C15 H152 sing N N 41  
478 C16 C23  sing N N 42  
478 C16 C24  sing N N 43  
478 C16 H16  sing N N 44  
478 C17 C18  doub Y N 45  
478 C17 C22  sing Y N 46  
478 C17 S1   sing N N 47  
478 C18 C19  sing Y N 48  
478 C18 H18  sing N N 49  
478 C19 C20  doub Y N 50  
478 C19 H19  sing N N 51  
478 C20 C21  sing Y N 52  
478 C20 N3   sing N N 53  
478 C21 C22  doub Y N 54  
478 C21 H21  sing N N 55  
478 C22 H22  sing N N 56  
478 C23 H231 sing N N 57  
478 C23 H232 sing N N 58  
478 C23 H233 sing N N 59  
478 C24 H241 sing N N 60  
478 C24 H242 sing N N 61  
478 C24 H243 sing N N 62  
478 C25 O6   sing N N 63  
478 C25 H251 sing N N 64  
478 C25 H252 sing N N 65  
478 N1  HN1  sing N N 66  
478 N2  S1   sing N N 67  
478 N3  HN31 sing N N 68  
478 N3  HN32 sing N N 69  
478 O3  HO3  sing N N 70  
478 O4  S1   doub N N 71  
478 O5  S1   doub N N 72  
ALA N   CA   sing N N 73  
ALA N   H    sing N N 74  
ALA N   H2   sing N N 75  
ALA CA  C    sing N N 76  
ALA CA  CB   sing N N 77  
ALA CA  HA   sing N N 78  
ALA C   O    doub N N 79  
ALA C   OXT  sing N N 80  
ALA CB  HB1  sing N N 81  
ALA CB  HB2  sing N N 82  
ALA CB  HB3  sing N N 83  
ALA OXT HXT  sing N N 84  
ARG N   CA   sing N N 85  
ARG N   H    sing N N 86  
ARG N   H2   sing N N 87  
ARG CA  C    sing N N 88  
ARG CA  CB   sing N N 89  
ARG CA  HA   sing N N 90  
ARG C   O    doub N N 91  
ARG C   OXT  sing N N 92  
ARG CB  CG   sing N N 93  
ARG CB  HB2  sing N N 94  
ARG CB  HB3  sing N N 95  
ARG CG  CD   sing N N 96  
ARG CG  HG2  sing N N 97  
ARG CG  HG3  sing N N 98  
ARG CD  NE   sing N N 99  
ARG CD  HD2  sing N N 100 
ARG CD  HD3  sing N N 101 
ARG NE  CZ   sing N N 102 
ARG NE  HE   sing N N 103 
ARG CZ  NH1  sing N N 104 
ARG CZ  NH2  doub N N 105 
ARG NH1 HH11 sing N N 106 
ARG NH1 HH12 sing N N 107 
ARG NH2 HH21 sing N N 108 
ARG NH2 HH22 sing N N 109 
ARG OXT HXT  sing N N 110 
ASN N   CA   sing N N 111 
ASN N   H    sing N N 112 
ASN N   H2   sing N N 113 
ASN CA  C    sing N N 114 
ASN CA  CB   sing N N 115 
ASN CA  HA   sing N N 116 
ASN C   O    doub N N 117 
ASN C   OXT  sing N N 118 
ASN CB  CG   sing N N 119 
ASN CB  HB2  sing N N 120 
ASN CB  HB3  sing N N 121 
ASN CG  OD1  doub N N 122 
ASN CG  ND2  sing N N 123 
ASN ND2 HD21 sing N N 124 
ASN ND2 HD22 sing N N 125 
ASN OXT HXT  sing N N 126 
ASP N   CA   sing N N 127 
ASP N   H    sing N N 128 
ASP N   H2   sing N N 129 
ASP CA  C    sing N N 130 
ASP CA  CB   sing N N 131 
ASP CA  HA   sing N N 132 
ASP C   O    doub N N 133 
ASP C   OXT  sing N N 134 
ASP CB  CG   sing N N 135 
ASP CB  HB2  sing N N 136 
ASP CB  HB3  sing N N 137 
ASP CG  OD1  doub N N 138 
ASP CG  OD2  sing N N 139 
ASP OD2 HD2  sing N N 140 
ASP OXT HXT  sing N N 141 
CYS N   CA   sing N N 142 
CYS N   H    sing N N 143 
CYS N   H2   sing N N 144 
CYS CA  C    sing N N 145 
CYS CA  CB   sing N N 146 
CYS CA  HA   sing N N 147 
CYS C   O    doub N N 148 
CYS C   OXT  sing N N 149 
CYS CB  SG   sing N N 150 
CYS CB  HB2  sing N N 151 
CYS CB  HB3  sing N N 152 
CYS SG  HG   sing N N 153 
CYS OXT HXT  sing N N 154 
GLN N   CA   sing N N 155 
GLN N   H    sing N N 156 
GLN N   H2   sing N N 157 
GLN CA  C    sing N N 158 
GLN CA  CB   sing N N 159 
GLN CA  HA   sing N N 160 
GLN C   O    doub N N 161 
GLN C   OXT  sing N N 162 
GLN CB  CG   sing N N 163 
GLN CB  HB2  sing N N 164 
GLN CB  HB3  sing N N 165 
GLN CG  CD   sing N N 166 
GLN CG  HG2  sing N N 167 
GLN CG  HG3  sing N N 168 
GLN CD  OE1  doub N N 169 
GLN CD  NE2  sing N N 170 
GLN NE2 HE21 sing N N 171 
GLN NE2 HE22 sing N N 172 
GLN OXT HXT  sing N N 173 
GLU N   CA   sing N N 174 
GLU N   H    sing N N 175 
GLU N   H2   sing N N 176 
GLU CA  C    sing N N 177 
GLU CA  CB   sing N N 178 
GLU CA  HA   sing N N 179 
GLU C   O    doub N N 180 
GLU C   OXT  sing N N 181 
GLU CB  CG   sing N N 182 
GLU CB  HB2  sing N N 183 
GLU CB  HB3  sing N N 184 
GLU CG  CD   sing N N 185 
GLU CG  HG2  sing N N 186 
GLU CG  HG3  sing N N 187 
GLU CD  OE1  doub N N 188 
GLU CD  OE2  sing N N 189 
GLU OE2 HE2  sing N N 190 
GLU OXT HXT  sing N N 191 
GLY N   CA   sing N N 192 
GLY N   H    sing N N 193 
GLY N   H2   sing N N 194 
GLY CA  C    sing N N 195 
GLY CA  HA2  sing N N 196 
GLY CA  HA3  sing N N 197 
GLY C   O    doub N N 198 
GLY C   OXT  sing N N 199 
GLY OXT HXT  sing N N 200 
HIS N   CA   sing N N 201 
HIS N   H    sing N N 202 
HIS N   H2   sing N N 203 
HIS CA  C    sing N N 204 
HIS CA  CB   sing N N 205 
HIS CA  HA   sing N N 206 
HIS C   O    doub N N 207 
HIS C   OXT  sing N N 208 
HIS CB  CG   sing N N 209 
HIS CB  HB2  sing N N 210 
HIS CB  HB3  sing N N 211 
HIS CG  ND1  sing Y N 212 
HIS CG  CD2  doub Y N 213 
HIS ND1 CE1  doub Y N 214 
HIS ND1 HD1  sing N N 215 
HIS CD2 NE2  sing Y N 216 
HIS CD2 HD2  sing N N 217 
HIS CE1 NE2  sing Y N 218 
HIS CE1 HE1  sing N N 219 
HIS NE2 HE2  sing N N 220 
HIS OXT HXT  sing N N 221 
HOH O   H1   sing N N 222 
HOH O   H2   sing N N 223 
ILE N   CA   sing N N 224 
ILE N   H    sing N N 225 
ILE N   H2   sing N N 226 
ILE CA  C    sing N N 227 
ILE CA  CB   sing N N 228 
ILE CA  HA   sing N N 229 
ILE C   O    doub N N 230 
ILE C   OXT  sing N N 231 
ILE CB  CG1  sing N N 232 
ILE CB  CG2  sing N N 233 
ILE CB  HB   sing N N 234 
ILE CG1 CD1  sing N N 235 
ILE CG1 HG12 sing N N 236 
ILE CG1 HG13 sing N N 237 
ILE CG2 HG21 sing N N 238 
ILE CG2 HG22 sing N N 239 
ILE CG2 HG23 sing N N 240 
ILE CD1 HD11 sing N N 241 
ILE CD1 HD12 sing N N 242 
ILE CD1 HD13 sing N N 243 
ILE OXT HXT  sing N N 244 
LEU N   CA   sing N N 245 
LEU N   H    sing N N 246 
LEU N   H2   sing N N 247 
LEU CA  C    sing N N 248 
LEU CA  CB   sing N N 249 
LEU CA  HA   sing N N 250 
LEU C   O    doub N N 251 
LEU C   OXT  sing N N 252 
LEU CB  CG   sing N N 253 
LEU CB  HB2  sing N N 254 
LEU CB  HB3  sing N N 255 
LEU CG  CD1  sing N N 256 
LEU CG  CD2  sing N N 257 
LEU CG  HG   sing N N 258 
LEU CD1 HD11 sing N N 259 
LEU CD1 HD12 sing N N 260 
LEU CD1 HD13 sing N N 261 
LEU CD2 HD21 sing N N 262 
LEU CD2 HD22 sing N N 263 
LEU CD2 HD23 sing N N 264 
LEU OXT HXT  sing N N 265 
LYS N   CA   sing N N 266 
LYS N   H    sing N N 267 
LYS N   H2   sing N N 268 
LYS CA  C    sing N N 269 
LYS CA  CB   sing N N 270 
LYS CA  HA   sing N N 271 
LYS C   O    doub N N 272 
LYS C   OXT  sing N N 273 
LYS CB  CG   sing N N 274 
LYS CB  HB2  sing N N 275 
LYS CB  HB3  sing N N 276 
LYS CG  CD   sing N N 277 
LYS CG  HG2  sing N N 278 
LYS CG  HG3  sing N N 279 
LYS CD  CE   sing N N 280 
LYS CD  HD2  sing N N 281 
LYS CD  HD3  sing N N 282 
LYS CE  NZ   sing N N 283 
LYS CE  HE2  sing N N 284 
LYS CE  HE3  sing N N 285 
LYS NZ  HZ1  sing N N 286 
LYS NZ  HZ2  sing N N 287 
LYS NZ  HZ3  sing N N 288 
LYS OXT HXT  sing N N 289 
MET N   CA   sing N N 290 
MET N   H    sing N N 291 
MET N   H2   sing N N 292 
MET CA  C    sing N N 293 
MET CA  CB   sing N N 294 
MET CA  HA   sing N N 295 
MET C   O    doub N N 296 
MET C   OXT  sing N N 297 
MET CB  CG   sing N N 298 
MET CB  HB2  sing N N 299 
MET CB  HB3  sing N N 300 
MET CG  SD   sing N N 301 
MET CG  HG2  sing N N 302 
MET CG  HG3  sing N N 303 
MET SD  CE   sing N N 304 
MET CE  HE1  sing N N 305 
MET CE  HE2  sing N N 306 
MET CE  HE3  sing N N 307 
MET OXT HXT  sing N N 308 
PHE N   CA   sing N N 309 
PHE N   H    sing N N 310 
PHE N   H2   sing N N 311 
PHE CA  C    sing N N 312 
PHE CA  CB   sing N N 313 
PHE CA  HA   sing N N 314 
PHE C   O    doub N N 315 
PHE C   OXT  sing N N 316 
PHE CB  CG   sing N N 317 
PHE CB  HB2  sing N N 318 
PHE CB  HB3  sing N N 319 
PHE CG  CD1  doub Y N 320 
PHE CG  CD2  sing Y N 321 
PHE CD1 CE1  sing Y N 322 
PHE CD1 HD1  sing N N 323 
PHE CD2 CE2  doub Y N 324 
PHE CD2 HD2  sing N N 325 
PHE CE1 CZ   doub Y N 326 
PHE CE1 HE1  sing N N 327 
PHE CE2 CZ   sing Y N 328 
PHE CE2 HE2  sing N N 329 
PHE CZ  HZ   sing N N 330 
PHE OXT HXT  sing N N 331 
PRO N   CA   sing N N 332 
PRO N   CD   sing N N 333 
PRO N   H    sing N N 334 
PRO CA  C    sing N N 335 
PRO CA  CB   sing N N 336 
PRO CA  HA   sing N N 337 
PRO C   O    doub N N 338 
PRO C   OXT  sing N N 339 
PRO CB  CG   sing N N 340 
PRO CB  HB2  sing N N 341 
PRO CB  HB3  sing N N 342 
PRO CG  CD   sing N N 343 
PRO CG  HG2  sing N N 344 
PRO CG  HG3  sing N N 345 
PRO CD  HD2  sing N N 346 
PRO CD  HD3  sing N N 347 
PRO OXT HXT  sing N N 348 
SER N   CA   sing N N 349 
SER N   H    sing N N 350 
SER N   H2   sing N N 351 
SER CA  C    sing N N 352 
SER CA  CB   sing N N 353 
SER CA  HA   sing N N 354 
SER C   O    doub N N 355 
SER C   OXT  sing N N 356 
SER CB  OG   sing N N 357 
SER CB  HB2  sing N N 358 
SER CB  HB3  sing N N 359 
SER OG  HG   sing N N 360 
SER OXT HXT  sing N N 361 
THR N   CA   sing N N 362 
THR N   H    sing N N 363 
THR N   H2   sing N N 364 
THR CA  C    sing N N 365 
THR CA  CB   sing N N 366 
THR CA  HA   sing N N 367 
THR C   O    doub N N 368 
THR C   OXT  sing N N 369 
THR CB  OG1  sing N N 370 
THR CB  CG2  sing N N 371 
THR CB  HB   sing N N 372 
THR OG1 HG1  sing N N 373 
THR CG2 HG21 sing N N 374 
THR CG2 HG22 sing N N 375 
THR CG2 HG23 sing N N 376 
THR OXT HXT  sing N N 377 
TRP N   CA   sing N N 378 
TRP N   H    sing N N 379 
TRP N   H2   sing N N 380 
TRP CA  C    sing N N 381 
TRP CA  CB   sing N N 382 
TRP CA  HA   sing N N 383 
TRP C   O    doub N N 384 
TRP C   OXT  sing N N 385 
TRP CB  CG   sing N N 386 
TRP CB  HB2  sing N N 387 
TRP CB  HB3  sing N N 388 
TRP CG  CD1  doub Y N 389 
TRP CG  CD2  sing Y N 390 
TRP CD1 NE1  sing Y N 391 
TRP CD1 HD1  sing N N 392 
TRP CD2 CE2  doub Y N 393 
TRP CD2 CE3  sing Y N 394 
TRP NE1 CE2  sing Y N 395 
TRP NE1 HE1  sing N N 396 
TRP CE2 CZ2  sing Y N 397 
TRP CE3 CZ3  doub Y N 398 
TRP CE3 HE3  sing N N 399 
TRP CZ2 CH2  doub Y N 400 
TRP CZ2 HZ2  sing N N 401 
TRP CZ3 CH2  sing Y N 402 
TRP CZ3 HZ3  sing N N 403 
TRP CH2 HH2  sing N N 404 
TRP OXT HXT  sing N N 405 
TYR N   CA   sing N N 406 
TYR N   H    sing N N 407 
TYR N   H2   sing N N 408 
TYR CA  C    sing N N 409 
TYR CA  CB   sing N N 410 
TYR CA  HA   sing N N 411 
TYR C   O    doub N N 412 
TYR C   OXT  sing N N 413 
TYR CB  CG   sing N N 414 
TYR CB  HB2  sing N N 415 
TYR CB  HB3  sing N N 416 
TYR CG  CD1  doub Y N 417 
TYR CG  CD2  sing Y N 418 
TYR CD1 CE1  sing Y N 419 
TYR CD1 HD1  sing N N 420 
TYR CD2 CE2  doub Y N 421 
TYR CD2 HD2  sing N N 422 
TYR CE1 CZ   doub Y N 423 
TYR CE1 HE1  sing N N 424 
TYR CE2 CZ   sing Y N 425 
TYR CE2 HE2  sing N N 426 
TYR CZ  OH   sing N N 427 
TYR OH  HH   sing N N 428 
TYR OXT HXT  sing N N 429 
VAL N   CA   sing N N 430 
VAL N   H    sing N N 431 
VAL N   H2   sing N N 432 
VAL CA  C    sing N N 433 
VAL CA  CB   sing N N 434 
VAL CA  HA   sing N N 435 
VAL C   O    doub N N 436 
VAL C   OXT  sing N N 437 
VAL CB  CG1  sing N N 438 
VAL CB  CG2  sing N N 439 
VAL CB  HB   sing N N 440 
VAL CG1 HG11 sing N N 441 
VAL CG1 HG12 sing N N 442 
VAL CG1 HG13 sing N N 443 
VAL CG2 HG21 sing N N 444 
VAL CG2 HG22 sing N N 445 
VAL CG2 HG23 sing N N 446 
VAL OXT HXT  sing N N 447 
# 
loop_
_pdbx_entity_nonpoly.entity_id 
_pdbx_entity_nonpoly.name 
_pdbx_entity_nonpoly.comp_id 
2 '{3-[(4-AMINO-BENZENESULFONYL)-ISOBUTYL-AMINO]-1-BENZYL-2-HYDROXY-PROPYL}-CARBAMIC ACID TETRAHYDRO-FURAN-3-YL ESTER' 478 
3 'IODIDE ION'                                                                                                         IOD 
4 water                                                                                                                HOH 
# 
_pdbx_initial_refinement_model.id               1 
_pdbx_initial_refinement_model.entity_id_list   ? 
_pdbx_initial_refinement_model.type             'experimental model' 
_pdbx_initial_refinement_model.source_name      PDB 
_pdbx_initial_refinement_model.accession_code   2F8G 
_pdbx_initial_refinement_model.details          ? 
# 
